data_1RX5
# 
_entry.id   1RX5 
# 
_audit_conform.dict_name       mmcif_pdbx.dic 
_audit_conform.dict_version    5.389 
_audit_conform.dict_location   http://mmcif.pdb.org/dictionaries/ascii/mmcif_pdbx.dic 
# 
loop_
_database_2.database_id 
_database_2.database_code 
_database_2.pdbx_database_accession 
_database_2.pdbx_DOI 
PDB   1RX5         pdb_00001rx5 10.2210/pdb1rx5/pdb 
WWPDB D_1000176258 ?            ?                   
# 
loop_
_pdbx_audit_revision_history.ordinal 
_pdbx_audit_revision_history.data_content_type 
_pdbx_audit_revision_history.major_revision 
_pdbx_audit_revision_history.minor_revision 
_pdbx_audit_revision_history.revision_date 
1 'Structure model' 1 0 1997-01-11 
2 'Structure model' 1 1 2008-03-24 
3 'Structure model' 1 2 2011-07-13 
4 'Structure model' 1 3 2024-02-14 
5 'Structure model' 1 4 2024-04-03 
# 
_pdbx_audit_revision_details.ordinal             1 
_pdbx_audit_revision_details.revision_ordinal    1 
_pdbx_audit_revision_details.data_content_type   'Structure model' 
_pdbx_audit_revision_details.provider            repository 
_pdbx_audit_revision_details.type                'Initial release' 
_pdbx_audit_revision_details.description         ? 
_pdbx_audit_revision_details.details             ? 
# 
loop_
_pdbx_audit_revision_group.ordinal 
_pdbx_audit_revision_group.revision_ordinal 
_pdbx_audit_revision_group.data_content_type 
_pdbx_audit_revision_group.group 
1 2 'Structure model' 'Version format compliance' 
2 3 'Structure model' 'Version format compliance' 
3 4 'Structure model' 'Data collection'           
4 4 'Structure model' 'Database references'       
5 4 'Structure model' 'Derived calculations'      
6 5 'Structure model' 'Refinement description'    
# 
loop_
_pdbx_audit_revision_category.ordinal 
_pdbx_audit_revision_category.revision_ordinal 
_pdbx_audit_revision_category.data_content_type 
_pdbx_audit_revision_category.category 
1 4 'Structure model' chem_comp_atom                
2 4 'Structure model' chem_comp_bond                
3 4 'Structure model' database_2                    
4 4 'Structure model' struct_ref_seq_dif            
5 4 'Structure model' struct_site                   
6 5 'Structure model' pdbx_initial_refinement_model 
# 
loop_
_pdbx_audit_revision_item.ordinal 
_pdbx_audit_revision_item.revision_ordinal 
_pdbx_audit_revision_item.data_content_type 
_pdbx_audit_revision_item.item 
1 4 'Structure model' '_database_2.pdbx_DOI'                
2 4 'Structure model' '_database_2.pdbx_database_accession' 
3 4 'Structure model' '_struct_ref_seq_dif.details'         
4 4 'Structure model' '_struct_site.pdbx_auth_asym_id'      
5 4 'Structure model' '_struct_site.pdbx_auth_comp_id'      
6 4 'Structure model' '_struct_site.pdbx_auth_seq_id'       
# 
_pdbx_database_status.status_code                     REL 
_pdbx_database_status.entry_id                        1RX5 
_pdbx_database_status.recvd_initial_deposition_date   1996-09-19 
_pdbx_database_status.deposit_site                    ? 
_pdbx_database_status.process_site                    BNL 
_pdbx_database_status.status_code_sf                  REL 
_pdbx_database_status.status_code_mr                  ? 
_pdbx_database_status.SG_entry                        ? 
_pdbx_database_status.pdb_format_compatible           Y 
_pdbx_database_status.status_code_cs                  ? 
_pdbx_database_status.status_code_nmr_data            ? 
_pdbx_database_status.methods_development_category    ? 
# 
_audit_author.name           'Sawaya, M.R.' 
_audit_author.pdbx_ordinal   1 
# 
loop_
_citation.id 
_citation.title 
_citation.journal_abbrev 
_citation.journal_volume 
_citation.page_first 
_citation.page_last 
_citation.year 
_citation.journal_id_ASTM 
_citation.country 
_citation.journal_id_ISSN 
_citation.journal_id_CSD 
_citation.book_publisher 
_citation.pdbx_database_id_PubMed 
_citation.pdbx_database_id_DOI 
primary 'Loop and subdomain movements in the mechanism of Escherichia coli dihydrofolate reductase: crystallographic evidence.' 
Biochemistry 36 586  603 1997 BICHAW US 0006-2960 0033 ? 9012674 10.1021/bi962337c 
1       
;Isomorphous Crystal Structures of Escherichia Coli Dihydrofolate Reductase Complexed with Folate, 5-Deazafolate, and 5,10-Dideazatetrahydrofolate: Mechanistic Implications
;
Biochemistry 34 2710 ?   1995 BICHAW US 0006-2960 0033 ? ?       ?                 
2       
;Crystal Structure of Unliganded Escherichia Coli Dihydrofolate Reductase. Ligand-Induced Conformational Changes and Cooperativity in Binding
;
Biochemistry 30 2227 ?   1991 BICHAW US 0006-2960 0033 ? ?       ?                 
3       
;Crystal Structures of Escherichia Coli Dihydrofolate Reductase: The Nadp+ Holoenzyme and the Folate.Nadp+ Ternary Complex. Substrate Binding and a Model for the Transition State
;
Biochemistry 29 3263 ?   1990 BICHAW US 0006-2960 0033 ? ?       ?                 
# 
loop_
_citation_author.citation_id 
_citation_author.name 
_citation_author.ordinal 
_citation_author.identifier_ORCID 
primary 'Sawaya, M.R.' 1  ? 
primary 'Kraut, J.'    2  ? 
1       'Reyes, V.M.'  3  ? 
1       'Sawaya, M.R.' 4  ? 
1       'Brown, K.A.'  5  ? 
1       'Kraut, J.'    6  ? 
2       'Bystroff, C.' 7  ? 
2       'Kraut, J.'    8  ? 
3       'Bystroff, C.' 9  ? 
3       'Oatley, S.J.' 10 ? 
3       'Kraut, J.'    11 ? 
# 
loop_
_entity.id 
_entity.type 
_entity.src_method 
_entity.pdbx_description 
_entity.formula_weight 
_entity.pdbx_number_of_molecules 
_entity.pdbx_ec 
_entity.pdbx_mutation 
_entity.pdbx_fragment 
_entity.details 
1 polymer     man 'DIHYDROFOLATE REDUCTASE'          18020.326 1  1.5.1.3 ? ? ? 
2 non-polymer syn '5,10-DIDEAZATETRAHYDROFOLIC ACID' 443.453   1  ?       ? ? ? 
3 water       nat water                              18.015    56 ?       ? ? ? 
# 
_entity_name_com.entity_id   1 
_entity_name_com.name        DHFR 
# 
_entity_poly.entity_id                      1 
_entity_poly.type                           'polypeptide(L)' 
_entity_poly.nstd_linkage                   no 
_entity_poly.nstd_monomer                   no 
_entity_poly.pdbx_seq_one_letter_code       
;MISLIAALAVDRVIGMENAMPWNLPADLAWFKRNTLDKPVIMGRHTWESIGRPLPGRKNIILSSQPGTDDRVTWVKSVDE
AIAACGDVPEIMVIGGGRVYEQFLPKAQKLYLTHIDAEVEGDTHFPDYEPDDWESVFSEFHDADAQNSHSYCFEILERR
;
_entity_poly.pdbx_seq_one_letter_code_can   
;MISLIAALAVDRVIGMENAMPWNLPADLAWFKRNTLDKPVIMGRHTWESIGRPLPGRKNIILSSQPGTDDRVTWVKSVDE
AIAACGDVPEIMVIGGGRVYEQFLPKAQKLYLTHIDAEVEGDTHFPDYEPDDWESVFSEFHDADAQNSHSYCFEILERR
;
_entity_poly.pdbx_strand_id                 A 
_entity_poly.pdbx_target_identifier         ? 
# 
loop_
_pdbx_entity_nonpoly.entity_id 
_pdbx_entity_nonpoly.name 
_pdbx_entity_nonpoly.comp_id 
2 '5,10-DIDEAZATETRAHYDROFOLIC ACID' DDF 
3 water                              HOH 
# 
loop_
_entity_poly_seq.entity_id 
_entity_poly_seq.num 
_entity_poly_seq.mon_id 
_entity_poly_seq.hetero 
1 1   MET n 
1 2   ILE n 
1 3   SER n 
1 4   LEU n 
1 5   ILE n 
1 6   ALA n 
1 7   ALA n 
1 8   LEU n 
1 9   ALA n 
1 10  VAL n 
1 11  ASP n 
1 12  ARG n 
1 13  VAL n 
1 14  ILE n 
1 15  GLY n 
1 16  MET n 
1 17  GLU n 
1 18  ASN n 
1 19  ALA n 
1 20  MET n 
1 21  PRO n 
1 22  TRP n 
1 23  ASN n 
1 24  LEU n 
1 25  PRO n 
1 26  ALA n 
1 27  ASP n 
1 28  LEU n 
1 29  ALA n 
1 30  TRP n 
1 31  PHE n 
1 32  LYS n 
1 33  ARG n 
1 34  ASN n 
1 35  THR n 
1 36  LEU n 
1 37  ASP n 
1 38  LYS n 
1 39  PRO n 
1 40  VAL n 
1 41  ILE n 
1 42  MET n 
1 43  GLY n 
1 44  ARG n 
1 45  HIS n 
1 46  THR n 
1 47  TRP n 
1 48  GLU n 
1 49  SER n 
1 50  ILE n 
1 51  GLY n 
1 52  ARG n 
1 53  PRO n 
1 54  LEU n 
1 55  PRO n 
1 56  GLY n 
1 57  ARG n 
1 58  LYS n 
1 59  ASN n 
1 60  ILE n 
1 61  ILE n 
1 62  LEU n 
1 63  SER n 
1 64  SER n 
1 65  GLN n 
1 66  PRO n 
1 67  GLY n 
1 68  THR n 
1 69  ASP n 
1 70  ASP n 
1 71  ARG n 
1 72  VAL n 
1 73  THR n 
1 74  TRP n 
1 75  VAL n 
1 76  LYS n 
1 77  SER n 
1 78  VAL n 
1 79  ASP n 
1 80  GLU n 
1 81  ALA n 
1 82  ILE n 
1 83  ALA n 
1 84  ALA n 
1 85  CYS n 
1 86  GLY n 
1 87  ASP n 
1 88  VAL n 
1 89  PRO n 
1 90  GLU n 
1 91  ILE n 
1 92  MET n 
1 93  VAL n 
1 94  ILE n 
1 95  GLY n 
1 96  GLY n 
1 97  GLY n 
1 98  ARG n 
1 99  VAL n 
1 100 TYR n 
1 101 GLU n 
1 102 GLN n 
1 103 PHE n 
1 104 LEU n 
1 105 PRO n 
1 106 LYS n 
1 107 ALA n 
1 108 GLN n 
1 109 LYS n 
1 110 LEU n 
1 111 TYR n 
1 112 LEU n 
1 113 THR n 
1 114 HIS n 
1 115 ILE n 
1 116 ASP n 
1 117 ALA n 
1 118 GLU n 
1 119 VAL n 
1 120 GLU n 
1 121 GLY n 
1 122 ASP n 
1 123 THR n 
1 124 HIS n 
1 125 PHE n 
1 126 PRO n 
1 127 ASP n 
1 128 TYR n 
1 129 GLU n 
1 130 PRO n 
1 131 ASP n 
1 132 ASP n 
1 133 TRP n 
1 134 GLU n 
1 135 SER n 
1 136 VAL n 
1 137 PHE n 
1 138 SER n 
1 139 GLU n 
1 140 PHE n 
1 141 HIS n 
1 142 ASP n 
1 143 ALA n 
1 144 ASP n 
1 145 ALA n 
1 146 GLN n 
1 147 ASN n 
1 148 SER n 
1 149 HIS n 
1 150 SER n 
1 151 TYR n 
1 152 CYS n 
1 153 PHE n 
1 154 GLU n 
1 155 ILE n 
1 156 LEU n 
1 157 GLU n 
1 158 ARG n 
1 159 ARG n 
# 
_entity_src_gen.entity_id                          1 
_entity_src_gen.pdbx_src_id                        1 
_entity_src_gen.pdbx_alt_source_flag               sample 
_entity_src_gen.pdbx_seq_type                      ? 
_entity_src_gen.pdbx_beg_seq_num                   ? 
_entity_src_gen.pdbx_end_seq_num                   ? 
_entity_src_gen.gene_src_common_name               ? 
_entity_src_gen.gene_src_genus                     Escherichia 
_entity_src_gen.pdbx_gene_src_gene                 ? 
_entity_src_gen.gene_src_species                   ? 
_entity_src_gen.gene_src_strain                    RT500 
_entity_src_gen.gene_src_tissue                    ? 
_entity_src_gen.gene_src_tissue_fraction           ? 
_entity_src_gen.gene_src_details                   ? 
_entity_src_gen.pdbx_gene_src_fragment             ? 
_entity_src_gen.pdbx_gene_src_scientific_name      'Escherichia coli' 
_entity_src_gen.pdbx_gene_src_ncbi_taxonomy_id     562 
_entity_src_gen.pdbx_gene_src_variant              ? 
_entity_src_gen.pdbx_gene_src_cell_line            ? 
_entity_src_gen.pdbx_gene_src_atcc                 ? 
_entity_src_gen.pdbx_gene_src_organ                ? 
_entity_src_gen.pdbx_gene_src_organelle            ? 
_entity_src_gen.pdbx_gene_src_cell                 ? 
_entity_src_gen.pdbx_gene_src_cellular_location    ? 
_entity_src_gen.host_org_common_name               ? 
_entity_src_gen.pdbx_host_org_scientific_name      'Escherichia coli' 
_entity_src_gen.pdbx_host_org_ncbi_taxonomy_id     562 
_entity_src_gen.host_org_genus                     Escherichia 
_entity_src_gen.pdbx_host_org_gene                 ? 
_entity_src_gen.pdbx_host_org_organ                ? 
_entity_src_gen.host_org_species                   ? 
_entity_src_gen.pdbx_host_org_tissue               ? 
_entity_src_gen.pdbx_host_org_tissue_fraction      ? 
_entity_src_gen.pdbx_host_org_strain               ? 
_entity_src_gen.pdbx_host_org_variant              ? 
_entity_src_gen.pdbx_host_org_cell_line            ? 
_entity_src_gen.pdbx_host_org_atcc                 ? 
_entity_src_gen.pdbx_host_org_culture_collection   ? 
_entity_src_gen.pdbx_host_org_cell                 ? 
_entity_src_gen.pdbx_host_org_organelle            ? 
_entity_src_gen.pdbx_host_org_cellular_location    ? 
_entity_src_gen.pdbx_host_org_vector_type          ? 
_entity_src_gen.pdbx_host_org_vector               ? 
_entity_src_gen.host_org_details                   ? 
_entity_src_gen.expression_system_id               ? 
_entity_src_gen.plasmid_name                       PRWA-1 
_entity_src_gen.plasmid_details                    ? 
_entity_src_gen.pdbx_description                   ? 
# 
loop_
_chem_comp.id 
_chem_comp.type 
_chem_comp.mon_nstd_flag 
_chem_comp.name 
_chem_comp.pdbx_synonyms 
_chem_comp.formula 
_chem_comp.formula_weight 
ALA 'L-peptide linking' y ALANINE                            ? 'C3 H7 N O2'     89.093  
ARG 'L-peptide linking' y ARGININE                           ? 'C6 H15 N4 O2 1' 175.209 
ASN 'L-peptide linking' y ASPARAGINE                         ? 'C4 H8 N2 O3'    132.118 
ASP 'L-peptide linking' y 'ASPARTIC ACID'                    ? 'C4 H7 N O4'     133.103 
CYS 'L-peptide linking' y CYSTEINE                           ? 'C3 H7 N O2 S'   121.158 
DDF non-polymer         . '5,10-DIDEAZATETRAHYDROFOLIC ACID' ? 'C21 H25 N5 O6'  443.453 
GLN 'L-peptide linking' y GLUTAMINE                          ? 'C5 H10 N2 O3'   146.144 
GLU 'L-peptide linking' y 'GLUTAMIC ACID'                    ? 'C5 H9 N O4'     147.129 
GLY 'peptide linking'   y GLYCINE                            ? 'C2 H5 N O2'     75.067  
HIS 'L-peptide linking' y HISTIDINE                          ? 'C6 H10 N3 O2 1' 156.162 
HOH non-polymer         . WATER                              ? 'H2 O'           18.015  
ILE 'L-peptide linking' y ISOLEUCINE                         ? 'C6 H13 N O2'    131.173 
LEU 'L-peptide linking' y LEUCINE                            ? 'C6 H13 N O2'    131.173 
LYS 'L-peptide linking' y LYSINE                             ? 'C6 H15 N2 O2 1' 147.195 
MET 'L-peptide linking' y METHIONINE                         ? 'C5 H11 N O2 S'  149.211 
PHE 'L-peptide linking' y PHENYLALANINE                      ? 'C9 H11 N O2'    165.189 
PRO 'L-peptide linking' y PROLINE                            ? 'C5 H9 N O2'     115.130 
SER 'L-peptide linking' y SERINE                             ? 'C3 H7 N O3'     105.093 
THR 'L-peptide linking' y THREONINE                          ? 'C4 H9 N O3'     119.119 
TRP 'L-peptide linking' y TRYPTOPHAN                         ? 'C11 H12 N2 O2'  204.225 
TYR 'L-peptide linking' y TYROSINE                           ? 'C9 H11 N O3'    181.189 
VAL 'L-peptide linking' y VALINE                             ? 'C5 H11 N O2'    117.146 
# 
loop_
_pdbx_poly_seq_scheme.asym_id 
_pdbx_poly_seq_scheme.entity_id 
_pdbx_poly_seq_scheme.seq_id 
_pdbx_poly_seq_scheme.mon_id 
_pdbx_poly_seq_scheme.ndb_seq_num 
_pdbx_poly_seq_scheme.pdb_seq_num 
_pdbx_poly_seq_scheme.auth_seq_num 
_pdbx_poly_seq_scheme.pdb_mon_id 
_pdbx_poly_seq_scheme.auth_mon_id 
_pdbx_poly_seq_scheme.pdb_strand_id 
_pdbx_poly_seq_scheme.pdb_ins_code 
_pdbx_poly_seq_scheme.hetero 
A 1 1   MET 1   1   1   MET MET A . n 
A 1 2   ILE 2   2   2   ILE ILE A . n 
A 1 3   SER 3   3   3   SER SER A . n 
A 1 4   LEU 4   4   4   LEU LEU A . n 
A 1 5   ILE 5   5   5   ILE ILE A . n 
A 1 6   ALA 6   6   6   ALA ALA A . n 
A 1 7   ALA 7   7   7   ALA ALA A . n 
A 1 8   LEU 8   8   8   LEU LEU A . n 
A 1 9   ALA 9   9   9   ALA ALA A . n 
A 1 10  VAL 10  10  10  VAL VAL A . n 
A 1 11  ASP 11  11  11  ASP ASP A . n 
A 1 12  ARG 12  12  12  ARG ARG A . n 
A 1 13  VAL 13  13  13  VAL VAL A . n 
A 1 14  ILE 14  14  14  ILE ILE A . n 
A 1 15  GLY 15  15  15  GLY GLY A . n 
A 1 16  MET 16  16  16  MET MET A . n 
A 1 17  GLU 17  17  17  GLU GLU A . n 
A 1 18  ASN 18  18  18  ASN ASN A . n 
A 1 19  ALA 19  19  19  ALA ALA A . n 
A 1 20  MET 20  20  20  MET MET A . n 
A 1 21  PRO 21  21  21  PRO PRO A . n 
A 1 22  TRP 22  22  22  TRP TRP A . n 
A 1 23  ASN 23  23  23  ASN ASN A . n 
A 1 24  LEU 24  24  24  LEU LEU A . n 
A 1 25  PRO 25  25  25  PRO PRO A . n 
A 1 26  ALA 26  26  26  ALA ALA A . n 
A 1 27  ASP 27  27  27  ASP ASP A . n 
A 1 28  LEU 28  28  28  LEU LEU A . n 
A 1 29  ALA 29  29  29  ALA ALA A . n 
A 1 30  TRP 30  30  30  TRP TRP A . n 
A 1 31  PHE 31  31  31  PHE PHE A . n 
A 1 32  LYS 32  32  32  LYS LYS A . n 
A 1 33  ARG 33  33  33  ARG ARG A . n 
A 1 34  ASN 34  34  34  ASN ASN A . n 
A 1 35  THR 35  35  35  THR THR A . n 
A 1 36  LEU 36  36  36  LEU LEU A . n 
A 1 37  ASP 37  37  37  ASP ASP A . n 
A 1 38  LYS 38  38  38  LYS LYS A . n 
A 1 39  PRO 39  39  39  PRO PRO A . n 
A 1 40  VAL 40  40  40  VAL VAL A . n 
A 1 41  ILE 41  41  41  ILE ILE A . n 
A 1 42  MET 42  42  42  MET MET A . n 
A 1 43  GLY 43  43  43  GLY GLY A . n 
A 1 44  ARG 44  44  44  ARG ARG A . n 
A 1 45  HIS 45  45  45  HIS HIS A . n 
A 1 46  THR 46  46  46  THR THR A . n 
A 1 47  TRP 47  47  47  TRP TRP A . n 
A 1 48  GLU 48  48  48  GLU GLU A . n 
A 1 49  SER 49  49  49  SER SER A . n 
A 1 50  ILE 50  50  50  ILE ILE A . n 
A 1 51  GLY 51  51  51  GLY GLY A . n 
A 1 52  ARG 52  52  52  ARG ARG A . n 
A 1 53  PRO 53  53  53  PRO PRO A . n 
A 1 54  LEU 54  54  54  LEU LEU A . n 
A 1 55  PRO 55  55  55  PRO PRO A . n 
A 1 56  GLY 56  56  56  GLY GLY A . n 
A 1 57  ARG 57  57  57  ARG ARG A . n 
A 1 58  LYS 58  58  58  LYS LYS A . n 
A 1 59  ASN 59  59  59  ASN ASN A . n 
A 1 60  ILE 60  60  60  ILE ILE A . n 
A 1 61  ILE 61  61  61  ILE ILE A . n 
A 1 62  LEU 62  62  62  LEU LEU A . n 
A 1 63  SER 63  63  63  SER SER A . n 
A 1 64  SER 64  64  64  SER SER A . n 
A 1 65  GLN 65  65  65  GLN GLN A . n 
A 1 66  PRO 66  66  66  PRO PRO A . n 
A 1 67  GLY 67  67  67  GLY GLY A . n 
A 1 68  THR 68  68  68  THR THR A . n 
A 1 69  ASP 69  69  69  ASP ASP A . n 
A 1 70  ASP 70  70  70  ASP ASP A . n 
A 1 71  ARG 71  71  71  ARG ARG A . n 
A 1 72  VAL 72  72  72  VAL VAL A . n 
A 1 73  THR 73  73  73  THR THR A . n 
A 1 74  TRP 74  74  74  TRP TRP A . n 
A 1 75  VAL 75  75  75  VAL VAL A . n 
A 1 76  LYS 76  76  76  LYS LYS A . n 
A 1 77  SER 77  77  77  SER SER A . n 
A 1 78  VAL 78  78  78  VAL VAL A . n 
A 1 79  ASP 79  79  79  ASP ASP A . n 
A 1 80  GLU 80  80  80  GLU GLU A . n 
A 1 81  ALA 81  81  81  ALA ALA A . n 
A 1 82  ILE 82  82  82  ILE ILE A . n 
A 1 83  ALA 83  83  83  ALA ALA A . n 
A 1 84  ALA 84  84  84  ALA ALA A . n 
A 1 85  CYS 85  85  85  CYS CYS A . n 
A 1 86  GLY 86  86  86  GLY GLY A . n 
A 1 87  ASP 87  87  87  ASP ASP A . n 
A 1 88  VAL 88  88  88  VAL VAL A . n 
A 1 89  PRO 89  89  89  PRO PRO A . n 
A 1 90  GLU 90  90  90  GLU GLU A . n 
A 1 91  ILE 91  91  91  ILE ILE A . n 
A 1 92  MET 92  92  92  MET MET A . n 
A 1 93  VAL 93  93  93  VAL VAL A . n 
A 1 94  ILE 94  94  94  ILE ILE A . n 
A 1 95  GLY 95  95  95  GLY GLY A . n 
A 1 96  GLY 96  96  96  GLY GLY A . n 
A 1 97  GLY 97  97  97  GLY GLY A . n 
A 1 98  ARG 98  98  98  ARG ARG A . n 
A 1 99  VAL 99  99  99  VAL VAL A . n 
A 1 100 TYR 100 100 100 TYR TYR A . n 
A 1 101 GLU 101 101 101 GLU GLU A . n 
A 1 102 GLN 102 102 102 GLN GLN A . n 
A 1 103 PHE 103 103 103 PHE PHE A . n 
A 1 104 LEU 104 104 104 LEU LEU A . n 
A 1 105 PRO 105 105 105 PRO PRO A . n 
A 1 106 LYS 106 106 106 LYS LYS A . n 
A 1 107 ALA 107 107 107 ALA ALA A . n 
A 1 108 GLN 108 108 108 GLN GLN A . n 
A 1 109 LYS 109 109 109 LYS LYS A . n 
A 1 110 LEU 110 110 110 LEU LEU A . n 
A 1 111 TYR 111 111 111 TYR TYR A . n 
A 1 112 LEU 112 112 112 LEU LEU A . n 
A 1 113 THR 113 113 113 THR THR A . n 
A 1 114 HIS 114 114 114 HIS HIS A . n 
A 1 115 ILE 115 115 115 ILE ILE A . n 
A 1 116 ASP 116 116 116 ASP ASP A . n 
A 1 117 ALA 117 117 117 ALA ALA A . n 
A 1 118 GLU 118 118 118 GLU GLU A . n 
A 1 119 VAL 119 119 119 VAL VAL A . n 
A 1 120 GLU 120 120 120 GLU GLU A . n 
A 1 121 GLY 121 121 121 GLY GLY A . n 
A 1 122 ASP 122 122 122 ASP ASP A . n 
A 1 123 THR 123 123 123 THR THR A . n 
A 1 124 HIS 124 124 124 HIS HIS A . n 
A 1 125 PHE 125 125 125 PHE PHE A . n 
A 1 126 PRO 126 126 126 PRO PRO A . n 
A 1 127 ASP 127 127 127 ASP ASP A . n 
A 1 128 TYR 128 128 128 TYR TYR A . n 
A 1 129 GLU 129 129 129 GLU GLU A . n 
A 1 130 PRO 130 130 130 PRO PRO A . n 
A 1 131 ASP 131 131 131 ASP ASP A . n 
A 1 132 ASP 132 132 132 ASP ASP A . n 
A 1 133 TRP 133 133 133 TRP TRP A . n 
A 1 134 GLU 134 134 134 GLU GLU A . n 
A 1 135 SER 135 135 135 SER SER A . n 
A 1 136 VAL 136 136 136 VAL VAL A . n 
A 1 137 PHE 137 137 137 PHE PHE A . n 
A 1 138 SER 138 138 138 SER SER A . n 
A 1 139 GLU 139 139 139 GLU GLU A . n 
A 1 140 PHE 140 140 140 PHE PHE A . n 
A 1 141 HIS 141 141 141 HIS HIS A . n 
A 1 142 ASP 142 142 142 ASP ASP A . n 
A 1 143 ALA 143 143 143 ALA ALA A . n 
A 1 144 ASP 144 144 144 ASP ASP A . n 
A 1 145 ALA 145 145 145 ALA ALA A . n 
A 1 146 GLN 146 146 146 GLN GLN A . n 
A 1 147 ASN 147 147 147 ASN ASN A . n 
A 1 148 SER 148 148 148 SER SER A . n 
A 1 149 HIS 149 149 149 HIS HIS A . n 
A 1 150 SER 150 150 150 SER SER A . n 
A 1 151 TYR 151 151 151 TYR TYR A . n 
A 1 152 CYS 152 152 152 CYS CYS A . n 
A 1 153 PHE 153 153 153 PHE PHE A . n 
A 1 154 GLU 154 154 154 GLU GLU A . n 
A 1 155 ILE 155 155 155 ILE ILE A . n 
A 1 156 LEU 156 156 156 LEU LEU A . n 
A 1 157 GLU 157 157 157 GLU GLU A . n 
A 1 158 ARG 158 158 158 ARG ARG A . n 
A 1 159 ARG 159 159 159 ARG ARG A . n 
# 
loop_
_pdbx_nonpoly_scheme.asym_id 
_pdbx_nonpoly_scheme.entity_id 
_pdbx_nonpoly_scheme.mon_id 
_pdbx_nonpoly_scheme.ndb_seq_num 
_pdbx_nonpoly_scheme.pdb_seq_num 
_pdbx_nonpoly_scheme.auth_seq_num 
_pdbx_nonpoly_scheme.pdb_mon_id 
_pdbx_nonpoly_scheme.auth_mon_id 
_pdbx_nonpoly_scheme.pdb_strand_id 
_pdbx_nonpoly_scheme.pdb_ins_code 
B 2 DDF 1  161 161 DDF DDF A . 
C 3 HOH 1  299 299 HOH HOH A . 
C 3 HOH 2  300 300 HOH HOH A . 
C 3 HOH 3  301 301 HOH HOH A . 
C 3 HOH 4  302 302 HOH HOH A . 
C 3 HOH 5  303 303 HOH HOH A . 
C 3 HOH 6  304 304 HOH HOH A . 
C 3 HOH 7  305 305 HOH HOH A . 
C 3 HOH 8  306 306 HOH HOH A . 
C 3 HOH 9  307 307 HOH HOH A . 
C 3 HOH 10 308 308 HOH HOH A . 
C 3 HOH 11 309 309 HOH HOH A . 
C 3 HOH 12 310 310 HOH HOH A . 
C 3 HOH 13 311 311 HOH HOH A . 
C 3 HOH 14 313 313 HOH HOH A . 
C 3 HOH 15 314 314 HOH HOH A . 
C 3 HOH 16 315 315 HOH HOH A . 
C 3 HOH 17 316 316 HOH HOH A . 
C 3 HOH 18 317 317 HOH HOH A . 
C 3 HOH 19 318 318 HOH HOH A . 
C 3 HOH 20 319 319 HOH HOH A . 
C 3 HOH 21 320 320 HOH HOH A . 
C 3 HOH 22 321 321 HOH HOH A . 
C 3 HOH 23 322 322 HOH HOH A . 
C 3 HOH 24 323 323 HOH HOH A . 
C 3 HOH 25 324 324 HOH HOH A . 
C 3 HOH 26 325 325 HOH HOH A . 
C 3 HOH 27 326 326 HOH HOH A . 
C 3 HOH 28 327 327 HOH HOH A . 
C 3 HOH 29 328 328 HOH HOH A . 
C 3 HOH 30 329 329 HOH HOH A . 
C 3 HOH 31 330 330 HOH HOH A . 
C 3 HOH 32 331 331 HOH HOH A . 
C 3 HOH 33 332 332 HOH HOH A . 
C 3 HOH 34 333 333 HOH HOH A . 
C 3 HOH 35 334 334 HOH HOH A . 
C 3 HOH 36 335 335 HOH HOH A . 
C 3 HOH 37 336 336 HOH HOH A . 
C 3 HOH 38 337 337 HOH HOH A . 
C 3 HOH 39 338 338 HOH HOH A . 
C 3 HOH 40 339 339 HOH HOH A . 
C 3 HOH 41 340 340 HOH HOH A . 
C 3 HOH 42 341 341 HOH HOH A . 
C 3 HOH 43 342 342 HOH HOH A . 
C 3 HOH 44 343 343 HOH HOH A . 
C 3 HOH 45 344 344 HOH HOH A . 
C 3 HOH 46 345 345 HOH HOH A . 
C 3 HOH 47 346 346 HOH HOH A . 
C 3 HOH 48 347 347 HOH HOH A . 
C 3 HOH 49 348 348 HOH HOH A . 
C 3 HOH 50 349 349 HOH HOH A . 
C 3 HOH 51 350 350 HOH HOH A . 
C 3 HOH 52 351 351 HOH HOH A . 
C 3 HOH 53 353 353 HOH HOH A . 
C 3 HOH 54 354 354 HOH HOH A . 
C 3 HOH 55 355 355 HOH HOH A . 
C 3 HOH 56 356 356 HOH HOH A . 
# 
loop_
_pdbx_unobs_or_zero_occ_atoms.id 
_pdbx_unobs_or_zero_occ_atoms.PDB_model_num 
_pdbx_unobs_or_zero_occ_atoms.polymer_flag 
_pdbx_unobs_or_zero_occ_atoms.occupancy_flag 
_pdbx_unobs_or_zero_occ_atoms.auth_asym_id 
_pdbx_unobs_or_zero_occ_atoms.auth_comp_id 
_pdbx_unobs_or_zero_occ_atoms.auth_seq_id 
_pdbx_unobs_or_zero_occ_atoms.PDB_ins_code 
_pdbx_unobs_or_zero_occ_atoms.auth_atom_id 
_pdbx_unobs_or_zero_occ_atoms.label_alt_id 
_pdbx_unobs_or_zero_occ_atoms.label_asym_id 
_pdbx_unobs_or_zero_occ_atoms.label_comp_id 
_pdbx_unobs_or_zero_occ_atoms.label_seq_id 
_pdbx_unobs_or_zero_occ_atoms.label_atom_id 
1 1 Y 0 A GLU 118 ? CD  ? A GLU 118 CD  
2 1 Y 0 A GLU 118 ? OE1 ? A GLU 118 OE1 
3 1 Y 0 A GLU 118 ? OE2 ? A GLU 118 OE2 
4 1 Y 0 A GLU 129 ? CD  ? A GLU 129 CD  
5 1 Y 0 A GLU 129 ? OE1 ? A GLU 129 OE1 
6 1 Y 0 A GLU 129 ? OE2 ? A GLU 129 OE2 
# 
loop_
_software.name 
_software.classification 
_software.version 
_software.citation_id 
_software.pdbx_ordinal 
TNT  refinement       . ? 1 
UCSD 'data reduction' . ? 2 
UCSD 'data scaling'   . ? 3 
TNT  phasing          . ? 4 
# 
_cell.entry_id           1RX5 
_cell.length_a           34.808 
_cell.length_b           44.761 
_cell.length_c           100.826 
_cell.angle_alpha        90.00 
_cell.angle_beta         90.00 
_cell.angle_gamma        90.00 
_cell.Z_PDB              4 
_cell.pdbx_unique_axis   ? 
# 
_symmetry.entry_id                         1RX5 
_symmetry.space_group_name_H-M             'P 21 21 21' 
_symmetry.pdbx_full_space_group_name_H-M   ? 
_symmetry.cell_setting                     ? 
_symmetry.Int_Tables_number                19 
# 
_exptl.entry_id          1RX5 
_exptl.method            'X-RAY DIFFRACTION' 
_exptl.crystals_number   1 
# 
_exptl_crystal.id                    1 
_exptl_crystal.density_meas          ? 
_exptl_crystal.density_Matthews      2.15 
_exptl_crystal.density_percent_sol   42.8 
_exptl_crystal.description           ? 
# 
_exptl_crystal_grow.crystal_id      1 
_exptl_crystal_grow.method          ? 
_exptl_crystal_grow.temp            ? 
_exptl_crystal_grow.temp_details    ? 
_exptl_crystal_grow.pH              7.4 
_exptl_crystal_grow.pdbx_pH_range   ? 
_exptl_crystal_grow.pdbx_details    'pH 7.4' 
# 
_diffrn.id                     1 
_diffrn.ambient_temp           293 
_diffrn.ambient_temp_details   ? 
_diffrn.crystal_id             1 
# 
_diffrn_detector.diffrn_id              1 
_diffrn_detector.detector               'AREA DETECTOR' 
_diffrn_detector.type                   'XUONG-HAMLIN MULTIWIRE' 
_diffrn_detector.pdbx_collection_date   1996 
_diffrn_detector.details                ? 
# 
_diffrn_radiation.diffrn_id                        1 
_diffrn_radiation.wavelength_id                    1 
_diffrn_radiation.pdbx_monochromatic_or_laue_m_l   M 
_diffrn_radiation.monochromator                    'GRAPHITE(002)' 
_diffrn_radiation.pdbx_diffrn_protocol             ? 
_diffrn_radiation.pdbx_scattering_type             x-ray 
# 
_diffrn_radiation_wavelength.id           1 
_diffrn_radiation_wavelength.wavelength   1.5418 
_diffrn_radiation_wavelength.wt           1.0 
# 
_diffrn_source.diffrn_id                   1 
_diffrn_source.source                      'ROTATING ANODE' 
_diffrn_source.type                        'RIGAKU RUH2R' 
_diffrn_source.pdbx_synchrotron_site       ? 
_diffrn_source.pdbx_synchrotron_beamline   ? 
_diffrn_source.pdbx_wavelength             1.5418 
_diffrn_source.pdbx_wavelength_list        ? 
# 
_reflns.entry_id                     1RX5 
_reflns.observed_criterion_sigma_I   ? 
_reflns.observed_criterion_sigma_F   ? 
_reflns.d_resolution_low             100. 
_reflns.d_resolution_high            2.3 
_reflns.number_obs                   6930 
_reflns.number_all                   ? 
_reflns.percent_possible_obs         93. 
_reflns.pdbx_Rmerge_I_obs            ? 
_reflns.pdbx_Rsym_value              0.0750000 
_reflns.pdbx_netI_over_sigmaI        ? 
_reflns.B_iso_Wilson_estimate        ? 
_reflns.pdbx_redundancy              3.1 
_reflns.pdbx_diffrn_id               1 
_reflns.pdbx_ordinal                 1 
# 
_refine.entry_id                                 1RX5 
_refine.ls_number_reflns_obs                     6930 
_refine.ls_number_reflns_all                     ? 
_refine.pdbx_ls_sigma_I                          ? 
_refine.pdbx_ls_sigma_F                          0.0 
_refine.pdbx_data_cutoff_high_absF               ? 
_refine.pdbx_data_cutoff_low_absF                ? 
_refine.pdbx_data_cutoff_high_rms_absF           ? 
_refine.ls_d_res_low                             20.0 
_refine.ls_d_res_high                            2.3 
_refine.ls_percent_reflns_obs                    93. 
_refine.ls_R_factor_obs                          ? 
_refine.ls_R_factor_all                          ? 
_refine.ls_R_factor_R_work                       0.1740000 
_refine.ls_R_factor_R_free                       ? 
_refine.ls_R_factor_R_free_error                 ? 
_refine.ls_R_factor_R_free_error_details         ? 
_refine.ls_percent_reflns_R_free                 ? 
_refine.ls_number_reflns_R_free                  ? 
_refine.ls_number_parameters                     ? 
_refine.ls_number_restraints                     ? 
_refine.occupancy_min                            ? 
_refine.occupancy_max                            ? 
_refine.B_iso_mean                               ? 
_refine.aniso_B[1][1]                            ? 
_refine.aniso_B[2][2]                            ? 
_refine.aniso_B[3][3]                            ? 
_refine.aniso_B[1][2]                            ? 
_refine.aniso_B[1][3]                            ? 
_refine.aniso_B[2][3]                            ? 
_refine.solvent_model_details                    'MOEWS AND KRETSINGER' 
_refine.solvent_model_param_ksol                 0.868 
_refine.solvent_model_param_bsol                 292.3 
_refine.pdbx_ls_cross_valid_method               ? 
_refine.details                                  ? 
_refine.pdbx_starting_model                      'DHFR-FOLATE COMPLEX' 
_refine.pdbx_method_to_determine_struct          'DIFFERENCE FOURIER' 
_refine.pdbx_isotropic_thermal_model             TNT 
_refine.pdbx_stereochemistry_target_values       TNT 
_refine.pdbx_stereochem_target_val_spec_case     ? 
_refine.pdbx_R_Free_selection_details            ? 
_refine.pdbx_overall_ESU_R                       ? 
_refine.pdbx_overall_ESU_R_Free                  ? 
_refine.overall_SU_ML                            ? 
_refine.overall_SU_B                             ? 
_refine.pdbx_refine_id                           'X-RAY DIFFRACTION' 
_refine.pdbx_diffrn_id                           1 
_refine.pdbx_TLS_residual_ADP_flag               ? 
_refine.correlation_coeff_Fo_to_Fc               ? 
_refine.correlation_coeff_Fo_to_Fc_free          ? 
_refine.pdbx_solvent_vdw_probe_radii             ? 
_refine.pdbx_solvent_ion_probe_radii             ? 
_refine.pdbx_solvent_shrinkage_radii             ? 
_refine.pdbx_overall_phase_error                 ? 
_refine.overall_SU_R_Cruickshank_DPI             ? 
_refine.pdbx_overall_SU_R_free_Cruickshank_DPI   ? 
_refine.pdbx_overall_SU_R_Blow_DPI               ? 
_refine.pdbx_overall_SU_R_free_Blow_DPI          ? 
# 
_refine_hist.pdbx_refine_id                   'X-RAY DIFFRACTION' 
_refine_hist.cycle_id                         LAST 
_refine_hist.pdbx_number_atoms_protein        1268 
_refine_hist.pdbx_number_atoms_nucleic_acid   0 
_refine_hist.pdbx_number_atoms_ligand         32 
_refine_hist.number_atoms_solvent             56 
_refine_hist.number_atoms_total               1356 
_refine_hist.d_res_high                       2.3 
_refine_hist.d_res_low                        20.0 
# 
loop_
_refine_ls_restr.type 
_refine_ls_restr.dev_ideal 
_refine_ls_restr.dev_ideal_target 
_refine_ls_restr.weight 
_refine_ls_restr.number 
_refine_ls_restr.pdbx_refine_id 
_refine_ls_restr.pdbx_restraint_function 
t_bond_d           0.019 ? 0.020 1333 'X-RAY DIFFRACTION' ? 
t_angle_deg        3.04  ? 3.0   1802 'X-RAY DIFFRACTION' ? 
t_dihedral_angle_d 23.8  ? ?     758  'X-RAY DIFFRACTION' ? 
t_incorr_chiral_ct ?     ? ?     ?    'X-RAY DIFFRACTION' ? 
t_pseud_angle      ?     ? ?     ?    'X-RAY DIFFRACTION' ? 
t_trig_c_planes    0.017 ? 0.020 37   'X-RAY DIFFRACTION' ? 
t_gen_planes       0.006 ? 0.020 189  'X-RAY DIFFRACTION' ? 
t_it               6.3   ? ?     1333 'X-RAY DIFFRACTION' ? 
t_nbd              0.025 ? 0.100 25   'X-RAY DIFFRACTION' ? 
# 
_pdbx_refine.entry_id                                    1RX5 
_pdbx_refine.R_factor_all_no_cutoff                      ? 
_pdbx_refine.R_factor_obs_no_cutoff                      0.1740000 
_pdbx_refine.free_R_factor_no_cutoff                     ? 
_pdbx_refine.free_R_val_test_set_size_perc_no_cutoff     ? 
_pdbx_refine.free_R_val_test_set_ct_no_cutoff            ? 
_pdbx_refine.R_factor_all_4sig_cutoff                    ? 
_pdbx_refine.R_factor_obs_4sig_cutoff                    ? 
_pdbx_refine.free_R_factor_4sig_cutoff                   ? 
_pdbx_refine.free_R_val_test_set_size_perc_4sig_cutoff   ? 
_pdbx_refine.free_R_val_test_set_ct_4sig_cutoff          ? 
_pdbx_refine.number_reflns_obs_4sig_cutoff               ? 
_pdbx_refine.pdbx_refine_id                              'X-RAY DIFFRACTION' 
_pdbx_refine.free_R_error_no_cutoff                      ? 
# 
_struct.entry_id                  1RX5 
_struct.title                     'DIHYDROFOLATE REDUCTASE (E.C.1.5.1.3) COMPLEXED WITH 5,10-DIDEAZATETRAHYDROFOLATE' 
_struct.pdbx_model_details        ? 
_struct.pdbx_CASP_flag            ? 
_struct.pdbx_model_type_details   ? 
# 
_struct_keywords.entry_id        1RX5 
_struct_keywords.pdbx_keywords   OXIDOREDUCTASE 
_struct_keywords.text            
'OXIDO-REDUCTASE, NADP, TRIMETHOPRIM RESISTANCE, METHOTREXATE RESISTANCE, ONE-CARBON METABOLISM, OXIDOREDUCTASE' 
# 
loop_
_struct_asym.id 
_struct_asym.pdbx_blank_PDB_chainid_flag 
_struct_asym.pdbx_modified 
_struct_asym.entity_id 
_struct_asym.details 
A N N 1 ? 
B N N 2 ? 
C N N 3 ? 
# 
_struct_ref.id                         1 
_struct_ref.db_name                    UNP 
_struct_ref.db_code                    DYR_ECOLI 
_struct_ref.entity_id                  1 
_struct_ref.pdbx_db_accession          P0ABQ4 
_struct_ref.pdbx_align_begin           1 
_struct_ref.pdbx_seq_one_letter_code   
;MISLIAALAVDRVIGMENAMPWNLPADLAWFKRNTLNKPVIMGRHTWESIGRPLPGRKNIILSSQPGTDDRVTWVKSVDE
AIAACGDVPEIMVIGGGRVYEQFLPKAQKLYLTHIDAEVEGDTHFPDYEPDDWESVFSEFHDADAQNSHSYCFEILERR
;
_struct_ref.pdbx_db_isoform            ? 
# 
_struct_ref_seq.align_id                      1 
_struct_ref_seq.ref_id                        1 
_struct_ref_seq.pdbx_PDB_id_code              1RX5 
_struct_ref_seq.pdbx_strand_id                A 
_struct_ref_seq.seq_align_beg                 1 
_struct_ref_seq.pdbx_seq_align_beg_ins_code   ? 
_struct_ref_seq.seq_align_end                 159 
_struct_ref_seq.pdbx_seq_align_end_ins_code   ? 
_struct_ref_seq.pdbx_db_accession             P0ABQ4 
_struct_ref_seq.db_align_beg                  1 
_struct_ref_seq.pdbx_db_align_beg_ins_code    ? 
_struct_ref_seq.db_align_end                  159 
_struct_ref_seq.pdbx_db_align_end_ins_code    ? 
_struct_ref_seq.pdbx_auth_seq_align_beg       1 
_struct_ref_seq.pdbx_auth_seq_align_end       159 
# 
_struct_ref_seq_dif.align_id                     1 
_struct_ref_seq_dif.pdbx_pdb_id_code             1RX5 
_struct_ref_seq_dif.mon_id                       ASP 
_struct_ref_seq_dif.pdbx_pdb_strand_id           A 
_struct_ref_seq_dif.seq_num                      37 
_struct_ref_seq_dif.pdbx_pdb_ins_code            ? 
_struct_ref_seq_dif.pdbx_seq_db_name             UNP 
_struct_ref_seq_dif.pdbx_seq_db_accession_code   P0ABQ4 
_struct_ref_seq_dif.db_mon_id                    ASN 
_struct_ref_seq_dif.pdbx_seq_db_seq_num          37 
_struct_ref_seq_dif.details                      conflict 
_struct_ref_seq_dif.pdbx_auth_seq_num            37 
_struct_ref_seq_dif.pdbx_ordinal                 1 
# 
_pdbx_struct_assembly.id                   1 
_pdbx_struct_assembly.details              author_defined_assembly 
_pdbx_struct_assembly.method_details       ? 
_pdbx_struct_assembly.oligomeric_details   monomeric 
_pdbx_struct_assembly.oligomeric_count     1 
# 
_pdbx_struct_assembly_gen.assembly_id       1 
_pdbx_struct_assembly_gen.oper_expression   1 
_pdbx_struct_assembly_gen.asym_id_list      A,B,C 
# 
_pdbx_struct_oper_list.id                   1 
_pdbx_struct_oper_list.type                 'identity operation' 
_pdbx_struct_oper_list.name                 1_555 
_pdbx_struct_oper_list.symmetry_operation   x,y,z 
_pdbx_struct_oper_list.matrix[1][1]         1.0000000000 
_pdbx_struct_oper_list.matrix[1][2]         0.0000000000 
_pdbx_struct_oper_list.matrix[1][3]         0.0000000000 
_pdbx_struct_oper_list.vector[1]            0.0000000000 
_pdbx_struct_oper_list.matrix[2][1]         0.0000000000 
_pdbx_struct_oper_list.matrix[2][2]         1.0000000000 
_pdbx_struct_oper_list.matrix[2][3]         0.0000000000 
_pdbx_struct_oper_list.vector[2]            0.0000000000 
_pdbx_struct_oper_list.matrix[3][1]         0.0000000000 
_pdbx_struct_oper_list.matrix[3][2]         0.0000000000 
_pdbx_struct_oper_list.matrix[3][3]         1.0000000000 
_pdbx_struct_oper_list.vector[3]            0.0000000000 
# 
_struct_biol.id   1 
# 
loop_
_struct_conf.conf_type_id 
_struct_conf.id 
_struct_conf.pdbx_PDB_helix_id 
_struct_conf.beg_label_comp_id 
_struct_conf.beg_label_asym_id 
_struct_conf.beg_label_seq_id 
_struct_conf.pdbx_beg_PDB_ins_code 
_struct_conf.end_label_comp_id 
_struct_conf.end_label_asym_id 
_struct_conf.end_label_seq_id 
_struct_conf.pdbx_end_PDB_ins_code 
_struct_conf.beg_auth_comp_id 
_struct_conf.beg_auth_asym_id 
_struct_conf.beg_auth_seq_id 
_struct_conf.end_auth_comp_id 
_struct_conf.end_auth_asym_id 
_struct_conf.end_auth_seq_id 
_struct_conf.pdbx_PDB_helix_class 
_struct_conf.details 
_struct_conf.pdbx_PDB_helix_length 
HELX_P HELX_P1 2 PRO A 25 ? THR A 35  ? PRO A 25 THR A 35  1 ? 11 
HELX_P HELX_P2 3 ARG A 44 ? ILE A 50  ? ARG A 44 ILE A 50  1 ? 7  
HELX_P HELX_P3 4 VAL A 78 ? CYS A 85  ? VAL A 78 CYS A 85  1 ? 8  
HELX_P HELX_P4 5 GLY A 97 ? LYS A 106 ? GLY A 97 LYS A 106 1 ? 10 
# 
_struct_conf_type.id          HELX_P 
_struct_conf_type.criteria    ? 
_struct_conf_type.reference   ? 
# 
_struct_mon_prot_cis.pdbx_id                1 
_struct_mon_prot_cis.label_comp_id          GLY 
_struct_mon_prot_cis.label_seq_id           95 
_struct_mon_prot_cis.label_asym_id          A 
_struct_mon_prot_cis.label_alt_id           . 
_struct_mon_prot_cis.pdbx_PDB_ins_code      ? 
_struct_mon_prot_cis.auth_comp_id           GLY 
_struct_mon_prot_cis.auth_seq_id            95 
_struct_mon_prot_cis.auth_asym_id           A 
_struct_mon_prot_cis.pdbx_label_comp_id_2   GLY 
_struct_mon_prot_cis.pdbx_label_seq_id_2    96 
_struct_mon_prot_cis.pdbx_label_asym_id_2   A 
_struct_mon_prot_cis.pdbx_PDB_ins_code_2    ? 
_struct_mon_prot_cis.pdbx_auth_comp_id_2    GLY 
_struct_mon_prot_cis.pdbx_auth_seq_id_2     96 
_struct_mon_prot_cis.pdbx_auth_asym_id_2    A 
_struct_mon_prot_cis.pdbx_PDB_model_num     1 
_struct_mon_prot_cis.pdbx_omega_angle       -1.51 
# 
_struct_sheet.id               A 
_struct_sheet.type             ? 
_struct_sheet.number_strands   8 
_struct_sheet.details          ? 
# 
loop_
_struct_sheet_order.sheet_id 
_struct_sheet_order.range_id_1 
_struct_sheet_order.range_id_2 
_struct_sheet_order.offset 
_struct_sheet_order.sense 
A 1 2 ? anti-parallel 
A 2 3 ? anti-parallel 
A 3 4 ? parallel      
A 4 5 ? parallel      
A 5 6 ? parallel      
A 6 7 ? parallel      
A 7 8 ? parallel      
# 
loop_
_struct_sheet_range.sheet_id 
_struct_sheet_range.id 
_struct_sheet_range.beg_label_comp_id 
_struct_sheet_range.beg_label_asym_id 
_struct_sheet_range.beg_label_seq_id 
_struct_sheet_range.pdbx_beg_PDB_ins_code 
_struct_sheet_range.end_label_comp_id 
_struct_sheet_range.end_label_asym_id 
_struct_sheet_range.end_label_seq_id 
_struct_sheet_range.pdbx_end_PDB_ins_code 
_struct_sheet_range.beg_auth_comp_id 
_struct_sheet_range.beg_auth_asym_id 
_struct_sheet_range.beg_auth_seq_id 
_struct_sheet_range.end_auth_comp_id 
_struct_sheet_range.end_auth_asym_id 
_struct_sheet_range.end_auth_seq_id 
A 1 TRP A 133 ? SER A 135 ? TRP A 133 SER A 135 
A 2 TYR A 151 ? ARG A 158 ? TYR A 151 ARG A 158 
A 3 ALA A 107 ? ILE A 115 ? ALA A 107 ILE A 115 
A 4 ILE A 2   ? ILE A 5   ? ILE A 2   ILE A 5   
A 5 ILE A 91  ? GLY A 95  ? ILE A 91  GLY A 95  
A 6 PRO A 39  ? GLY A 43  ? PRO A 39  GLY A 43  
A 7 LYS A 58  ? LEU A 62  ? LYS A 58  LEU A 62  
A 8 THR A 73  ? VAL A 75  ? THR A 73  VAL A 75  
# 
loop_
_pdbx_struct_sheet_hbond.sheet_id 
_pdbx_struct_sheet_hbond.range_id_1 
_pdbx_struct_sheet_hbond.range_id_2 
_pdbx_struct_sheet_hbond.range_1_label_atom_id 
_pdbx_struct_sheet_hbond.range_1_label_comp_id 
_pdbx_struct_sheet_hbond.range_1_label_asym_id 
_pdbx_struct_sheet_hbond.range_1_label_seq_id 
_pdbx_struct_sheet_hbond.range_1_PDB_ins_code 
_pdbx_struct_sheet_hbond.range_1_auth_atom_id 
_pdbx_struct_sheet_hbond.range_1_auth_comp_id 
_pdbx_struct_sheet_hbond.range_1_auth_asym_id 
_pdbx_struct_sheet_hbond.range_1_auth_seq_id 
_pdbx_struct_sheet_hbond.range_2_label_atom_id 
_pdbx_struct_sheet_hbond.range_2_label_comp_id 
_pdbx_struct_sheet_hbond.range_2_label_asym_id 
_pdbx_struct_sheet_hbond.range_2_label_seq_id 
_pdbx_struct_sheet_hbond.range_2_PDB_ins_code 
_pdbx_struct_sheet_hbond.range_2_auth_atom_id 
_pdbx_struct_sheet_hbond.range_2_auth_comp_id 
_pdbx_struct_sheet_hbond.range_2_auth_asym_id 
_pdbx_struct_sheet_hbond.range_2_auth_seq_id 
A 1 2 O GLU A 134 ? O GLU A 134 N GLU A 157 ? N GLU A 157 
A 2 3 O CYS A 152 ? O CYS A 152 N HIS A 114 ? N HIS A 114 
A 3 4 O GLN A 108 ? O GLN A 108 N ILE A 2   ? N ILE A 2   
A 4 5 O SER A 3   ? O SER A 3   N ILE A 91  ? N ILE A 91  
A 5 6 O MET A 92  ? O MET A 92  N PRO A 39  ? N PRO A 39  
A 6 7 O VAL A 40  ? O VAL A 40  N LYS A 58  ? N LYS A 58  
A 7 8 O ILE A 61  ? O ILE A 61  N THR A 73  ? N THR A 73  
# 
_struct_site.id                   AC1 
_struct_site.pdbx_evidence_code   Software 
_struct_site.pdbx_auth_asym_id    A 
_struct_site.pdbx_auth_comp_id    DDF 
_struct_site.pdbx_auth_seq_id     161 
_struct_site.pdbx_auth_ins_code   ? 
_struct_site.pdbx_num_residues    15 
_struct_site.details              'BINDING SITE FOR RESIDUE DDF A 161' 
# 
loop_
_struct_site_gen.id 
_struct_site_gen.site_id 
_struct_site_gen.pdbx_num_res 
_struct_site_gen.label_comp_id 
_struct_site_gen.label_asym_id 
_struct_site_gen.label_seq_id 
_struct_site_gen.pdbx_auth_ins_code 
_struct_site_gen.auth_comp_id 
_struct_site_gen.auth_asym_id 
_struct_site_gen.auth_seq_id 
_struct_site_gen.label_atom_id 
_struct_site_gen.label_alt_id 
_struct_site_gen.symmetry 
_struct_site_gen.details 
1  AC1 15 ILE A 5   ? ILE A 5   . ? 1_555 ? 
2  AC1 15 ALA A 6   ? ALA A 6   . ? 1_555 ? 
3  AC1 15 ALA A 7   ? ALA A 7   . ? 1_555 ? 
4  AC1 15 ASP A 27  ? ASP A 27  . ? 1_555 ? 
5  AC1 15 PHE A 31  ? PHE A 31  . ? 1_555 ? 
6  AC1 15 LYS A 32  ? LYS A 32  . ? 1_555 ? 
7  AC1 15 ARG A 52  ? ARG A 52  . ? 1_555 ? 
8  AC1 15 ARG A 57  ? ARG A 57  . ? 1_555 ? 
9  AC1 15 ILE A 94  ? ILE A 94  . ? 1_555 ? 
10 AC1 15 TYR A 100 ? TYR A 100 . ? 1_555 ? 
11 AC1 15 THR A 113 ? THR A 113 . ? 1_555 ? 
12 AC1 15 HOH C .   ? HOH A 300 . ? 1_555 ? 
13 AC1 15 HOH C .   ? HOH A 321 . ? 1_555 ? 
14 AC1 15 HOH C .   ? HOH A 331 . ? 1_555 ? 
15 AC1 15 HOH C .   ? HOH A 339 . ? 1_555 ? 
# 
_pdbx_validate_rmsd_bond.id                        1 
_pdbx_validate_rmsd_bond.PDB_model_num             1 
_pdbx_validate_rmsd_bond.auth_atom_id_1            CD 
_pdbx_validate_rmsd_bond.auth_asym_id_1            A 
_pdbx_validate_rmsd_bond.auth_comp_id_1            GLU 
_pdbx_validate_rmsd_bond.auth_seq_id_1             157 
_pdbx_validate_rmsd_bond.PDB_ins_code_1            ? 
_pdbx_validate_rmsd_bond.label_alt_id_1            ? 
_pdbx_validate_rmsd_bond.auth_atom_id_2            OE2 
_pdbx_validate_rmsd_bond.auth_asym_id_2            A 
_pdbx_validate_rmsd_bond.auth_comp_id_2            GLU 
_pdbx_validate_rmsd_bond.auth_seq_id_2             157 
_pdbx_validate_rmsd_bond.PDB_ins_code_2            ? 
_pdbx_validate_rmsd_bond.label_alt_id_2            ? 
_pdbx_validate_rmsd_bond.bond_value                1.322 
_pdbx_validate_rmsd_bond.bond_target_value         1.252 
_pdbx_validate_rmsd_bond.bond_deviation            0.070 
_pdbx_validate_rmsd_bond.bond_standard_deviation   0.011 
_pdbx_validate_rmsd_bond.linker_flag               N 
# 
loop_
_pdbx_validate_rmsd_angle.id 
_pdbx_validate_rmsd_angle.PDB_model_num 
_pdbx_validate_rmsd_angle.auth_atom_id_1 
_pdbx_validate_rmsd_angle.auth_asym_id_1 
_pdbx_validate_rmsd_angle.auth_comp_id_1 
_pdbx_validate_rmsd_angle.auth_seq_id_1 
_pdbx_validate_rmsd_angle.PDB_ins_code_1 
_pdbx_validate_rmsd_angle.label_alt_id_1 
_pdbx_validate_rmsd_angle.auth_atom_id_2 
_pdbx_validate_rmsd_angle.auth_asym_id_2 
_pdbx_validate_rmsd_angle.auth_comp_id_2 
_pdbx_validate_rmsd_angle.auth_seq_id_2 
_pdbx_validate_rmsd_angle.PDB_ins_code_2 
_pdbx_validate_rmsd_angle.label_alt_id_2 
_pdbx_validate_rmsd_angle.auth_atom_id_3 
_pdbx_validate_rmsd_angle.auth_asym_id_3 
_pdbx_validate_rmsd_angle.auth_comp_id_3 
_pdbx_validate_rmsd_angle.auth_seq_id_3 
_pdbx_validate_rmsd_angle.PDB_ins_code_3 
_pdbx_validate_rmsd_angle.label_alt_id_3 
_pdbx_validate_rmsd_angle.angle_value 
_pdbx_validate_rmsd_angle.angle_target_value 
_pdbx_validate_rmsd_angle.angle_deviation 
_pdbx_validate_rmsd_angle.angle_standard_deviation 
_pdbx_validate_rmsd_angle.linker_flag 
1  1 CB A ASP 11  ? ? CG A ASP 11  ? ? OD1 A ASP 11  ? ? 124.59 118.30 6.29   0.90 N 
2  1 CB A ASP 11  ? ? CG A ASP 11  ? ? OD2 A ASP 11  ? ? 109.55 118.30 -8.75  0.90 N 
3  1 NE A ARG 12  ? ? CZ A ARG 12  ? ? NH1 A ARG 12  ? ? 125.53 120.30 5.23   0.50 N 
4  1 NE A ARG 12  ? ? CZ A ARG 12  ? ? NH2 A ARG 12  ? ? 116.99 120.30 -3.31  0.50 N 
5  1 CB A ASP 69  ? ? CG A ASP 69  ? ? OD1 A ASP 69  ? ? 125.91 118.30 7.61   0.90 N 
6  1 CB A ASP 69  ? ? CG A ASP 69  ? ? OD2 A ASP 69  ? ? 109.90 118.30 -8.40  0.90 N 
7  1 CB A ASP 70  ? ? CG A ASP 70  ? ? OD1 A ASP 70  ? ? 124.16 118.30 5.86   0.90 N 
8  1 CB A ASP 70  ? ? CG A ASP 70  ? ? OD2 A ASP 70  ? ? 109.91 118.30 -8.39  0.90 N 
9  1 NE A ARG 71  ? ? CZ A ARG 71  ? ? NH1 A ARG 71  ? ? 124.09 120.30 3.79   0.50 N 
10 1 CB A ASP 79  ? ? CG A ASP 79  ? ? OD1 A ASP 79  ? ? 124.46 118.30 6.16   0.90 N 
11 1 CB A ASP 79  ? ? CG A ASP 79  ? ? OD2 A ASP 79  ? ? 111.69 118.30 -6.61  0.90 N 
12 1 CB A ASP 116 ? ? CA A ASP 116 ? ? C   A ASP 116 ? ? 125.41 110.40 15.01  2.00 N 
13 1 CB A ASP 122 ? ? CG A ASP 122 ? ? OD2 A ASP 122 ? ? 111.61 118.30 -6.69  0.90 N 
14 1 C  A GLU 129 ? ? N  A PRO 130 ? ? CD  A PRO 130 ? ? 114.28 128.40 -14.12 2.10 Y 
15 1 CB A ASP 132 ? ? CG A ASP 132 ? ? OD2 A ASP 132 ? ? 111.86 118.30 -6.44  0.90 N 
16 1 CB A ASP 142 ? ? CG A ASP 142 ? ? OD2 A ASP 142 ? ? 112.65 118.30 -5.65  0.90 N 
17 1 CB A ASP 144 ? ? CG A ASP 144 ? ? OD1 A ASP 144 ? ? 123.78 118.30 5.48   0.90 N 
18 1 CB A ASP 144 ? ? CG A ASP 144 ? ? OD2 A ASP 144 ? ? 111.93 118.30 -6.37  0.90 N 
19 1 NE A ARG 159 ? ? CZ A ARG 159 ? ? NH1 A ARG 159 ? ? 117.17 120.30 -3.13  0.50 N 
# 
loop_
_pdbx_validate_torsion.id 
_pdbx_validate_torsion.PDB_model_num 
_pdbx_validate_torsion.auth_comp_id 
_pdbx_validate_torsion.auth_asym_id 
_pdbx_validate_torsion.auth_seq_id 
_pdbx_validate_torsion.PDB_ins_code 
_pdbx_validate_torsion.label_alt_id 
_pdbx_validate_torsion.phi 
_pdbx_validate_torsion.psi 
1 1 ARG A 12 ? ? 54.59   16.42  
2 1 ASP A 69 ? ? -173.40 116.21 
# 
loop_
_chem_comp_atom.comp_id 
_chem_comp_atom.atom_id 
_chem_comp_atom.type_symbol 
_chem_comp_atom.pdbx_aromatic_flag 
_chem_comp_atom.pdbx_stereo_config 
_chem_comp_atom.pdbx_ordinal 
ALA N    N N N 1   
ALA CA   C N S 2   
ALA C    C N N 3   
ALA O    O N N 4   
ALA CB   C N N 5   
ALA OXT  O N N 6   
ALA H    H N N 7   
ALA H2   H N N 8   
ALA HA   H N N 9   
ALA HB1  H N N 10  
ALA HB2  H N N 11  
ALA HB3  H N N 12  
ALA HXT  H N N 13  
ARG N    N N N 14  
ARG CA   C N S 15  
ARG C    C N N 16  
ARG O    O N N 17  
ARG CB   C N N 18  
ARG CG   C N N 19  
ARG CD   C N N 20  
ARG NE   N N N 21  
ARG CZ   C N N 22  
ARG NH1  N N N 23  
ARG NH2  N N N 24  
ARG OXT  O N N 25  
ARG H    H N N 26  
ARG H2   H N N 27  
ARG HA   H N N 28  
ARG HB2  H N N 29  
ARG HB3  H N N 30  
ARG HG2  H N N 31  
ARG HG3  H N N 32  
ARG HD2  H N N 33  
ARG HD3  H N N 34  
ARG HE   H N N 35  
ARG HH11 H N N 36  
ARG HH12 H N N 37  
ARG HH21 H N N 38  
ARG HH22 H N N 39  
ARG HXT  H N N 40  
ASN N    N N N 41  
ASN CA   C N S 42  
ASN C    C N N 43  
ASN O    O N N 44  
ASN CB   C N N 45  
ASN CG   C N N 46  
ASN OD1  O N N 47  
ASN ND2  N N N 48  
ASN OXT  O N N 49  
ASN H    H N N 50  
ASN H2   H N N 51  
ASN HA   H N N 52  
ASN HB2  H N N 53  
ASN HB3  H N N 54  
ASN HD21 H N N 55  
ASN HD22 H N N 56  
ASN HXT  H N N 57  
ASP N    N N N 58  
ASP CA   C N S 59  
ASP C    C N N 60  
ASP O    O N N 61  
ASP CB   C N N 62  
ASP CG   C N N 63  
ASP OD1  O N N 64  
ASP OD2  O N N 65  
ASP OXT  O N N 66  
ASP H    H N N 67  
ASP H2   H N N 68  
ASP HA   H N N 69  
ASP HB2  H N N 70  
ASP HB3  H N N 71  
ASP HD2  H N N 72  
ASP HXT  H N N 73  
CYS N    N N N 74  
CYS CA   C N R 75  
CYS C    C N N 76  
CYS O    O N N 77  
CYS CB   C N N 78  
CYS SG   S N N 79  
CYS OXT  O N N 80  
CYS H    H N N 81  
CYS H2   H N N 82  
CYS HA   H N N 83  
CYS HB2  H N N 84  
CYS HB3  H N N 85  
CYS HG   H N N 86  
CYS HXT  H N N 87  
DDF N1   N Y N 88  
DDF C2   C Y N 89  
DDF NA2  N N N 90  
DDF N3   N Y N 91  
DDF C4   C Y N 92  
DDF O4   O N N 93  
DDF C4A  C Y N 94  
DDF C5   C N N 95  
DDF C6   C N R 96  
DDF C7   C N N 97  
DDF N8   N N N 98  
DDF C8A  C Y N 99  
DDF C9   C N N 100 
DDF C10  C N N 101 
DDF C11  C Y N 102 
DDF C12  C Y N 103 
DDF C13  C Y N 104 
DDF C14  C Y N 105 
DDF C15  C Y N 106 
DDF C16  C Y N 107 
DDF C    C N N 108 
DDF O    O N N 109 
DDF N    N N N 110 
DDF CA   C N S 111 
DDF CB   C N N 112 
DDF CG   C N N 113 
DDF CD   C N N 114 
DDF OE1  O N N 115 
DDF OE2  O N N 116 
DDF CT   C N N 117 
DDF O1   O N N 118 
DDF O2   O N N 119 
DDF HN1  H N N 120 
DDF HN21 H N N 121 
DDF HN22 H N N 122 
DDF H51  H N N 123 
DDF H52  H N N 124 
DDF H6   H N N 125 
DDF H71  H N N 126 
DDF H72  H N N 127 
DDF HN8  H N N 128 
DDF H91  H N N 129 
DDF H92  H N N 130 
DDF H101 H N N 131 
DDF H102 H N N 132 
DDF H12  H N N 133 
DDF H13  H N N 134 
DDF H15  H N N 135 
DDF H16  H N N 136 
DDF HN   H N N 137 
DDF HA   H N N 138 
DDF HB1  H N N 139 
DDF HB2  H N N 140 
DDF HG1  H N N 141 
DDF HG2  H N N 142 
DDF HOE2 H N N 143 
DDF HO2  H N N 144 
GLN N    N N N 145 
GLN CA   C N S 146 
GLN C    C N N 147 
GLN O    O N N 148 
GLN CB   C N N 149 
GLN CG   C N N 150 
GLN CD   C N N 151 
GLN OE1  O N N 152 
GLN NE2  N N N 153 
GLN OXT  O N N 154 
GLN H    H N N 155 
GLN H2   H N N 156 
GLN HA   H N N 157 
GLN HB2  H N N 158 
GLN HB3  H N N 159 
GLN HG2  H N N 160 
GLN HG3  H N N 161 
GLN HE21 H N N 162 
GLN HE22 H N N 163 
GLN HXT  H N N 164 
GLU N    N N N 165 
GLU CA   C N S 166 
GLU C    C N N 167 
GLU O    O N N 168 
GLU CB   C N N 169 
GLU CG   C N N 170 
GLU CD   C N N 171 
GLU OE1  O N N 172 
GLU OE2  O N N 173 
GLU OXT  O N N 174 
GLU H    H N N 175 
GLU H2   H N N 176 
GLU HA   H N N 177 
GLU HB2  H N N 178 
GLU HB3  H N N 179 
GLU HG2  H N N 180 
GLU HG3  H N N 181 
GLU HE2  H N N 182 
GLU HXT  H N N 183 
GLY N    N N N 184 
GLY CA   C N N 185 
GLY C    C N N 186 
GLY O    O N N 187 
GLY OXT  O N N 188 
GLY H    H N N 189 
GLY H2   H N N 190 
GLY HA2  H N N 191 
GLY HA3  H N N 192 
GLY HXT  H N N 193 
HIS N    N N N 194 
HIS CA   C N S 195 
HIS C    C N N 196 
HIS O    O N N 197 
HIS CB   C N N 198 
HIS CG   C Y N 199 
HIS ND1  N Y N 200 
HIS CD2  C Y N 201 
HIS CE1  C Y N 202 
HIS NE2  N Y N 203 
HIS OXT  O N N 204 
HIS H    H N N 205 
HIS H2   H N N 206 
HIS HA   H N N 207 
HIS HB2  H N N 208 
HIS HB3  H N N 209 
HIS HD1  H N N 210 
HIS HD2  H N N 211 
HIS HE1  H N N 212 
HIS HE2  H N N 213 
HIS HXT  H N N 214 
HOH O    O N N 215 
HOH H1   H N N 216 
HOH H2   H N N 217 
ILE N    N N N 218 
ILE CA   C N S 219 
ILE C    C N N 220 
ILE O    O N N 221 
ILE CB   C N S 222 
ILE CG1  C N N 223 
ILE CG2  C N N 224 
ILE CD1  C N N 225 
ILE OXT  O N N 226 
ILE H    H N N 227 
ILE H2   H N N 228 
ILE HA   H N N 229 
ILE HB   H N N 230 
ILE HG12 H N N 231 
ILE HG13 H N N 232 
ILE HG21 H N N 233 
ILE HG22 H N N 234 
ILE HG23 H N N 235 
ILE HD11 H N N 236 
ILE HD12 H N N 237 
ILE HD13 H N N 238 
ILE HXT  H N N 239 
LEU N    N N N 240 
LEU CA   C N S 241 
LEU C    C N N 242 
LEU O    O N N 243 
LEU CB   C N N 244 
LEU CG   C N N 245 
LEU CD1  C N N 246 
LEU CD2  C N N 247 
LEU OXT  O N N 248 
LEU H    H N N 249 
LEU H2   H N N 250 
LEU HA   H N N 251 
LEU HB2  H N N 252 
LEU HB3  H N N 253 
LEU HG   H N N 254 
LEU HD11 H N N 255 
LEU HD12 H N N 256 
LEU HD13 H N N 257 
LEU HD21 H N N 258 
LEU HD22 H N N 259 
LEU HD23 H N N 260 
LEU HXT  H N N 261 
LYS N    N N N 262 
LYS CA   C N S 263 
LYS C    C N N 264 
LYS O    O N N 265 
LYS CB   C N N 266 
LYS CG   C N N 267 
LYS CD   C N N 268 
LYS CE   C N N 269 
LYS NZ   N N N 270 
LYS OXT  O N N 271 
LYS H    H N N 272 
LYS H2   H N N 273 
LYS HA   H N N 274 
LYS HB2  H N N 275 
LYS HB3  H N N 276 
LYS HG2  H N N 277 
LYS HG3  H N N 278 
LYS HD2  H N N 279 
LYS HD3  H N N 280 
LYS HE2  H N N 281 
LYS HE3  H N N 282 
LYS HZ1  H N N 283 
LYS HZ2  H N N 284 
LYS HZ3  H N N 285 
LYS HXT  H N N 286 
MET N    N N N 287 
MET CA   C N S 288 
MET C    C N N 289 
MET O    O N N 290 
MET CB   C N N 291 
MET CG   C N N 292 
MET SD   S N N 293 
MET CE   C N N 294 
MET OXT  O N N 295 
MET H    H N N 296 
MET H2   H N N 297 
MET HA   H N N 298 
MET HB2  H N N 299 
MET HB3  H N N 300 
MET HG2  H N N 301 
MET HG3  H N N 302 
MET HE1  H N N 303 
MET HE2  H N N 304 
MET HE3  H N N 305 
MET HXT  H N N 306 
PHE N    N N N 307 
PHE CA   C N S 308 
PHE C    C N N 309 
PHE O    O N N 310 
PHE CB   C N N 311 
PHE CG   C Y N 312 
PHE CD1  C Y N 313 
PHE CD2  C Y N 314 
PHE CE1  C Y N 315 
PHE CE2  C Y N 316 
PHE CZ   C Y N 317 
PHE OXT  O N N 318 
PHE H    H N N 319 
PHE H2   H N N 320 
PHE HA   H N N 321 
PHE HB2  H N N 322 
PHE HB3  H N N 323 
PHE HD1  H N N 324 
PHE HD2  H N N 325 
PHE HE1  H N N 326 
PHE HE2  H N N 327 
PHE HZ   H N N 328 
PHE HXT  H N N 329 
PRO N    N N N 330 
PRO CA   C N S 331 
PRO C    C N N 332 
PRO O    O N N 333 
PRO CB   C N N 334 
PRO CG   C N N 335 
PRO CD   C N N 336 
PRO OXT  O N N 337 
PRO H    H N N 338 
PRO HA   H N N 339 
PRO HB2  H N N 340 
PRO HB3  H N N 341 
PRO HG2  H N N 342 
PRO HG3  H N N 343 
PRO HD2  H N N 344 
PRO HD3  H N N 345 
PRO HXT  H N N 346 
SER N    N N N 347 
SER CA   C N S 348 
SER C    C N N 349 
SER O    O N N 350 
SER CB   C N N 351 
SER OG   O N N 352 
SER OXT  O N N 353 
SER H    H N N 354 
SER H2   H N N 355 
SER HA   H N N 356 
SER HB2  H N N 357 
SER HB3  H N N 358 
SER HG   H N N 359 
SER HXT  H N N 360 
THR N    N N N 361 
THR CA   C N S 362 
THR C    C N N 363 
THR O    O N N 364 
THR CB   C N R 365 
THR OG1  O N N 366 
THR CG2  C N N 367 
THR OXT  O N N 368 
THR H    H N N 369 
THR H2   H N N 370 
THR HA   H N N 371 
THR HB   H N N 372 
THR HG1  H N N 373 
THR HG21 H N N 374 
THR HG22 H N N 375 
THR HG23 H N N 376 
THR HXT  H N N 377 
TRP N    N N N 378 
TRP CA   C N S 379 
TRP C    C N N 380 
TRP O    O N N 381 
TRP CB   C N N 382 
TRP CG   C Y N 383 
TRP CD1  C Y N 384 
TRP CD2  C Y N 385 
TRP NE1  N Y N 386 
TRP CE2  C Y N 387 
TRP CE3  C Y N 388 
TRP CZ2  C Y N 389 
TRP CZ3  C Y N 390 
TRP CH2  C Y N 391 
TRP OXT  O N N 392 
TRP H    H N N 393 
TRP H2   H N N 394 
TRP HA   H N N 395 
TRP HB2  H N N 396 
TRP HB3  H N N 397 
TRP HD1  H N N 398 
TRP HE1  H N N 399 
TRP HE3  H N N 400 
TRP HZ2  H N N 401 
TRP HZ3  H N N 402 
TRP HH2  H N N 403 
TRP HXT  H N N 404 
TYR N    N N N 405 
TYR CA   C N S 406 
TYR C    C N N 407 
TYR O    O N N 408 
TYR CB   C N N 409 
TYR CG   C Y N 410 
TYR CD1  C Y N 411 
TYR CD2  C Y N 412 
TYR CE1  C Y N 413 
TYR CE2  C Y N 414 
TYR CZ   C Y N 415 
TYR OH   O N N 416 
TYR OXT  O N N 417 
TYR H    H N N 418 
TYR H2   H N N 419 
TYR HA   H N N 420 
TYR HB2  H N N 421 
TYR HB3  H N N 422 
TYR HD1  H N N 423 
TYR HD2  H N N 424 
TYR HE1  H N N 425 
TYR HE2  H N N 426 
TYR HH   H N N 427 
TYR HXT  H N N 428 
VAL N    N N N 429 
VAL CA   C N S 430 
VAL C    C N N 431 
VAL O    O N N 432 
VAL CB   C N N 433 
VAL CG1  C N N 434 
VAL CG2  C N N 435 
VAL OXT  O N N 436 
VAL H    H N N 437 
VAL H2   H N N 438 
VAL HA   H N N 439 
VAL HB   H N N 440 
VAL HG11 H N N 441 
VAL HG12 H N N 442 
VAL HG13 H N N 443 
VAL HG21 H N N 444 
VAL HG22 H N N 445 
VAL HG23 H N N 446 
VAL HXT  H N N 447 
# 
loop_
_chem_comp_bond.comp_id 
_chem_comp_bond.atom_id_1 
_chem_comp_bond.atom_id_2 
_chem_comp_bond.value_order 
_chem_comp_bond.pdbx_aromatic_flag 
_chem_comp_bond.pdbx_stereo_config 
_chem_comp_bond.pdbx_ordinal 
ALA N   CA   sing N N 1   
ALA N   H    sing N N 2   
ALA N   H2   sing N N 3   
ALA CA  C    sing N N 4   
ALA CA  CB   sing N N 5   
ALA CA  HA   sing N N 6   
ALA C   O    doub N N 7   
ALA C   OXT  sing N N 8   
ALA CB  HB1  sing N N 9   
ALA CB  HB2  sing N N 10  
ALA CB  HB3  sing N N 11  
ALA OXT HXT  sing N N 12  
ARG N   CA   sing N N 13  
ARG N   H    sing N N 14  
ARG N   H2   sing N N 15  
ARG CA  C    sing N N 16  
ARG CA  CB   sing N N 17  
ARG CA  HA   sing N N 18  
ARG C   O    doub N N 19  
ARG C   OXT  sing N N 20  
ARG CB  CG   sing N N 21  
ARG CB  HB2  sing N N 22  
ARG CB  HB3  sing N N 23  
ARG CG  CD   sing N N 24  
ARG CG  HG2  sing N N 25  
ARG CG  HG3  sing N N 26  
ARG CD  NE   sing N N 27  
ARG CD  HD2  sing N N 28  
ARG CD  HD3  sing N N 29  
ARG NE  CZ   sing N N 30  
ARG NE  HE   sing N N 31  
ARG CZ  NH1  sing N N 32  
ARG CZ  NH2  doub N N 33  
ARG NH1 HH11 sing N N 34  
ARG NH1 HH12 sing N N 35  
ARG NH2 HH21 sing N N 36  
ARG NH2 HH22 sing N N 37  
ARG OXT HXT  sing N N 38  
ASN N   CA   sing N N 39  
ASN N   H    sing N N 40  
ASN N   H2   sing N N 41  
ASN CA  C    sing N N 42  
ASN CA  CB   sing N N 43  
ASN CA  HA   sing N N 44  
ASN C   O    doub N N 45  
ASN C   OXT  sing N N 46  
ASN CB  CG   sing N N 47  
ASN CB  HB2  sing N N 48  
ASN CB  HB3  sing N N 49  
ASN CG  OD1  doub N N 50  
ASN CG  ND2  sing N N 51  
ASN ND2 HD21 sing N N 52  
ASN ND2 HD22 sing N N 53  
ASN OXT HXT  sing N N 54  
ASP N   CA   sing N N 55  
ASP N   H    sing N N 56  
ASP N   H2   sing N N 57  
ASP CA  C    sing N N 58  
ASP CA  CB   sing N N 59  
ASP CA  HA   sing N N 60  
ASP C   O    doub N N 61  
ASP C   OXT  sing N N 62  
ASP CB  CG   sing N N 63  
ASP CB  HB2  sing N N 64  
ASP CB  HB3  sing N N 65  
ASP CG  OD1  doub N N 66  
ASP CG  OD2  sing N N 67  
ASP OD2 HD2  sing N N 68  
ASP OXT HXT  sing N N 69  
CYS N   CA   sing N N 70  
CYS N   H    sing N N 71  
CYS N   H2   sing N N 72  
CYS CA  C    sing N N 73  
CYS CA  CB   sing N N 74  
CYS CA  HA   sing N N 75  
CYS C   O    doub N N 76  
CYS C   OXT  sing N N 77  
CYS CB  SG   sing N N 78  
CYS CB  HB2  sing N N 79  
CYS CB  HB3  sing N N 80  
CYS SG  HG   sing N N 81  
CYS OXT HXT  sing N N 82  
DDF N1  C2   sing Y N 83  
DDF N1  C8A  sing Y N 84  
DDF N1  HN1  sing N N 85  
DDF C2  NA2  sing N N 86  
DDF C2  N3   doub Y N 87  
DDF NA2 HN21 sing N N 88  
DDF NA2 HN22 sing N N 89  
DDF N3  C4   sing Y N 90  
DDF C4  O4   doub N N 91  
DDF C4  C4A  sing Y N 92  
DDF C4A C5   sing N N 93  
DDF C4A C8A  doub Y N 94  
DDF C5  C6   sing N N 95  
DDF C5  H51  sing N N 96  
DDF C5  H52  sing N N 97  
DDF C6  C7   sing N N 98  
DDF C6  C9   sing N N 99  
DDF C6  H6   sing N N 100 
DDF C7  N8   sing N N 101 
DDF C7  H71  sing N N 102 
DDF C7  H72  sing N N 103 
DDF N8  C8A  sing N N 104 
DDF N8  HN8  sing N N 105 
DDF C9  C10  sing N N 106 
DDF C9  H91  sing N N 107 
DDF C9  H92  sing N N 108 
DDF C10 C14  sing N N 109 
DDF C10 H101 sing N N 110 
DDF C10 H102 sing N N 111 
DDF C11 C12  doub Y N 112 
DDF C11 C16  sing Y N 113 
DDF C11 C    sing N N 114 
DDF C12 C13  sing Y N 115 
DDF C12 H12  sing N N 116 
DDF C13 C14  doub Y N 117 
DDF C13 H13  sing N N 118 
DDF C14 C15  sing Y N 119 
DDF C15 C16  doub Y N 120 
DDF C15 H15  sing N N 121 
DDF C16 H16  sing N N 122 
DDF C   O    doub N N 123 
DDF C   N    sing N N 124 
DDF N   CA   sing N N 125 
DDF N   HN   sing N N 126 
DDF CA  CB   sing N N 127 
DDF CA  CT   sing N N 128 
DDF CA  HA   sing N N 129 
DDF CB  CG   sing N N 130 
DDF CB  HB1  sing N N 131 
DDF CB  HB2  sing N N 132 
DDF CG  CD   sing N N 133 
DDF CG  HG1  sing N N 134 
DDF CG  HG2  sing N N 135 
DDF CD  OE1  doub N N 136 
DDF CD  OE2  sing N N 137 
DDF OE2 HOE2 sing N N 138 
DDF CT  O1   doub N N 139 
DDF CT  O2   sing N N 140 
DDF O2  HO2  sing N N 141 
GLN N   CA   sing N N 142 
GLN N   H    sing N N 143 
GLN N   H2   sing N N 144 
GLN CA  C    sing N N 145 
GLN CA  CB   sing N N 146 
GLN CA  HA   sing N N 147 
GLN C   O    doub N N 148 
GLN C   OXT  sing N N 149 
GLN CB  CG   sing N N 150 
GLN CB  HB2  sing N N 151 
GLN CB  HB3  sing N N 152 
GLN CG  CD   sing N N 153 
GLN CG  HG2  sing N N 154 
GLN CG  HG3  sing N N 155 
GLN CD  OE1  doub N N 156 
GLN CD  NE2  sing N N 157 
GLN NE2 HE21 sing N N 158 
GLN NE2 HE22 sing N N 159 
GLN OXT HXT  sing N N 160 
GLU N   CA   sing N N 161 
GLU N   H    sing N N 162 
GLU N   H2   sing N N 163 
GLU CA  C    sing N N 164 
GLU CA  CB   sing N N 165 
GLU CA  HA   sing N N 166 
GLU C   O    doub N N 167 
GLU C   OXT  sing N N 168 
GLU CB  CG   sing N N 169 
GLU CB  HB2  sing N N 170 
GLU CB  HB3  sing N N 171 
GLU CG  CD   sing N N 172 
GLU CG  HG2  sing N N 173 
GLU CG  HG3  sing N N 174 
GLU CD  OE1  doub N N 175 
GLU CD  OE2  sing N N 176 
GLU OE2 HE2  sing N N 177 
GLU OXT HXT  sing N N 178 
GLY N   CA   sing N N 179 
GLY N   H    sing N N 180 
GLY N   H2   sing N N 181 
GLY CA  C    sing N N 182 
GLY CA  HA2  sing N N 183 
GLY CA  HA3  sing N N 184 
GLY C   O    doub N N 185 
GLY C   OXT  sing N N 186 
GLY OXT HXT  sing N N 187 
HIS N   CA   sing N N 188 
HIS N   H    sing N N 189 
HIS N   H2   sing N N 190 
HIS CA  C    sing N N 191 
HIS CA  CB   sing N N 192 
HIS CA  HA   sing N N 193 
HIS C   O    doub N N 194 
HIS C   OXT  sing N N 195 
HIS CB  CG   sing N N 196 
HIS CB  HB2  sing N N 197 
HIS CB  HB3  sing N N 198 
HIS CG  ND1  sing Y N 199 
HIS CG  CD2  doub Y N 200 
HIS ND1 CE1  doub Y N 201 
HIS ND1 HD1  sing N N 202 
HIS CD2 NE2  sing Y N 203 
HIS CD2 HD2  sing N N 204 
HIS CE1 NE2  sing Y N 205 
HIS CE1 HE1  sing N N 206 
HIS NE2 HE2  sing N N 207 
HIS OXT HXT  sing N N 208 
HOH O   H1   sing N N 209 
HOH O   H2   sing N N 210 
ILE N   CA   sing N N 211 
ILE N   H    sing N N 212 
ILE N   H2   sing N N 213 
ILE CA  C    sing N N 214 
ILE CA  CB   sing N N 215 
ILE CA  HA   sing N N 216 
ILE C   O    doub N N 217 
ILE C   OXT  sing N N 218 
ILE CB  CG1  sing N N 219 
ILE CB  CG2  sing N N 220 
ILE CB  HB   sing N N 221 
ILE CG1 CD1  sing N N 222 
ILE CG1 HG12 sing N N 223 
ILE CG1 HG13 sing N N 224 
ILE CG2 HG21 sing N N 225 
ILE CG2 HG22 sing N N 226 
ILE CG2 HG23 sing N N 227 
ILE CD1 HD11 sing N N 228 
ILE CD1 HD12 sing N N 229 
ILE CD1 HD13 sing N N 230 
ILE OXT HXT  sing N N 231 
LEU N   CA   sing N N 232 
LEU N   H    sing N N 233 
LEU N   H2   sing N N 234 
LEU CA  C    sing N N 235 
LEU CA  CB   sing N N 236 
LEU CA  HA   sing N N 237 
LEU C   O    doub N N 238 
LEU C   OXT  sing N N 239 
LEU CB  CG   sing N N 240 
LEU CB  HB2  sing N N 241 
LEU CB  HB3  sing N N 242 
LEU CG  CD1  sing N N 243 
LEU CG  CD2  sing N N 244 
LEU CG  HG   sing N N 245 
LEU CD1 HD11 sing N N 246 
LEU CD1 HD12 sing N N 247 
LEU CD1 HD13 sing N N 248 
LEU CD2 HD21 sing N N 249 
LEU CD2 HD22 sing N N 250 
LEU CD2 HD23 sing N N 251 
LEU OXT HXT  sing N N 252 
LYS N   CA   sing N N 253 
LYS N   H    sing N N 254 
LYS N   H2   sing N N 255 
LYS CA  C    sing N N 256 
LYS CA  CB   sing N N 257 
LYS CA  HA   sing N N 258 
LYS C   O    doub N N 259 
LYS C   OXT  sing N N 260 
LYS CB  CG   sing N N 261 
LYS CB  HB2  sing N N 262 
LYS CB  HB3  sing N N 263 
LYS CG  CD   sing N N 264 
LYS CG  HG2  sing N N 265 
LYS CG  HG3  sing N N 266 
LYS CD  CE   sing N N 267 
LYS CD  HD2  sing N N 268 
LYS CD  HD3  sing N N 269 
LYS CE  NZ   sing N N 270 
LYS CE  HE2  sing N N 271 
LYS CE  HE3  sing N N 272 
LYS NZ  HZ1  sing N N 273 
LYS NZ  HZ2  sing N N 274 
LYS NZ  HZ3  sing N N 275 
LYS OXT HXT  sing N N 276 
MET N   CA   sing N N 277 
MET N   H    sing N N 278 
MET N   H2   sing N N 279 
MET CA  C    sing N N 280 
MET CA  CB   sing N N 281 
MET CA  HA   sing N N 282 
MET C   O    doub N N 283 
MET C   OXT  sing N N 284 
MET CB  CG   sing N N 285 
MET CB  HB2  sing N N 286 
MET CB  HB3  sing N N 287 
MET CG  SD   sing N N 288 
MET CG  HG2  sing N N 289 
MET CG  HG3  sing N N 290 
MET SD  CE   sing N N 291 
MET CE  HE1  sing N N 292 
MET CE  HE2  sing N N 293 
MET CE  HE3  sing N N 294 
MET OXT HXT  sing N N 295 
PHE N   CA   sing N N 296 
PHE N   H    sing N N 297 
PHE N   H2   sing N N 298 
PHE CA  C    sing N N 299 
PHE CA  CB   sing N N 300 
PHE CA  HA   sing N N 301 
PHE C   O    doub N N 302 
PHE C   OXT  sing N N 303 
PHE CB  CG   sing N N 304 
PHE CB  HB2  sing N N 305 
PHE CB  HB3  sing N N 306 
PHE CG  CD1  doub Y N 307 
PHE CG  CD2  sing Y N 308 
PHE CD1 CE1  sing Y N 309 
PHE CD1 HD1  sing N N 310 
PHE CD2 CE2  doub Y N 311 
PHE CD2 HD2  sing N N 312 
PHE CE1 CZ   doub Y N 313 
PHE CE1 HE1  sing N N 314 
PHE CE2 CZ   sing Y N 315 
PHE CE2 HE2  sing N N 316 
PHE CZ  HZ   sing N N 317 
PHE OXT HXT  sing N N 318 
PRO N   CA   sing N N 319 
PRO N   CD   sing N N 320 
PRO N   H    sing N N 321 
PRO CA  C    sing N N 322 
PRO CA  CB   sing N N 323 
PRO CA  HA   sing N N 324 
PRO C   O    doub N N 325 
PRO C   OXT  sing N N 326 
PRO CB  CG   sing N N 327 
PRO CB  HB2  sing N N 328 
PRO CB  HB3  sing N N 329 
PRO CG  CD   sing N N 330 
PRO CG  HG2  sing N N 331 
PRO CG  HG3  sing N N 332 
PRO CD  HD2  sing N N 333 
PRO CD  HD3  sing N N 334 
PRO OXT HXT  sing N N 335 
SER N   CA   sing N N 336 
SER N   H    sing N N 337 
SER N   H2   sing N N 338 
SER CA  C    sing N N 339 
SER CA  CB   sing N N 340 
SER CA  HA   sing N N 341 
SER C   O    doub N N 342 
SER C   OXT  sing N N 343 
SER CB  OG   sing N N 344 
SER CB  HB2  sing N N 345 
SER CB  HB3  sing N N 346 
SER OG  HG   sing N N 347 
SER OXT HXT  sing N N 348 
THR N   CA   sing N N 349 
THR N   H    sing N N 350 
THR N   H2   sing N N 351 
THR CA  C    sing N N 352 
THR CA  CB   sing N N 353 
THR CA  HA   sing N N 354 
THR C   O    doub N N 355 
THR C   OXT  sing N N 356 
THR CB  OG1  sing N N 357 
THR CB  CG2  sing N N 358 
THR CB  HB   sing N N 359 
THR OG1 HG1  sing N N 360 
THR CG2 HG21 sing N N 361 
THR CG2 HG22 sing N N 362 
THR CG2 HG23 sing N N 363 
THR OXT HXT  sing N N 364 
TRP N   CA   sing N N 365 
TRP N   H    sing N N 366 
TRP N   H2   sing N N 367 
TRP CA  C    sing N N 368 
TRP CA  CB   sing N N 369 
TRP CA  HA   sing N N 370 
TRP C   O    doub N N 371 
TRP C   OXT  sing N N 372 
TRP CB  CG   sing N N 373 
TRP CB  HB2  sing N N 374 
TRP CB  HB3  sing N N 375 
TRP CG  CD1  doub Y N 376 
TRP CG  CD2  sing Y N 377 
TRP CD1 NE1  sing Y N 378 
TRP CD1 HD1  sing N N 379 
TRP CD2 CE2  doub Y N 380 
TRP CD2 CE3  sing Y N 381 
TRP NE1 CE2  sing Y N 382 
TRP NE1 HE1  sing N N 383 
TRP CE2 CZ2  sing Y N 384 
TRP CE3 CZ3  doub Y N 385 
TRP CE3 HE3  sing N N 386 
TRP CZ2 CH2  doub Y N 387 
TRP CZ2 HZ2  sing N N 388 
TRP CZ3 CH2  sing Y N 389 
TRP CZ3 HZ3  sing N N 390 
TRP CH2 HH2  sing N N 391 
TRP OXT HXT  sing N N 392 
TYR N   CA   sing N N 393 
TYR N   H    sing N N 394 
TYR N   H2   sing N N 395 
TYR CA  C    sing N N 396 
TYR CA  CB   sing N N 397 
TYR CA  HA   sing N N 398 
TYR C   O    doub N N 399 
TYR C   OXT  sing N N 400 
TYR CB  CG   sing N N 401 
TYR CB  HB2  sing N N 402 
TYR CB  HB3  sing N N 403 
TYR CG  CD1  doub Y N 404 
TYR CG  CD2  sing Y N 405 
TYR CD1 CE1  sing Y N 406 
TYR CD1 HD1  sing N N 407 
TYR CD2 CE2  doub Y N 408 
TYR CD2 HD2  sing N N 409 
TYR CE1 CZ   doub Y N 410 
TYR CE1 HE1  sing N N 411 
TYR CE2 CZ   sing Y N 412 
TYR CE2 HE2  sing N N 413 
TYR CZ  OH   sing N N 414 
TYR OH  HH   sing N N 415 
TYR OXT HXT  sing N N 416 
VAL N   CA   sing N N 417 
VAL N   H    sing N N 418 
VAL N   H2   sing N N 419 
VAL CA  C    sing N N 420 
VAL CA  CB   sing N N 421 
VAL CA  HA   sing N N 422 
VAL C   O    doub N N 423 
VAL C   OXT  sing N N 424 
VAL CB  CG1  sing N N 425 
VAL CB  CG2  sing N N 426 
VAL CB  HB   sing N N 427 
VAL CG1 HG11 sing N N 428 
VAL CG1 HG12 sing N N 429 
VAL CG1 HG13 sing N N 430 
VAL CG2 HG21 sing N N 431 
VAL CG2 HG22 sing N N 432 
VAL CG2 HG23 sing N N 433 
VAL OXT HXT  sing N N 434 
# 
_pdbx_initial_refinement_model.accession_code   ? 
_pdbx_initial_refinement_model.id               1 
_pdbx_initial_refinement_model.entity_id_list   ? 
_pdbx_initial_refinement_model.type             'experimental model' 
_pdbx_initial_refinement_model.source_name      Other 
_pdbx_initial_refinement_model.details          'DHFR-FOLATE COMPLEX' 
# 
_atom_sites.entry_id                    1RX5 
_atom_sites.fract_transf_matrix[1][1]   -0.01408353 
_atom_sites.fract_transf_matrix[1][2]   0.01259483 
_atom_sites.fract_transf_matrix[1][3]   0.02164208 
_atom_sites.fract_transf_matrix[2][1]   0.01559332 
_atom_sites.fract_transf_matrix[2][2]   0.01597644 
_atom_sites.fract_transf_matrix[2][3]   0.00084967 
_atom_sites.fract_transf_matrix[3][1]   -0.00517757 
_atom_sites.fract_transf_matrix[3][2]   0.00539972 
_atom_sites.fract_transf_matrix[3][3]   -0.00651172 
_atom_sites.fract_transf_vector[1]      0.780736 
_atom_sites.fract_transf_vector[2]      0.976240 
_atom_sites.fract_transf_vector[3]      0.129174 
# 
loop_
_atom_type.symbol 
C 
N 
O 
S 
# 
loop_
_atom_site.group_PDB 
_atom_site.id 
_atom_site.type_symbol 
_atom_site.label_atom_id 
_atom_site.label_alt_id 
_atom_site.label_comp_id 
_atom_site.label_asym_id 
_atom_site.label_entity_id 
_atom_site.label_seq_id 
_atom_site.pdbx_PDB_ins_code 
_atom_site.Cartn_x 
_atom_site.Cartn_y 
_atom_site.Cartn_z 
_atom_site.occupancy 
_atom_site.B_iso_or_equiv 
_atom_site.pdbx_formal_charge 
_atom_site.auth_seq_id 
_atom_site.auth_comp_id 
_atom_site.auth_asym_id 
_atom_site.auth_atom_id 
_atom_site.pdbx_PDB_model_num 
ATOM   1    N N   . MET A 1 1   ? 7.589   -9.340  -9.966  1.00 30.15 ? 1   MET A N   1 
ATOM   2    C CA  . MET A 1 1   ? 6.326   -8.703  -10.306 1.00 25.58 ? 1   MET A CA  1 
ATOM   3    C C   . MET A 1 1   ? 6.018   -7.625  -9.316  1.00 14.44 ? 1   MET A C   1 
ATOM   4    O O   . MET A 1 1   ? 6.074   -7.887  -8.141  1.00 17.07 ? 1   MET A O   1 
ATOM   5    C CB  . MET A 1 1   ? 5.174   -9.710  -10.258 1.00 25.49 ? 1   MET A CB  1 
ATOM   6    C CG  . MET A 1 1   ? 3.886   -9.096  -10.704 1.00 32.34 ? 1   MET A CG  1 
ATOM   7    S SD  . MET A 1 1   ? 2.505   -10.258 -10.591 1.00 41.24 ? 1   MET A SD  1 
ATOM   8    C CE  . MET A 1 1   ? 2.459   -10.461 -8.794  1.00 35.94 ? 1   MET A CE  1 
ATOM   9    N N   . ILE A 1 2   ? 5.707   -6.426  -9.799  1.00 12.14 ? 2   ILE A N   1 
ATOM   10   C CA  . ILE A 1 2   ? 5.376   -5.287  -8.930  1.00 17.07 ? 2   ILE A CA  1 
ATOM   11   C C   . ILE A 1 2   ? 3.907   -5.200  -8.536  1.00 18.75 ? 2   ILE A C   1 
ATOM   12   O O   . ILE A 1 2   ? 3.022   -5.353  -9.366  1.00 23.66 ? 2   ILE A O   1 
ATOM   13   C CB  . ILE A 1 2   ? 5.904   -3.962  -9.410  1.00 9.39  ? 2   ILE A CB  1 
ATOM   14   C CG1 . ILE A 1 2   ? 7.396   -4.092  -9.605  1.00 6.58  ? 2   ILE A CG1 1 
ATOM   15   C CG2 . ILE A 1 2   ? 5.638   -2.972  -8.316  1.00 17.15 ? 2   ILE A CG2 1 
ATOM   16   C CD1 . ILE A 1 2   ? 8.086   -2.818  -10.166 1.00 12.85 ? 2   ILE A CD1 1 
ATOM   17   N N   . SER A 1 3   ? 3.658   -4.966  -7.262  1.00 17.90 ? 3   SER A N   1 
ATOM   18   C CA  . SER A 1 3   ? 2.301   -4.877  -6.737  1.00 1.00  ? 3   SER A CA  1 
ATOM   19   C C   . SER A 1 3   ? 2.087   -3.666  -5.881  1.00 8.22  ? 3   SER A C   1 
ATOM   20   O O   . SER A 1 3   ? 3.006   -3.208  -5.186  1.00 12.23 ? 3   SER A O   1 
ATOM   21   C CB  . SER A 1 3   ? 1.939   -6.041  -5.885  1.00 2.74  ? 3   SER A CB  1 
ATOM   22   O OG  . SER A 1 3   ? 1.601   -7.090  -6.763  1.00 11.42 ? 3   SER A OG  1 
ATOM   23   N N   . LEU A 1 4   ? 0.875   -3.147  -5.955  1.00 1.00  ? 4   LEU A N   1 
ATOM   24   C CA  . LEU A 1 4   ? 0.559   -2.000  -5.172  1.00 6.26  ? 4   LEU A CA  1 
ATOM   25   C C   . LEU A 1 4   ? -0.517  -2.355  -4.136  1.00 6.73  ? 4   LEU A C   1 
ATOM   26   O O   . LEU A 1 4   ? -1.393  -3.197  -4.401  1.00 10.57 ? 4   LEU A O   1 
ATOM   27   C CB  . LEU A 1 4   ? 0.215   -0.808  -6.108  1.00 8.04  ? 4   LEU A CB  1 
ATOM   28   C CG  . LEU A 1 4   ? 1.351   0.114   -6.539  1.00 9.11  ? 4   LEU A CG  1 
ATOM   29   C CD1 . LEU A 1 4   ? 2.390   -0.507  -7.463  1.00 10.98 ? 4   LEU A CD1 1 
ATOM   30   C CD2 . LEU A 1 4   ? 0.785   1.408   -7.101  1.00 8.18  ? 4   LEU A CD2 1 
ATOM   31   N N   . ILE A 1 5   ? -0.479  -1.757  -2.953  1.00 4.52  ? 5   ILE A N   1 
ATOM   32   C CA  . ILE A 1 5   ? -1.536  -2.147  -1.996  1.00 5.18  ? 5   ILE A CA  1 
ATOM   33   C C   . ILE A 1 5   ? -1.960  -1.015  -1.155  1.00 10.02 ? 5   ILE A C   1 
ATOM   34   O O   . ILE A 1 5   ? -1.121  -0.360  -0.526  1.00 11.98 ? 5   ILE A O   1 
ATOM   35   C CB  . ILE A 1 5   ? -1.174  -3.257  -1.023  1.00 9.14  ? 5   ILE A CB  1 
ATOM   36   C CG1 . ILE A 1 5   ? -2.338  -3.541  -0.110  1.00 6.41  ? 5   ILE A CG1 1 
ATOM   37   C CG2 . ILE A 1 5   ? 0.069   -2.875  -0.181  1.00 9.33  ? 5   ILE A CG2 1 
ATOM   38   C CD1 . ILE A 1 5   ? -2.114  -4.861  0.646   1.00 13.46 ? 5   ILE A CD1 1 
ATOM   39   N N   . ALA A 1 6   ? -3.285  -0.849  -1.141  1.00 8.72  ? 6   ALA A N   1 
ATOM   40   C CA  . ALA A 1 6   ? -3.785  0.239   -0.359  1.00 10.38 ? 6   ALA A CA  1 
ATOM   41   C C   . ALA A 1 6   ? -5.228  0.183   0.062   1.00 11.77 ? 6   ALA A C   1 
ATOM   42   O O   . ALA A 1 6   ? -5.984  -0.685  -0.382  1.00 13.54 ? 6   ALA A O   1 
ATOM   43   C CB  . ALA A 1 6   ? -3.636  1.387   -1.304  1.00 11.31 ? 6   ALA A CB  1 
ATOM   44   N N   . ALA A 1 7   ? -5.553  1.132   0.950   1.00 12.72 ? 7   ALA A N   1 
ATOM   45   C CA  . ALA A 1 7   ? -6.891  1.355   1.549   1.00 14.32 ? 7   ALA A CA  1 
ATOM   46   C C   . ALA A 1 7   ? -7.390  2.753   1.115   1.00 19.77 ? 7   ALA A C   1 
ATOM   47   O O   . ALA A 1 7   ? -6.749  3.807   1.380   1.00 15.67 ? 7   ALA A O   1 
ATOM   48   C CB  . ALA A 1 7   ? -6.855  1.263   3.066   1.00 13.74 ? 7   ALA A CB  1 
ATOM   49   N N   . LEU A 1 8   ? -8.535  2.769   0.430   1.00 17.02 ? 8   LEU A N   1 
ATOM   50   C CA  . LEU A 1 8   ? -9.110  4.007   -0.055  1.00 19.92 ? 8   LEU A CA  1 
ATOM   51   C C   . LEU A 1 8   ? -10.483 4.201   0.466   1.00 22.25 ? 8   LEU A C   1 
ATOM   52   O O   . LEU A 1 8   ? -11.297 3.274   0.592   1.00 30.89 ? 8   LEU A O   1 
ATOM   53   C CB  . LEU A 1 8   ? -9.335  4.063   -1.565  1.00 19.88 ? 8   LEU A CB  1 
ATOM   54   C CG  . LEU A 1 8   ? -8.099  3.919   -2.396  1.00 26.54 ? 8   LEU A CG  1 
ATOM   55   C CD1 . LEU A 1 8   ? -7.854  2.438   -2.507  1.00 23.76 ? 8   LEU A CD1 1 
ATOM   56   C CD2 . LEU A 1 8   ? -8.386  4.486   -3.788  1.00 30.99 ? 8   LEU A CD2 1 
ATOM   57   N N   . ALA A 1 9   ? -10.676 5.463   0.732   1.00 24.29 ? 9   ALA A N   1 
ATOM   58   C CA  . ALA A 1 9   ? -11.888 6.041   1.248   1.00 24.50 ? 9   ALA A CA  1 
ATOM   59   C C   . ALA A 1 9   ? -12.676 6.563   0.075   1.00 28.63 ? 9   ALA A C   1 
ATOM   60   O O   . ALA A 1 9   ? -12.327 6.251   -1.071  1.00 28.14 ? 9   ALA A O   1 
ATOM   61   C CB  . ALA A 1 9   ? -11.434 7.156   2.150   1.00 14.18 ? 9   ALA A CB  1 
ATOM   62   N N   . VAL A 1 10  ? -13.709 7.341   0.362   1.00 30.82 ? 10  VAL A N   1 
ATOM   63   C CA  . VAL A 1 10  ? -14.495 7.877   -0.729  1.00 34.04 ? 10  VAL A CA  1 
ATOM   64   C C   . VAL A 1 10  ? -13.601 8.640   -1.674  1.00 29.76 ? 10  VAL A C   1 
ATOM   65   O O   . VAL A 1 10  ? -12.669 9.336   -1.293  1.00 35.23 ? 10  VAL A O   1 
ATOM   66   C CB  . VAL A 1 10  ? -15.769 8.588   -0.323  1.00 32.28 ? 10  VAL A CB  1 
ATOM   67   C CG1 . VAL A 1 10  ? -16.606 8.811   -1.558  1.00 36.21 ? 10  VAL A CG1 1 
ATOM   68   C CG2 . VAL A 1 10  ? -16.505 7.676   0.654   1.00 29.19 ? 10  VAL A CG2 1 
ATOM   69   N N   . ASP A 1 11  ? -13.825 8.469   -2.935  1.00 20.04 ? 11  ASP A N   1 
ATOM   70   C CA  . ASP A 1 11  ? -12.947 9.197   -3.811  1.00 30.67 ? 11  ASP A CA  1 
ATOM   71   C C   . ASP A 1 11  ? -11.434 8.987   -3.829  1.00 30.15 ? 11  ASP A C   1 
ATOM   72   O O   . ASP A 1 11  ? -10.703 9.979   -3.845  1.00 26.72 ? 11  ASP A O   1 
ATOM   73   C CB  . ASP A 1 11  ? -13.124 10.701  -3.684  1.00 49.63 ? 11  ASP A CB  1 
ATOM   74   C CG  . ASP A 1 11  ? -14.429 11.205  -4.194  1.00 56.52 ? 11  ASP A CG  1 
ATOM   75   O OD1 . ASP A 1 11  ? -15.161 10.589  -4.968  1.00 56.40 ? 11  ASP A OD1 1 
ATOM   76   O OD2 . ASP A 1 11  ? -14.683 12.368  -3.668  1.00 58.21 ? 11  ASP A OD2 1 
ATOM   77   N N   . ARG A 1 12  ? -10.925 7.771   -3.864  1.00 28.43 ? 12  ARG A N   1 
ATOM   78   C CA  . ARG A 1 12  ? -9.474  7.619   -3.942  1.00 21.86 ? 12  ARG A CA  1 
ATOM   79   C C   . ARG A 1 12  ? -8.606  8.299   -2.900  1.00 17.12 ? 12  ARG A C   1 
ATOM   80   O O   . ARG A 1 12  ? -7.377  8.441   -3.112  1.00 24.15 ? 12  ARG A O   1 
ATOM   81   C CB  . ARG A 1 12  ? -8.997  7.925   -5.348  1.00 24.16 ? 12  ARG A CB  1 
ATOM   82   C CG  . ARG A 1 12  ? -9.451  6.913   -6.405  1.00 27.57 ? 12  ARG A CG  1 
ATOM   83   C CD  . ARG A 1 12  ? -8.680  7.113   -7.702  1.00 31.63 ? 12  ARG A CD  1 
ATOM   84   N NE  . ARG A 1 12  ? -8.986  8.428   -8.238  1.00 36.59 ? 12  ARG A NE  1 
ATOM   85   C CZ  . ARG A 1 12  ? -8.268  9.562   -8.209  1.00 42.72 ? 12  ARG A CZ  1 
ATOM   86   N NH1 . ARG A 1 12  ? -7.064  9.700   -7.664  1.00 35.48 ? 12  ARG A NH1 1 
ATOM   87   N NH2 . ARG A 1 12  ? -8.809  10.635  -8.786  1.00 50.11 ? 12  ARG A NH2 1 
ATOM   88   N N   . VAL A 1 13  ? -9.220  8.718   -1.778  1.00 14.52 ? 13  VAL A N   1 
ATOM   89   C CA  . VAL A 1 13  ? -8.501  9.372   -0.671  1.00 24.50 ? 13  VAL A CA  1 
ATOM   90   C C   . VAL A 1 13  ? -7.735  8.362   0.203   1.00 23.74 ? 13  VAL A C   1 
ATOM   91   O O   . VAL A 1 13  ? -8.259  7.298   0.548   1.00 22.81 ? 13  VAL A O   1 
ATOM   92   C CB  . VAL A 1 13  ? -9.440  10.164  0.265   1.00 28.99 ? 13  VAL A CB  1 
ATOM   93   C CG1 . VAL A 1 13  ? -8.786  10.440  1.625   1.00 28.79 ? 13  VAL A CG1 1 
ATOM   94   C CG2 . VAL A 1 13  ? -9.842  11.485  -0.362  1.00 25.95 ? 13  VAL A CG2 1 
ATOM   95   N N   . ILE A 1 14  ? -6.521  8.746   0.558   1.00 21.57 ? 14  ILE A N   1 
ATOM   96   C CA  . ILE A 1 14  ? -5.646  7.940   1.382   1.00 23.94 ? 14  ILE A CA  1 
ATOM   97   C C   . ILE A 1 14  ? -4.954  8.755   2.510   1.00 36.94 ? 14  ILE A C   1 
ATOM   98   O O   . ILE A 1 14  ? -4.663  9.969   2.382   1.00 41.56 ? 14  ILE A O   1 
ATOM   99   C CB  . ILE A 1 14  ? -4.622  7.265   0.489   1.00 13.25 ? 14  ILE A CB  1 
ATOM   100  C CG1 . ILE A 1 14  ? -3.815  8.301   -0.226  1.00 8.62  ? 14  ILE A CG1 1 
ATOM   101  C CG2 . ILE A 1 14  ? -5.247  6.416   -0.608  1.00 13.49 ? 14  ILE A CG2 1 
ATOM   102  C CD1 . ILE A 1 14  ? -2.886  7.571   -1.138  1.00 9.84  ? 14  ILE A CD1 1 
ATOM   103  N N   . GLY A 1 15  ? -4.663  8.106   3.634   1.00 46.05 ? 15  GLY A N   1 
ATOM   104  C CA  . GLY A 1 15  ? -4.000  8.860   4.717   1.00 59.12 ? 15  GLY A CA  1 
ATOM   105  C C   . GLY A 1 15  ? -3.405  8.000   5.831   1.00 60.50 ? 15  GLY A C   1 
ATOM   106  O O   . GLY A 1 15  ? -3.601  6.776   5.906   1.00 63.32 ? 15  GLY A O   1 
ATOM   107  N N   . MET A 1 16  ? -2.675  8.648   6.719   1.00 56.97 ? 16  MET A N   1 
ATOM   108  C CA  . MET A 1 16  ? -2.099  7.857   7.773   1.00 61.18 ? 16  MET A CA  1 
ATOM   109  C C   . MET A 1 16  ? -3.030  7.273   8.768   1.00 60.65 ? 16  MET A C   1 
ATOM   110  O O   . MET A 1 16  ? -4.171  7.725   8.909   1.00 54.32 ? 16  MET A O   1 
ATOM   111  C CB  . MET A 1 16  ? -0.802  8.363   8.391   1.00 68.96 ? 16  MET A CB  1 
ATOM   112  C CG  . MET A 1 16  ? 0.266   7.795   7.489   1.00 78.37 ? 16  MET A CG  1 
ATOM   113  S SD  . MET A 1 16  ? -0.168  6.061   7.091   1.00 85.77 ? 16  MET A SD  1 
ATOM   114  C CE  . MET A 1 16  ? 1.546   5.464   6.985   1.00 82.30 ? 16  MET A CE  1 
ATOM   115  N N   . GLU A 1 17  ? -2.474  6.264   9.433   1.00 68.49 ? 17  GLU A N   1 
ATOM   116  C CA  . GLU A 1 17  ? -3.128  5.520   10.476  1.00 74.10 ? 17  GLU A CA  1 
ATOM   117  C C   . GLU A 1 17  ? -3.909  6.482   11.408  1.00 74.22 ? 17  GLU A C   1 
ATOM   118  O O   . GLU A 1 17  ? -5.140  6.419   11.572  1.00 77.93 ? 17  GLU A O   1 
ATOM   119  C CB  . GLU A 1 17  ? -2.026  4.760   11.285  1.00 77.53 ? 17  GLU A CB  1 
ATOM   120  C CG  . GLU A 1 17  ? -0.852  5.669   11.777  1.00 83.23 ? 17  GLU A CG  1 
ATOM   121  C CD  . GLU A 1 17  ? -0.497  5.589   13.274  1.00 87.30 ? 17  GLU A CD  1 
ATOM   122  O OE1 . GLU A 1 17  ? -1.346  4.878   13.982  1.00 89.63 ? 17  GLU A OE1 1 
ATOM   123  O OE2 . GLU A 1 17  ? 0.445   6.185   13.793  1.00 84.61 ? 17  GLU A OE2 1 
ATOM   124  N N   . ASN A 1 18  ? -3.191  7.408   12.042  1.00 67.85 ? 18  ASN A N   1 
ATOM   125  C CA  . ASN A 1 18  ? -3.850  8.348   12.952  1.00 68.70 ? 18  ASN A CA  1 
ATOM   126  C C   . ASN A 1 18  ? -4.670  9.423   12.244  1.00 70.78 ? 18  ASN A C   1 
ATOM   127  O O   . ASN A 1 18  ? -5.535  10.117  12.816  1.00 70.38 ? 18  ASN A O   1 
ATOM   128  C CB  . ASN A 1 18  ? -2.956  8.902   14.084  1.00 77.00 ? 18  ASN A CB  1 
ATOM   129  C CG  . ASN A 1 18  ? -2.235  7.882   14.990  1.00 81.15 ? 18  ASN A CG  1 
ATOM   130  O OD1 . ASN A 1 18  ? -2.779  6.838   15.435  1.00 79.77 ? 18  ASN A OD1 1 
ATOM   131  N ND2 . ASN A 1 18  ? -0.981  8.204   15.263  1.00 79.41 ? 18  ASN A ND2 1 
ATOM   132  N N   . ALA A 1 19  ? -4.374  9.550   10.952  1.00 71.42 ? 19  ALA A N   1 
ATOM   133  C CA  . ALA A 1 19  ? -5.056  10.491  10.112  1.00 66.34 ? 19  ALA A CA  1 
ATOM   134  C C   . ALA A 1 19  ? -6.435  9.883   9.849   1.00 69.60 ? 19  ALA A C   1 
ATOM   135  O O   . ALA A 1 19  ? -7.448  10.596  9.694   1.00 77.06 ? 19  ALA A O   1 
ATOM   136  C CB  . ALA A 1 19  ? -4.236  10.635  8.841   1.00 61.26 ? 19  ALA A CB  1 
ATOM   137  N N   . MET A 1 20  ? -6.427  8.528   9.824   1.00 63.20 ? 20  MET A N   1 
ATOM   138  C CA  . MET A 1 20  ? -7.607  7.681   9.582   1.00 55.62 ? 20  MET A CA  1 
ATOM   139  C C   . MET A 1 20  ? -8.615  7.557   10.675  1.00 46.85 ? 20  MET A C   1 
ATOM   140  O O   . MET A 1 20  ? -8.399  7.310   11.860  1.00 50.27 ? 20  MET A O   1 
ATOM   141  C CB  . MET A 1 20  ? -7.420  6.449   8.689   1.00 64.25 ? 20  MET A CB  1 
ATOM   142  C CG  . MET A 1 20  ? -6.431  6.774   7.581   1.00 72.08 ? 20  MET A CG  1 
ATOM   143  S SD  . MET A 1 20  ? -6.710  8.438   6.878   1.00 84.25 ? 20  MET A SD  1 
ATOM   144  C CE  . MET A 1 20  ? -7.727  8.084   5.416   1.00 77.76 ? 20  MET A CE  1 
ATOM   145  N N   . PRO A 1 21  ? -9.774  7.742   10.212  1.00 41.83 ? 21  PRO A N   1 
ATOM   146  C CA  . PRO A 1 21  ? -10.910 7.722   11.061  1.00 41.17 ? 21  PRO A CA  1 
ATOM   147  C C   . PRO A 1 21  ? -11.565 6.403   11.226  1.00 33.19 ? 21  PRO A C   1 
ATOM   148  O O   . PRO A 1 21  ? -12.449 6.239   12.081  1.00 36.24 ? 21  PRO A O   1 
ATOM   149  C CB  . PRO A 1 21  ? -11.845 8.740   10.414  1.00 49.92 ? 21  PRO A CB  1 
ATOM   150  C CG  . PRO A 1 21  ? -11.414 8.835   8.947   1.00 49.95 ? 21  PRO A CG  1 
ATOM   151  C CD  . PRO A 1 21  ? -9.968  8.365   8.887   1.00 42.16 ? 21  PRO A CD  1 
ATOM   152  N N   . TRP A 1 22  ? -11.139 5.449   10.427  1.00 26.19 ? 22  TRP A N   1 
ATOM   153  C CA  . TRP A 1 22  ? -11.757 4.141   10.535  1.00 28.72 ? 22  TRP A CA  1 
ATOM   154  C C   . TRP A 1 22  ? -11.005 3.173   11.443  1.00 25.58 ? 22  TRP A C   1 
ATOM   155  O O   . TRP A 1 22  ? -9.943  3.407   12.003  1.00 24.54 ? 22  TRP A O   1 
ATOM   156  C CB  . TRP A 1 22  ? -12.004 3.554   9.156   1.00 28.91 ? 22  TRP A CB  1 
ATOM   157  C CG  . TRP A 1 22  ? -10.703 3.287   8.461   1.00 35.63 ? 22  TRP A CG  1 
ATOM   158  C CD1 . TRP A 1 22  ? -9.805  2.342   8.824   1.00 35.21 ? 22  TRP A CD1 1 
ATOM   159  C CD2 . TRP A 1 22  ? -10.152 3.952   7.322   1.00 34.03 ? 22  TRP A CD2 1 
ATOM   160  N NE1 . TRP A 1 22  ? -8.740  2.364   7.980   1.00 32.84 ? 22  TRP A NE1 1 
ATOM   161  C CE2 . TRP A 1 22  ? -8.930  3.334   7.046   1.00 30.64 ? 22  TRP A CE2 1 
ATOM   162  C CE3 . TRP A 1 22  ? -10.583 4.987   6.507   1.00 36.75 ? 22  TRP A CE3 1 
ATOM   163  C CZ2 . TRP A 1 22  ? -8.136  3.716   5.982   1.00 37.10 ? 22  TRP A CZ2 1 
ATOM   164  C CZ3 . TRP A 1 22  ? -9.792  5.370   5.462   1.00 38.63 ? 22  TRP A CZ3 1 
ATOM   165  C CH2 . TRP A 1 22  ? -8.578  4.735   5.204   1.00 40.99 ? 22  TRP A CH2 1 
ATOM   166  N N   . ASN A 1 23  ? -11.583 2.031   11.583  1.00 27.78 ? 23  ASN A N   1 
ATOM   167  C CA  . ASN A 1 23  ? -10.936 1.096   12.431  1.00 27.78 ? 23  ASN A CA  1 
ATOM   168  C C   . ASN A 1 23  ? -11.365 -0.246  11.967  1.00 21.00 ? 23  ASN A C   1 
ATOM   169  O O   . ASN A 1 23  ? -12.458 -0.765  12.263  1.00 14.57 ? 23  ASN A O   1 
ATOM   170  C CB  . ASN A 1 23  ? -11.278 1.477   13.901  1.00 41.92 ? 23  ASN A CB  1 
ATOM   171  C CG  . ASN A 1 23  ? -10.753 0.645   15.069  1.00 42.06 ? 23  ASN A CG  1 
ATOM   172  O OD1 . ASN A 1 23  ? -9.541  0.446   15.234  1.00 40.43 ? 23  ASN A OD1 1 
ATOM   173  N ND2 . ASN A 1 23  ? -11.677 0.234   15.950  1.00 41.38 ? 23  ASN A ND2 1 
ATOM   174  N N   . LEU A 1 24  ? -10.435 -0.784  11.184  1.00 25.20 ? 24  LEU A N   1 
ATOM   175  C CA  . LEU A 1 24  ? -10.619 -2.089  10.595  1.00 24.55 ? 24  LEU A CA  1 
ATOM   176  C C   . LEU A 1 24  ? -9.431  -3.025  10.709  1.00 27.42 ? 24  LEU A C   1 
ATOM   177  O O   . LEU A 1 24  ? -8.511  -3.035  9.909   1.00 28.79 ? 24  LEU A O   1 
ATOM   178  C CB  . LEU A 1 24  ? -10.875 -1.925  9.115   1.00 28.62 ? 24  LEU A CB  1 
ATOM   179  C CG  . LEU A 1 24  ? -11.846 -0.822  8.775   1.00 18.19 ? 24  LEU A CG  1 
ATOM   180  C CD1 . LEU A 1 24  ? -11.400 -0.441  7.383   1.00 25.57 ? 24  LEU A CD1 1 
ATOM   181  C CD2 . LEU A 1 24  ? -13.263 -1.413  8.742   1.00 7.08  ? 24  LEU A CD2 1 
ATOM   182  N N   . PRO A 1 25  ? -9.493  -3.834  11.734  1.00 37.91 ? 25  PRO A N   1 
ATOM   183  C CA  . PRO A 1 25  ? -8.489  -4.825  12.004  1.00 34.89 ? 25  PRO A CA  1 
ATOM   184  C C   . PRO A 1 25  ? -8.468  -5.863  10.857  1.00 27.36 ? 25  PRO A C   1 
ATOM   185  O O   . PRO A 1 25  ? -7.414  -6.415  10.492  1.00 23.85 ? 25  PRO A O   1 
ATOM   186  C CB  . PRO A 1 25  ? -8.968  -5.479  13.301  1.00 35.76 ? 25  PRO A CB  1 
ATOM   187  C CG  . PRO A 1 25  ? -10.204 -4.709  13.786  1.00 31.13 ? 25  PRO A CG  1 
ATOM   188  C CD  . PRO A 1 25  ? -10.258 -3.464  12.959  1.00 32.72 ? 25  PRO A CD  1 
ATOM   189  N N   . ALA A 1 26  ? -9.643  -6.131  10.251  1.00 13.44 ? 26  ALA A N   1 
ATOM   190  C CA  . ALA A 1 26  ? -9.647  -7.092  9.163   1.00 3.01  ? 26  ALA A CA  1 
ATOM   191  C C   . ALA A 1 26  ? -8.796  -6.574  8.011   1.00 13.51 ? 26  ALA A C   1 
ATOM   192  O O   . ALA A 1 26  ? -8.114  -7.340  7.337   1.00 23.27 ? 26  ALA A O   1 
ATOM   193  C CB  . ALA A 1 26  ? -11.023 -7.425  8.689   1.00 11.41 ? 26  ALA A CB  1 
ATOM   194  N N   . ASP A 1 27  ? -8.831  -5.261  7.780   1.00 10.07 ? 27  ASP A N   1 
ATOM   195  C CA  . ASP A 1 27  ? -8.029  -4.668  6.726   1.00 16.54 ? 27  ASP A CA  1 
ATOM   196  C C   . ASP A 1 27  ? -6.505  -4.933  6.970   1.00 26.32 ? 27  ASP A C   1 
ATOM   197  O O   . ASP A 1 27  ? -5.733  -5.259  6.059   1.00 22.25 ? 27  ASP A O   1 
ATOM   198  C CB  . ASP A 1 27  ? -8.283  -3.142  6.591   1.00 11.17 ? 27  ASP A CB  1 
ATOM   199  C CG  . ASP A 1 27  ? -7.466  -2.499  5.497   1.00 11.12 ? 27  ASP A CG  1 
ATOM   200  O OD1 . ASP A 1 27  ? -7.278  -3.036  4.420   1.00 5.77  ? 27  ASP A OD1 1 
ATOM   201  O OD2 . ASP A 1 27  ? -6.838  -1.382  5.859   1.00 23.00 ? 27  ASP A OD2 1 
ATOM   202  N N   . LEU A 1 28  ? -6.065  -4.803  8.245   1.00 29.35 ? 28  LEU A N   1 
ATOM   203  C CA  . LEU A 1 28  ? -4.664  -5.023  8.599   1.00 22.82 ? 28  LEU A CA  1 
ATOM   204  C C   . LEU A 1 28  ? -4.191  -6.471  8.454   1.00 15.71 ? 28  LEU A C   1 
ATOM   205  O O   . LEU A 1 28  ? -3.037  -6.743  8.145   1.00 15.40 ? 28  LEU A O   1 
ATOM   206  C CB  . LEU A 1 28  ? -4.399  -4.489  9.990   1.00 24.76 ? 28  LEU A CB  1 
ATOM   207  C CG  . LEU A 1 28  ? -4.545  -2.988  10.038  1.00 23.94 ? 28  LEU A CG  1 
ATOM   208  C CD1 . LEU A 1 28  ? -4.665  -2.636  11.515  1.00 27.08 ? 28  LEU A CD1 1 
ATOM   209  C CD2 . LEU A 1 28  ? -3.299  -2.323  9.441   1.00 15.60 ? 28  LEU A CD2 1 
ATOM   210  N N   . ALA A 1 29  ? -5.128  -7.385  8.705   1.00 10.75 ? 29  ALA A N   1 
ATOM   211  C CA  . ALA A 1 29  ? -4.918  -8.803  8.610   1.00 10.99 ? 29  ALA A CA  1 
ATOM   212  C C   . ALA A 1 29  ? -4.707  -9.075  7.125   1.00 16.09 ? 29  ALA A C   1 
ATOM   213  O O   . ALA A 1 29  ? -3.842  -9.787  6.642   1.00 21.94 ? 29  ALA A O   1 
ATOM   214  C CB  . ALA A 1 29  ? -6.179  -9.466  9.095   1.00 5.22  ? 29  ALA A CB  1 
ATOM   215  N N   . TRP A 1 30  ? -5.530  -8.438  6.381   1.00 13.92 ? 30  TRP A N   1 
ATOM   216  C CA  . TRP A 1 30  ? -5.462  -8.555  4.982   1.00 15.59 ? 30  TRP A CA  1 
ATOM   217  C C   . TRP A 1 30  ? -4.131  -7.998  4.459   1.00 16.49 ? 30  TRP A C   1 
ATOM   218  O O   . TRP A 1 30  ? -3.454  -8.595  3.620   1.00 19.70 ? 30  TRP A O   1 
ATOM   219  C CB  . TRP A 1 30  ? -6.643  -7.777  4.430   1.00 10.87 ? 30  TRP A CB  1 
ATOM   220  C CG  . TRP A 1 30  ? -6.522  -7.424  3.002   1.00 21.33 ? 30  TRP A CG  1 
ATOM   221  C CD1 . TRP A 1 30  ? -6.080  -6.236  2.450   1.00 22.49 ? 30  TRP A CD1 1 
ATOM   222  C CD2 . TRP A 1 30  ? -6.870  -8.270  1.929   1.00 16.99 ? 30  TRP A CD2 1 
ATOM   223  N NE1 . TRP A 1 30  ? -6.139  -6.290  1.050   1.00 13.45 ? 30  TRP A NE1 1 
ATOM   224  C CE2 . TRP A 1 30  ? -6.627  -7.554  0.708   1.00 20.13 ? 30  TRP A CE2 1 
ATOM   225  C CE3 . TRP A 1 30  ? -7.359  -9.552  1.895   1.00 7.12  ? 30  TRP A CE3 1 
ATOM   226  C CZ2 . TRP A 1 30  ? -6.885  -8.140  -0.540  1.00 15.63 ? 30  TRP A CZ2 1 
ATOM   227  C CZ3 . TRP A 1 30  ? -7.609  -10.123 0.677   1.00 11.83 ? 30  TRP A CZ3 1 
ATOM   228  C CH2 . TRP A 1 30  ? -7.377  -9.406  -0.534  1.00 9.88  ? 30  TRP A CH2 1 
ATOM   229  N N   . PHE A 1 31  ? -3.724  -6.838  4.958   1.00 7.08  ? 31  PHE A N   1 
ATOM   230  C CA  . PHE A 1 31  ? -2.475  -6.268  4.493   1.00 3.18  ? 31  PHE A CA  1 
ATOM   231  C C   . PHE A 1 31  ? -1.252  -7.141  4.881   1.00 13.74 ? 31  PHE A C   1 
ATOM   232  O O   . PHE A 1 31  ? -0.276  -7.421  4.129   1.00 11.59 ? 31  PHE A O   1 
ATOM   233  C CB  . PHE A 1 31  ? -2.433  -4.883  5.108   1.00 7.03  ? 31  PHE A CB  1 
ATOM   234  C CG  . PHE A 1 31  ? -1.073  -4.291  5.176   1.00 9.73  ? 31  PHE A CG  1 
ATOM   235  C CD1 . PHE A 1 31  ? -0.199  -4.629  6.207   1.00 15.75 ? 31  PHE A CD1 1 
ATOM   236  C CD2 . PHE A 1 31  ? -0.638  -3.377  4.218   1.00 14.34 ? 31  PHE A CD2 1 
ATOM   237  C CE1 . PHE A 1 31  ? 1.076   -4.071  6.297   1.00 8.22  ? 31  PHE A CE1 1 
ATOM   238  C CE2 . PHE A 1 31  ? 0.642   -2.822  4.280   1.00 12.27 ? 31  PHE A CE2 1 
ATOM   239  C CZ  . PHE A 1 31  ? 1.501   -3.169  5.320   1.00 7.52  ? 31  PHE A CZ  1 
ATOM   240  N N   . LYS A 1 32  ? -1.315  -7.623  6.121   1.00 14.08 ? 32  LYS A N   1 
ATOM   241  C CA  . LYS A 1 32  ? -0.281  -8.431  6.636   1.00 14.52 ? 32  LYS A CA  1 
ATOM   242  C C   . LYS A 1 32  ? -0.040  -9.657  5.797   1.00 19.80 ? 32  LYS A C   1 
ATOM   243  O O   . LYS A 1 32  ? 1.071   -9.965  5.380   1.00 18.28 ? 32  LYS A O   1 
ATOM   244  C CB  . LYS A 1 32  ? -0.655  -8.841  8.030   1.00 10.56 ? 32  LYS A CB  1 
ATOM   245  C CG  . LYS A 1 32  ? 0.505   -9.445  8.783   1.00 13.10 ? 32  LYS A CG  1 
ATOM   246  C CD  . LYS A 1 32  ? 0.018   -10.289 9.949   1.00 21.77 ? 32  LYS A CD  1 
ATOM   247  C CE  . LYS A 1 32  ? 1.115   -10.548 10.947  1.00 28.18 ? 32  LYS A CE  1 
ATOM   248  N NZ  . LYS A 1 32  ? 2.028   -9.409  11.067  1.00 32.69 ? 32  LYS A NZ  1 
ATOM   249  N N   . ARG A 1 33  ? -1.120  -10.361 5.567   1.00 15.81 ? 33  ARG A N   1 
ATOM   250  C CA  . ARG A 1 33  ? -1.100  -11.562 4.817   1.00 23.04 ? 33  ARG A CA  1 
ATOM   251  C C   . ARG A 1 33  ? -0.617  -11.357 3.392   1.00 25.87 ? 33  ARG A C   1 
ATOM   252  O O   . ARG A 1 33  ? -0.016  -12.246 2.754   1.00 23.53 ? 33  ARG A O   1 
ATOM   253  C CB  . ARG A 1 33  ? -2.538  -12.093 4.893   1.00 32.16 ? 33  ARG A CB  1 
ATOM   254  C CG  . ARG A 1 33  ? -2.994  -13.131 3.892   1.00 38.59 ? 33  ARG A CG  1 
ATOM   255  C CD  . ARG A 1 33  ? -4.378  -13.682 4.276   1.00 56.79 ? 33  ARG A CD  1 
ATOM   256  N NE  . ARG A 1 33  ? -5.529  -12.767 4.127   1.00 72.92 ? 33  ARG A NE  1 
ATOM   257  C CZ  . ARG A 1 33  ? -6.263  -12.231 5.122   1.00 81.88 ? 33  ARG A CZ  1 
ATOM   258  N NH1 . ARG A 1 33  ? -6.018  -12.478 6.405   1.00 83.91 ? 33  ARG A NH1 1 
ATOM   259  N NH2 . ARG A 1 33  ? -7.282  -11.420 4.816   1.00 83.12 ? 33  ARG A NH2 1 
ATOM   260  N N   . ASN A 1 34  ? -0.880  -10.178 2.858   1.00 18.60 ? 34  ASN A N   1 
ATOM   261  C CA  . ASN A 1 34  ? -0.469  -9.957  1.506   1.00 10.04 ? 34  ASN A CA  1 
ATOM   262  C C   . ASN A 1 34  ? 0.884   -9.338  1.338   1.00 14.34 ? 34  ASN A C   1 
ATOM   263  O O   . ASN A 1 34  ? 1.339   -9.327  0.204   1.00 15.26 ? 34  ASN A O   1 
ATOM   264  C CB  . ASN A 1 34  ? -1.505  -9.231  0.651   1.00 14.42 ? 34  ASN A CB  1 
ATOM   265  C CG  . ASN A 1 34  ? -2.825  -9.950  0.559   1.00 21.43 ? 34  ASN A CG  1 
ATOM   266  O OD1 . ASN A 1 34  ? -2.949  -11.044 -0.067  1.00 11.92 ? 34  ASN A OD1 1 
ATOM   267  N ND2 . ASN A 1 34  ? -3.819  -9.340  1.210   1.00 19.54 ? 34  ASN A ND2 1 
ATOM   268  N N   . THR A 1 35  ? 1.517   -8.837  2.431   1.00 11.89 ? 35  THR A N   1 
ATOM   269  C CA  . THR A 1 35  ? 2.831   -8.235  2.349   1.00 9.00  ? 35  THR A CA  1 
ATOM   270  C C   . THR A 1 35  ? 3.893   -9.095  3.054   1.00 19.08 ? 35  THR A C   1 
ATOM   271  O O   . THR A 1 35  ? 5.138   -8.938  2.869   1.00 13.31 ? 35  THR A O   1 
ATOM   272  C CB  . THR A 1 35  ? 2.817   -6.845  3.010   1.00 7.18  ? 35  THR A CB  1 
ATOM   273  O OG1 . THR A 1 35  ? 2.409   -7.045  4.344   1.00 12.93 ? 35  THR A OG1 1 
ATOM   274  C CG2 . THR A 1 35  ? 1.791   -6.012  2.280   1.00 1.00  ? 35  THR A CG2 1 
ATOM   275  N N   . LEU A 1 36  ? 3.405   -10.003 3.894   1.00 24.45 ? 36  LEU A N   1 
ATOM   276  C CA  . LEU A 1 36  ? 4.318   -10.879 4.664   1.00 23.71 ? 36  LEU A CA  1 
ATOM   277  C C   . LEU A 1 36  ? 5.261   -11.755 3.868   1.00 15.09 ? 36  LEU A C   1 
ATOM   278  O O   . LEU A 1 36  ? 4.841   -12.432 2.948   1.00 19.81 ? 36  LEU A O   1 
ATOM   279  C CB  . LEU A 1 36  ? 3.547   -11.788 5.600   1.00 20.26 ? 36  LEU A CB  1 
ATOM   280  C CG  . LEU A 1 36  ? 4.453   -12.375 6.634   1.00 15.27 ? 36  LEU A CG  1 
ATOM   281  C CD1 . LEU A 1 36  ? 5.009   -11.230 7.453   1.00 10.61 ? 36  LEU A CD1 1 
ATOM   282  C CD2 . LEU A 1 36  ? 3.616   -13.277 7.498   1.00 14.14 ? 36  LEU A CD2 1 
ATOM   283  N N   . ASP A 1 37  ? 6.541   -11.748 4.231   1.00 22.16 ? 37  ASP A N   1 
ATOM   284  C CA  . ASP A 1 37  ? 7.513   -12.563 3.516   1.00 17.53 ? 37  ASP A CA  1 
ATOM   285  C C   . ASP A 1 37  ? 7.861   -11.990 2.164   1.00 20.03 ? 37  ASP A C   1 
ATOM   286  O O   . ASP A 1 37  ? 8.494   -12.638 1.347   1.00 23.99 ? 37  ASP A O   1 
ATOM   287  C CB  . ASP A 1 37  ? 7.204   -14.076 3.489   1.00 22.02 ? 37  ASP A CB  1 
ATOM   288  C CG  . ASP A 1 37  ? 7.088   -14.614 4.903   1.00 30.89 ? 37  ASP A CG  1 
ATOM   289  O OD1 . ASP A 1 37  ? 7.920   -14.388 5.746   1.00 38.78 ? 37  ASP A OD1 1 
ATOM   290  O OD2 . ASP A 1 37  ? 5.898   -15.082 5.198   1.00 35.35 ? 37  ASP A OD2 1 
ATOM   291  N N   . LYS A 1 38  ? 7.459   -10.736 1.930   1.00 17.64 ? 38  LYS A N   1 
ATOM   292  C CA  . LYS A 1 38  ? 7.716   -10.009 0.683   1.00 10.12 ? 38  LYS A CA  1 
ATOM   293  C C   . LYS A 1 38  ? 8.359   -8.670  1.004   1.00 11.42 ? 38  LYS A C   1 
ATOM   294  O O   . LYS A 1 38  ? 8.190   -8.144  2.112   1.00 17.17 ? 38  LYS A O   1 
ATOM   295  C CB  . LYS A 1 38  ? 6.402   -9.654  -0.059  1.00 4.55  ? 38  LYS A CB  1 
ATOM   296  C CG  . LYS A 1 38  ? 5.617   -10.827 -0.588  1.00 11.73 ? 38  LYS A CG  1 
ATOM   297  C CD  . LYS A 1 38  ? 4.267   -10.475 -1.223  1.00 13.15 ? 38  LYS A CD  1 
ATOM   298  C CE  . LYS A 1 38  ? 3.127   -11.421 -0.867  1.00 19.31 ? 38  LYS A CE  1 
ATOM   299  N NZ  . LYS A 1 38  ? 1.857   -11.243 -1.627  1.00 24.79 ? 38  LYS A NZ  1 
ATOM   300  N N   . PRO A 1 39  ? 9.054   -8.117  0.022   1.00 10.25 ? 39  PRO A N   1 
ATOM   301  C CA  . PRO A 1 39  ? 9.680   -6.808  0.197   1.00 18.84 ? 39  PRO A CA  1 
ATOM   302  C C   . PRO A 1 39  ? 8.628   -5.758  0.122   1.00 11.42 ? 39  PRO A C   1 
ATOM   303  O O   . PRO A 1 39  ? 7.629   -5.914  -0.529  1.00 5.71  ? 39  PRO A O   1 
ATOM   304  C CB  . PRO A 1 39  ? 10.559  -6.533  -1.005  1.00 8.82  ? 39  PRO A CB  1 
ATOM   305  C CG  . PRO A 1 39  ? 10.597  -7.836  -1.813  1.00 9.69  ? 39  PRO A CG  1 
ATOM   306  C CD  . PRO A 1 39  ? 9.744   -8.853  -1.059  1.00 9.89  ? 39  PRO A CD  1 
ATOM   307  N N   . VAL A 1 40  ? 8.858   -4.707  0.793   1.00 10.60 ? 40  VAL A N   1 
ATOM   308  C CA  . VAL A 1 40  ? 7.901   -3.659  0.757   1.00 4.59  ? 40  VAL A CA  1 
ATOM   309  C C   . VAL A 1 40  ? 8.598   -2.340  0.603   1.00 7.58  ? 40  VAL A C   1 
ATOM   310  O O   . VAL A 1 40  ? 9.510   -2.027  1.371   1.00 8.20  ? 40  VAL A O   1 
ATOM   311  C CB  . VAL A 1 40  ? 7.007   -3.557  1.997   1.00 1.00  ? 40  VAL A CB  1 
ATOM   312  C CG1 . VAL A 1 40  ? 6.164   -4.782  2.231   1.00 1.70  ? 40  VAL A CG1 1 
ATOM   313  C CG2 . VAL A 1 40  ? 7.826   -3.278  3.248   1.00 10.79 ? 40  VAL A CG2 1 
ATOM   314  N N   . ILE A 1 41  ? 8.139   -1.570  -0.424  1.00 10.47 ? 41  ILE A N   1 
ATOM   315  C CA  . ILE A 1 41  ? 8.672   -0.268  -0.692  1.00 2.73  ? 41  ILE A CA  1 
ATOM   316  C C   . ILE A 1 41  ? 7.779   0.850   -0.121  1.00 1.67  ? 41  ILE A C   1 
ATOM   317  O O   . ILE A 1 41  ? 6.576   0.800   -0.167  1.00 1.23  ? 41  ILE A O   1 
ATOM   318  C CB  . ILE A 1 41  ? 9.066   -0.044  -2.138  1.00 2.93  ? 41  ILE A CB  1 
ATOM   319  C CG1 . ILE A 1 41  ? 10.021  -1.184  -2.578  1.00 14.35 ? 41  ILE A CG1 1 
ATOM   320  C CG2 . ILE A 1 41  ? 9.846   1.306   -2.173  1.00 6.75  ? 41  ILE A CG2 1 
ATOM   321  C CD1 . ILE A 1 41  ? 9.972   -1.513  -4.086  1.00 11.11 ? 41  ILE A CD1 1 
ATOM   322  N N   . MET A 1 42  ? 8.368   1.891   0.405   1.00 13.16 ? 42  MET A N   1 
ATOM   323  C CA  . MET A 1 42  ? 7.567   2.921   0.927   1.00 12.80 ? 42  MET A CA  1 
ATOM   324  C C   . MET A 1 42  ? 8.310   4.255   0.894   1.00 12.33 ? 42  MET A C   1 
ATOM   325  O O   . MET A 1 42  ? 9.536   4.336   0.727   1.00 9.84  ? 42  MET A O   1 
ATOM   326  C CB  . MET A 1 42  ? 7.130   2.491   2.342   1.00 15.95 ? 42  MET A CB  1 
ATOM   327  C CG  . MET A 1 42  ? 8.245   2.640   3.428   1.00 12.38 ? 42  MET A CG  1 
ATOM   328  S SD  . MET A 1 42  ? 7.720   1.934   5.040   1.00 16.46 ? 42  MET A SD  1 
ATOM   329  C CE  . MET A 1 42  ? 8.114   0.240   4.617   1.00 12.25 ? 42  MET A CE  1 
ATOM   330  N N   . GLY A 1 43  ? 7.553   5.334   1.042   1.00 1.00  ? 43  GLY A N   1 
ATOM   331  C CA  . GLY A 1 43  ? 8.214   6.591   1.027   1.00 1.00  ? 43  GLY A CA  1 
ATOM   332  C C   . GLY A 1 43  ? 8.619   6.882   2.431   1.00 11.57 ? 43  GLY A C   1 
ATOM   333  O O   . GLY A 1 43  ? 8.242   6.131   3.329   1.00 15.80 ? 43  GLY A O   1 
ATOM   334  N N   . ARG A 1 44  ? 9.361   7.965   2.624   1.00 18.47 ? 44  ARG A N   1 
ATOM   335  C CA  . ARG A 1 44  ? 9.838   8.345   3.961   1.00 20.20 ? 44  ARG A CA  1 
ATOM   336  C C   . ARG A 1 44  ? 8.736   8.591   4.940   1.00 27.31 ? 44  ARG A C   1 
ATOM   337  O O   . ARG A 1 44  ? 8.749   8.087   6.073   1.00 29.45 ? 44  ARG A O   1 
ATOM   338  C CB  . ARG A 1 44  ? 10.766  9.538   3.938   1.00 16.20 ? 44  ARG A CB  1 
ATOM   339  C CG  . ARG A 1 44  ? 11.215  9.855   5.348   1.00 29.70 ? 44  ARG A CG  1 
ATOM   340  C CD  . ARG A 1 44  ? 12.374  10.860  5.443   1.00 39.16 ? 44  ARG A CD  1 
ATOM   341  N NE  . ARG A 1 44  ? 13.603  10.502  4.720   1.00 48.15 ? 44  ARG A NE  1 
ATOM   342  C CZ  . ARG A 1 44  ? 14.861  10.489  5.212   1.00 53.95 ? 44  ARG A CZ  1 
ATOM   343  N NH1 . ARG A 1 44  ? 15.139  10.816  6.475   1.00 52.04 ? 44  ARG A NH1 1 
ATOM   344  N NH2 . ARG A 1 44  ? 15.885  10.145  4.409   1.00 53.95 ? 44  ARG A NH2 1 
ATOM   345  N N   . HIS A 1 45  ? 7.769   9.379   4.444   1.00 28.99 ? 45  HIS A N   1 
ATOM   346  C CA  . HIS A 1 45  ? 6.593   9.774   5.183   1.00 19.39 ? 45  HIS A CA  1 
ATOM   347  C C   . HIS A 1 45  ? 5.858   8.593   5.731   1.00 14.50 ? 45  HIS A C   1 
ATOM   348  O O   . HIS A 1 45  ? 5.439   8.591   6.888   1.00 7.26  ? 45  HIS A O   1 
ATOM   349  C CB  . HIS A 1 45  ? 5.731   10.849  4.483   1.00 34.90 ? 45  HIS A CB  1 
ATOM   350  C CG  . HIS A 1 45  ? 6.517   12.078  4.068   1.00 54.23 ? 45  HIS A CG  1 
ATOM   351  N ND1 . HIS A 1 45  ? 6.710   13.179  4.918   1.00 59.92 ? 45  HIS A ND1 1 
ATOM   352  C CD2 . HIS A 1 45  ? 7.149   12.352  2.883   1.00 62.42 ? 45  HIS A CD2 1 
ATOM   353  C CE1 . HIS A 1 45  ? 7.441   14.065  4.237   1.00 67.90 ? 45  HIS A CE1 1 
ATOM   354  N NE2 . HIS A 1 45  ? 7.721   13.602  3.009   1.00 68.62 ? 45  HIS A NE2 1 
ATOM   355  N N   . THR A 1 46  ? 5.696   7.551   4.933   1.00 22.06 ? 46  THR A N   1 
ATOM   356  C CA  . THR A 1 46  ? 4.992   6.407   5.512   1.00 25.52 ? 46  THR A CA  1 
ATOM   357  C C   . THR A 1 46  ? 5.873   5.715   6.573   1.00 21.59 ? 46  THR A C   1 
ATOM   358  O O   . THR A 1 46  ? 5.379   5.268   7.611   1.00 14.11 ? 46  THR A O   1 
ATOM   359  C CB  . THR A 1 46  ? 4.333   5.505   4.442   1.00 26.43 ? 46  THR A CB  1 
ATOM   360  O OG1 . THR A 1 46  ? 3.498   6.330   3.669   1.00 28.20 ? 46  THR A OG1 1 
ATOM   361  C CG2 . THR A 1 46  ? 3.477   4.377   5.029   1.00 29.83 ? 46  THR A CG2 1 
ATOM   362  N N   . TRP A 1 47  ? 7.192   5.675   6.304   1.00 19.28 ? 47  TRP A N   1 
ATOM   363  C CA  . TRP A 1 47  ? 8.159   5.080   7.201   1.00 20.37 ? 47  TRP A CA  1 
ATOM   364  C C   . TRP A 1 47  ? 7.993   5.701   8.557   1.00 15.42 ? 47  TRP A C   1 
ATOM   365  O O   . TRP A 1 47  ? 7.714   5.040   9.554   1.00 20.43 ? 47  TRP A O   1 
ATOM   366  C CB  . TRP A 1 47  ? 9.596   5.374   6.734   1.00 13.45 ? 47  TRP A CB  1 
ATOM   367  C CG  . TRP A 1 47  ? 10.656  5.282   7.809   1.00 16.34 ? 47  TRP A CG  1 
ATOM   368  C CD1 . TRP A 1 47  ? 11.523  6.292   8.175   1.00 13.50 ? 47  TRP A CD1 1 
ATOM   369  C CD2 . TRP A 1 47  ? 11.004  4.127   8.626   1.00 13.76 ? 47  TRP A CD2 1 
ATOM   370  N NE1 . TRP A 1 47  ? 12.377  5.838   9.165   1.00 15.23 ? 47  TRP A NE1 1 
ATOM   371  C CE2 . TRP A 1 47  ? 12.080  4.512   9.466   1.00 15.03 ? 47  TRP A CE2 1 
ATOM   372  C CE3 . TRP A 1 47  ? 10.504  2.825   8.741   1.00 8.89  ? 47  TRP A CE3 1 
ATOM   373  C CZ2 . TRP A 1 47  ? 12.643  3.610   10.388  1.00 11.62 ? 47  TRP A CZ2 1 
ATOM   374  C CZ3 . TRP A 1 47  ? 11.058  1.947   9.675   1.00 18.42 ? 47  TRP A CZ3 1 
ATOM   375  C CH2 . TRP A 1 47  ? 12.123  2.327   10.481  1.00 15.37 ? 47  TRP A CH2 1 
ATOM   376  N N   . GLU A 1 48  ? 8.168   6.988   8.561   1.00 19.65 ? 48  GLU A N   1 
ATOM   377  C CA  . GLU A 1 48  ? 8.027   7.727   9.789   1.00 22.95 ? 48  GLU A CA  1 
ATOM   378  C C   . GLU A 1 48  ? 6.652   7.496   10.371  1.00 26.56 ? 48  GLU A C   1 
ATOM   379  O O   . GLU A 1 48  ? 6.480   7.486   11.577  1.00 32.62 ? 48  GLU A O   1 
ATOM   380  C CB  . GLU A 1 48  ? 8.149   9.189   9.480   1.00 21.68 ? 48  GLU A CB  1 
ATOM   381  C CG  . GLU A 1 48  ? 9.425   9.395   8.728   1.00 29.79 ? 48  GLU A CG  1 
ATOM   382  C CD  . GLU A 1 48  ? 9.797   10.828  8.712   1.00 35.13 ? 48  GLU A CD  1 
ATOM   383  O OE1 . GLU A 1 48  ? 8.998   11.714  8.878   1.00 31.52 ? 48  GLU A OE1 1 
ATOM   384  O OE2 . GLU A 1 48  ? 11.049  10.993  8.391   1.00 39.24 ? 48  GLU A OE2 1 
ATOM   385  N N   . SER A 1 49  ? 5.667   7.297   9.523   1.00 21.94 ? 49  SER A N   1 
ATOM   386  C CA  . SER A 1 49  ? 4.363   7.076   10.066  1.00 22.95 ? 49  SER A CA  1 
ATOM   387  C C   . SER A 1 49  ? 4.266   5.818   10.891  1.00 33.52 ? 49  SER A C   1 
ATOM   388  O O   . SER A 1 49  ? 3.645   5.815   11.965  1.00 39.53 ? 49  SER A O   1 
ATOM   389  C CB  . SER A 1 49  ? 3.296   6.991   9.009   1.00 22.34 ? 49  SER A CB  1 
ATOM   390  O OG  . SER A 1 49  ? 2.152   7.575   9.592   1.00 27.10 ? 49  SER A OG  1 
ATOM   391  N N   . ILE A 1 50  ? 4.868   4.756   10.361  1.00 37.45 ? 50  ILE A N   1 
ATOM   392  C CA  . ILE A 1 50  ? 4.910   3.437   10.974  1.00 34.82 ? 50  ILE A CA  1 
ATOM   393  C C   . ILE A 1 50  ? 5.921   3.389   12.169  1.00 31.08 ? 50  ILE A C   1 
ATOM   394  O O   . ILE A 1 50  ? 5.705   2.771   13.211  1.00 26.61 ? 50  ILE A O   1 
ATOM   395  C CB  . ILE A 1 50  ? 5.194   2.465   9.859   1.00 29.69 ? 50  ILE A CB  1 
ATOM   396  C CG1 . ILE A 1 50  ? 4.343   2.862   8.696   1.00 21.69 ? 50  ILE A CG1 1 
ATOM   397  C CG2 . ILE A 1 50  ? 4.764   1.057   10.249  1.00 39.58 ? 50  ILE A CG2 1 
ATOM   398  C CD1 . ILE A 1 50  ? 4.202   1.697   7.717   1.00 25.19 ? 50  ILE A CD1 1 
ATOM   399  N N   . GLY A 1 51  ? 7.035   4.078   12.052  1.00 27.04 ? 51  GLY A N   1 
ATOM   400  C CA  . GLY A 1 51  ? 7.962   4.085   13.157  1.00 34.49 ? 51  GLY A CA  1 
ATOM   401  C C   . GLY A 1 51  ? 8.792   2.856   13.518  1.00 33.52 ? 51  GLY A C   1 
ATOM   402  O O   . GLY A 1 51  ? 9.668   2.948   14.352  1.00 38.97 ? 51  GLY A O   1 
ATOM   403  N N   . ARG A 1 52  ? 8.562   1.716   12.943  1.00 31.82 ? 52  ARG A N   1 
ATOM   404  C CA  . ARG A 1 52  ? 9.365   0.563   13.284  1.00 31.76 ? 52  ARG A CA  1 
ATOM   405  C C   . ARG A 1 52  ? 9.247   -0.248  12.060  1.00 26.49 ? 52  ARG A C   1 
ATOM   406  O O   . ARG A 1 52  ? 8.195   -0.171  11.458  1.00 34.82 ? 52  ARG A O   1 
ATOM   407  C CB  . ARG A 1 52  ? 8.726   -0.186  14.447  1.00 35.83 ? 52  ARG A CB  1 
ATOM   408  C CG  . ARG A 1 52  ? 7.261   -0.536  14.136  1.00 47.48 ? 52  ARG A CG  1 
ATOM   409  C CD  . ARG A 1 52  ? 7.121   -1.871  13.413  1.00 59.84 ? 52  ARG A CD  1 
ATOM   410  N NE  . ARG A 1 52  ? 5.797   -2.345  12.965  1.00 71.52 ? 52  ARG A NE  1 
ATOM   411  C CZ  . ARG A 1 52  ? 5.080   -3.342  13.533  1.00 79.84 ? 52  ARG A CZ  1 
ATOM   412  N NH1 . ARG A 1 52  ? 5.499   -4.010  14.609  1.00 82.68 ? 52  ARG A NH1 1 
ATOM   413  N NH2 . ARG A 1 52  ? 3.899   -3.683  13.010  1.00 81.18 ? 52  ARG A NH2 1 
ATOM   414  N N   . PRO A 1 53  ? 10.260  -0.978  11.699  1.00 22.42 ? 53  PRO A N   1 
ATOM   415  C CA  . PRO A 1 53  ? 10.230  -1.814  10.499  1.00 18.59 ? 53  PRO A CA  1 
ATOM   416  C C   . PRO A 1 53  ? 9.143   -2.819  10.574  1.00 10.25 ? 53  PRO A C   1 
ATOM   417  O O   . PRO A 1 53  ? 8.707   -3.238  11.594  1.00 17.60 ? 53  PRO A O   1 
ATOM   418  C CB  . PRO A 1 53  ? 11.564  -2.527  10.423  1.00 18.26 ? 53  PRO A CB  1 
ATOM   419  C CG  . PRO A 1 53  ? 12.362  -2.086  11.648  1.00 11.14 ? 53  PRO A CG  1 
ATOM   420  C CD  . PRO A 1 53  ? 11.567  -1.014  12.368  1.00 17.69 ? 53  PRO A CD  1 
ATOM   421  N N   . LEU A 1 54  ? 8.667   -3.205  9.487   1.00 8.05  ? 54  LEU A N   1 
ATOM   422  C CA  . LEU A 1 54  ? 7.623   -4.141  9.593   1.00 10.33 ? 54  LEU A CA  1 
ATOM   423  C C   . LEU A 1 54  ? 8.245   -5.457  9.585   1.00 13.43 ? 54  LEU A C   1 
ATOM   424  O O   . LEU A 1 54  ? 8.988   -5.778  8.662   1.00 14.98 ? 54  LEU A O   1 
ATOM   425  C CB  . LEU A 1 54  ? 6.786   -4.128  8.336   1.00 25.78 ? 54  LEU A CB  1 
ATOM   426  C CG  . LEU A 1 54  ? 5.835   -2.968  8.214   1.00 25.49 ? 54  LEU A CG  1 
ATOM   427  C CD1 . LEU A 1 54  ? 5.255   -3.143  6.819   1.00 26.64 ? 54  LEU A CD1 1 
ATOM   428  C CD2 . LEU A 1 54  ? 4.722   -3.162  9.231   1.00 26.60 ? 54  LEU A CD2 1 
ATOM   429  N N   . PRO A 1 55  ? 7.916   -6.194  10.602  1.00 20.26 ? 55  PRO A N   1 
ATOM   430  C CA  . PRO A 1 55  ? 8.425   -7.537  10.805  1.00 27.22 ? 55  PRO A CA  1 
ATOM   431  C C   . PRO A 1 55  ? 8.072   -8.538  9.739   1.00 22.90 ? 55  PRO A C   1 
ATOM   432  O O   . PRO A 1 55  ? 6.947   -8.589  9.296   1.00 31.99 ? 55  PRO A O   1 
ATOM   433  C CB  . PRO A 1 55  ? 7.616   -8.039  12.016  1.00 27.20 ? 55  PRO A CB  1 
ATOM   434  C CG  . PRO A 1 55  ? 6.368   -7.168  12.095  1.00 23.22 ? 55  PRO A CG  1 
ATOM   435  C CD  . PRO A 1 55  ? 6.842   -5.819  11.560  1.00 21.24 ? 55  PRO A CD  1 
ATOM   436  N N   . GLY A 1 56  ? 8.995   -9.379  9.340   1.00 18.59 ? 56  GLY A N   1 
ATOM   437  C CA  . GLY A 1 56  ? 8.643   -10.387 8.357   1.00 17.95 ? 56  GLY A CA  1 
ATOM   438  C C   . GLY A 1 56  ? 8.761   -10.019 6.903   1.00 19.60 ? 56  GLY A C   1 
ATOM   439  O O   . GLY A 1 56  ? 8.373   -10.856 6.054   1.00 15.35 ? 56  GLY A O   1 
ATOM   440  N N   . ARG A 1 57  ? 9.309   -8.785  6.661   1.00 17.05 ? 57  ARG A N   1 
ATOM   441  C CA  . ARG A 1 57  ? 9.469   -8.239  5.333   1.00 14.18 ? 57  ARG A CA  1 
ATOM   442  C C   . ARG A 1 57  ? 10.720  -7.412  5.134   1.00 13.61 ? 57  ARG A C   1 
ATOM   443  O O   . ARG A 1 57  ? 11.167  -6.726  6.053   1.00 10.34 ? 57  ARG A O   1 
ATOM   444  C CB  . ARG A 1 57  ? 8.298   -7.246  5.154   1.00 12.07 ? 57  ARG A CB  1 
ATOM   445  C CG  . ARG A 1 57  ? 7.013   -7.949  4.902   1.00 2.22  ? 57  ARG A CG  1 
ATOM   446  C CD  . ARG A 1 57  ? 5.775   -7.282  5.491   1.00 12.97 ? 57  ARG A CD  1 
ATOM   447  N NE  . ARG A 1 57  ? 5.649   -7.367  6.967   1.00 11.54 ? 57  ARG A NE  1 
ATOM   448  C CZ  . ARG A 1 57  ? 4.522   -7.147  7.625   1.00 16.93 ? 57  ARG A CZ  1 
ATOM   449  N NH1 . ARG A 1 57  ? 3.405   -6.839  6.979   1.00 27.49 ? 57  ARG A NH1 1 
ATOM   450  N NH2 . ARG A 1 57  ? 4.472   -7.250  8.956   1.00 14.14 ? 57  ARG A NH2 1 
ATOM   451  N N   . LYS A 1 58  ? 11.311  -7.427  3.917   1.00 6.65  ? 58  LYS A N   1 
ATOM   452  C CA  . LYS A 1 58  ? 12.455  -6.576  3.811   1.00 7.54  ? 58  LYS A CA  1 
ATOM   453  C C   . LYS A 1 58  ? 11.891  -5.117  3.719   1.00 16.89 ? 58  LYS A C   1 
ATOM   454  O O   . LYS A 1 58  ? 11.128  -4.803  2.818   1.00 23.84 ? 58  LYS A O   1 
ATOM   455  C CB  . LYS A 1 58  ? 13.214  -6.919  2.556   1.00 4.02  ? 58  LYS A CB  1 
ATOM   456  C CG  . LYS A 1 58  ? 14.468  -6.037  2.371   1.00 7.33  ? 58  LYS A CG  1 
ATOM   457  C CD  . LYS A 1 58  ? 15.135  -6.436  1.060   1.00 21.82 ? 58  LYS A CD  1 
ATOM   458  C CE  . LYS A 1 58  ? 16.638  -6.208  0.868   1.00 23.69 ? 58  LYS A CE  1 
ATOM   459  N NZ  . LYS A 1 58  ? 17.164  -7.135  -0.168  1.00 19.03 ? 58  LYS A NZ  1 
ATOM   460  N N   . ASN A 1 59  ? 12.195  -4.190  4.608   1.00 14.40 ? 59  ASN A N   1 
ATOM   461  C CA  . ASN A 1 59  ? 11.604  -2.862  4.428   1.00 15.91 ? 59  ASN A CA  1 
ATOM   462  C C   . ASN A 1 59  ? 12.520  -1.951  3.663   1.00 14.62 ? 59  ASN A C   1 
ATOM   463  O O   . ASN A 1 59  ? 13.628  -1.678  4.134   1.00 11.47 ? 59  ASN A O   1 
ATOM   464  C CB  . ASN A 1 59  ? 11.253  -2.167  5.773   1.00 13.53 ? 59  ASN A CB  1 
ATOM   465  C CG  . ASN A 1 59  ? 10.221  -2.899  6.622   1.00 11.56 ? 59  ASN A CG  1 
ATOM   466  O OD1 . ASN A 1 59  ? 9.435   -2.264  7.346   1.00 24.10 ? 59  ASN A OD1 1 
ATOM   467  N ND2 . ASN A 1 59  ? 10.283  -4.224  6.643   1.00 1.00  ? 59  ASN A ND2 1 
ATOM   468  N N   . ILE A 1 60  ? 12.088  -1.489  2.491   1.00 16.04 ? 60  ILE A N   1 
ATOM   469  C CA  . ILE A 1 60  ? 12.921  -0.576  1.663   1.00 11.53 ? 60  ILE A CA  1 
ATOM   470  C C   . ILE A 1 60  ? 12.295  0.842   1.615   1.00 10.72 ? 60  ILE A C   1 
ATOM   471  O O   . ILE A 1 60  ? 11.093  0.982   1.319   1.00 8.15  ? 60  ILE A O   1 
ATOM   472  C CB  . ILE A 1 60  ? 13.087  -1.200  0.273   1.00 9.01  ? 60  ILE A CB  1 
ATOM   473  C CG1 . ILE A 1 60  ? 13.653  -2.607  0.300   1.00 7.94  ? 60  ILE A CG1 1 
ATOM   474  C CG2 . ILE A 1 60  ? 13.765  -0.311  -0.755  1.00 11.55 ? 60  ILE A CG2 1 
ATOM   475  C CD1 . ILE A 1 60  ? 13.386  -3.318  -0.993  1.00 15.61 ? 60  ILE A CD1 1 
ATOM   476  N N   . ILE A 1 61  ? 13.096  1.877   1.899   1.00 12.91 ? 61  ILE A N   1 
ATOM   477  C CA  . ILE A 1 61  ? 12.595  3.244   1.904   1.00 8.01  ? 61  ILE A CA  1 
ATOM   478  C C   . ILE A 1 61  ? 13.014  4.009   0.692   1.00 14.07 ? 61  ILE A C   1 
ATOM   479  O O   . ILE A 1 61  ? 14.198  4.268   0.445   1.00 20.46 ? 61  ILE A O   1 
ATOM   480  C CB  . ILE A 1 61  ? 12.907  4.109   3.167   1.00 7.84  ? 61  ILE A CB  1 
ATOM   481  C CG1 . ILE A 1 61  ? 12.693  3.377   4.481   1.00 10.67 ? 61  ILE A CG1 1 
ATOM   482  C CG2 . ILE A 1 61  ? 12.137  5.409   3.265   1.00 2.58  ? 61  ILE A CG2 1 
ATOM   483  C CD1 . ILE A 1 61  ? 11.558  2.371   4.447   1.00 9.28  ? 61  ILE A CD1 1 
ATOM   484  N N   . LEU A 1 62  ? 12.017  4.389   -0.088  1.00 10.81 ? 62  LEU A N   1 
ATOM   485  C CA  . LEU A 1 62  ? 12.346  5.152   -1.235  1.00 14.72 ? 62  LEU A CA  1 
ATOM   486  C C   . LEU A 1 62  ? 12.345  6.568   -0.743  1.00 15.05 ? 62  LEU A C   1 
ATOM   487  O O   . LEU A 1 62  ? 11.342  7.111   -0.299  1.00 24.40 ? 62  LEU A O   1 
ATOM   488  C CB  . LEU A 1 62  ? 11.350  4.907   -2.322  1.00 17.26 ? 62  LEU A CB  1 
ATOM   489  C CG  . LEU A 1 62  ? 11.387  5.958   -3.384  1.00 25.86 ? 62  LEU A CG  1 
ATOM   490  C CD1 . LEU A 1 62  ? 12.647  5.774   -4.202  1.00 22.81 ? 62  LEU A CD1 1 
ATOM   491  C CD2 . LEU A 1 62  ? 10.131  5.730   -4.235  1.00 28.54 ? 62  LEU A CD2 1 
ATOM   492  N N   . SER A 1 63  ? 13.492  7.161   -0.766  1.00 7.32  ? 63  SER A N   1 
ATOM   493  C CA  . SER A 1 63  ? 13.606  8.520   -0.300  1.00 14.66 ? 63  SER A CA  1 
ATOM   494  C C   . SER A 1 63  ? 14.771  9.106   -1.033  1.00 16.90 ? 63  SER A C   1 
ATOM   495  O O   . SER A 1 63  ? 15.609  8.353   -1.550  1.00 24.62 ? 63  SER A O   1 
ATOM   496  C CB  . SER A 1 63  ? 13.745  8.680   1.227   1.00 16.14 ? 63  SER A CB  1 
ATOM   497  O OG  . SER A 1 63  ? 14.190  10.026  1.565   1.00 9.03  ? 63  SER A OG  1 
ATOM   498  N N   . SER A 1 64  ? 14.777  10.417  -1.070  1.00 12.05 ? 64  SER A N   1 
ATOM   499  C CA  . SER A 1 64  ? 15.805  11.234  -1.731  1.00 23.79 ? 64  SER A CA  1 
ATOM   500  C C   . SER A 1 64  ? 16.962  11.682  -0.851  1.00 25.50 ? 64  SER A C   1 
ATOM   501  O O   . SER A 1 64  ? 18.041  11.950  -1.362  1.00 23.67 ? 64  SER A O   1 
ATOM   502  C CB  . SER A 1 64  ? 15.227  12.494  -2.331  1.00 34.21 ? 64  SER A CB  1 
ATOM   503  O OG  . SER A 1 64  ? 16.270  13.122  -3.051  1.00 31.81 ? 64  SER A OG  1 
ATOM   504  N N   . GLN A 1 65  ? 16.668  11.762  0.456   1.00 37.56 ? 65  GLN A N   1 
ATOM   505  C CA  . GLN A 1 65  ? 17.539  12.146  1.572   1.00 34.57 ? 65  GLN A CA  1 
ATOM   506  C C   . GLN A 1 65  ? 18.202  10.930  2.183   1.00 31.85 ? 65  GLN A C   1 
ATOM   507  O O   . GLN A 1 65  ? 17.680  9.834   2.182   1.00 31.97 ? 65  GLN A O   1 
ATOM   508  C CB  . GLN A 1 65  ? 16.653  12.637  2.744   1.00 45.09 ? 65  GLN A CB  1 
ATOM   509  C CG  . GLN A 1 65  ? 16.197  14.112  2.701   1.00 62.17 ? 65  GLN A CG  1 
ATOM   510  C CD  . GLN A 1 65  ? 14.823  14.391  2.089   1.00 75.59 ? 65  GLN A CD  1 
ATOM   511  O OE1 . GLN A 1 65  ? 13.868  13.602  2.210   1.00 79.89 ? 65  GLN A OE1 1 
ATOM   512  N NE2 . GLN A 1 65  ? 14.696  15.579  1.485   1.00 80.45 ? 65  GLN A NE2 1 
ATOM   513  N N   . PRO A 1 66  ? 19.350  11.134  2.750   1.00 39.66 ? 66  PRO A N   1 
ATOM   514  C CA  . PRO A 1 66  ? 20.032  10.033  3.381   1.00 34.34 ? 66  PRO A CA  1 
ATOM   515  C C   . PRO A 1 66  ? 19.178  9.542   4.522   1.00 23.47 ? 66  PRO A C   1 
ATOM   516  O O   . PRO A 1 66  ? 18.607  10.342  5.230   1.00 24.27 ? 66  PRO A O   1 
ATOM   517  C CB  . PRO A 1 66  ? 21.312  10.634  3.973   1.00 32.98 ? 66  PRO A CB  1 
ATOM   518  C CG  . PRO A 1 66  ? 21.477  12.024  3.367   1.00 37.58 ? 66  PRO A CG  1 
ATOM   519  C CD  . PRO A 1 66  ? 20.116  12.404  2.809   1.00 38.52 ? 66  PRO A CD  1 
ATOM   520  N N   . GLY A 1 67  ? 19.090  8.219   4.696   1.00 27.46 ? 67  GLY A N   1 
ATOM   521  C CA  . GLY A 1 67  ? 18.276  7.648   5.793   1.00 37.83 ? 67  GLY A CA  1 
ATOM   522  C C   . GLY A 1 67  ? 18.971  7.732   7.153   1.00 33.91 ? 67  GLY A C   1 
ATOM   523  O O   . GLY A 1 67  ? 20.183  7.740   7.272   1.00 32.81 ? 67  GLY A O   1 
ATOM   524  N N   . THR A 1 68  ? 18.195  7.795   8.192   1.00 34.87 ? 68  THR A N   1 
ATOM   525  C CA  . THR A 1 68  ? 18.747  7.888   9.537   1.00 39.28 ? 68  THR A CA  1 
ATOM   526  C C   . THR A 1 68  ? 18.364  6.714   10.387  1.00 34.57 ? 68  THR A C   1 
ATOM   527  O O   . THR A 1 68  ? 17.903  6.896   11.517  1.00 37.75 ? 68  THR A O   1 
ATOM   528  C CB  . THR A 1 68  ? 17.989  9.040   10.115  1.00 48.65 ? 68  THR A CB  1 
ATOM   529  O OG1 . THR A 1 68  ? 16.634  8.768   9.771   1.00 46.87 ? 68  THR A OG1 1 
ATOM   530  C CG2 . THR A 1 68  ? 18.473  10.291  9.395   1.00 53.97 ? 68  THR A CG2 1 
ATOM   531  N N   . ASP A 1 69  ? 18.530  5.518   9.860   1.00 23.76 ? 69  ASP A N   1 
ATOM   532  C CA  . ASP A 1 69  ? 18.157  4.383   10.639  1.00 13.92 ? 69  ASP A CA  1 
ATOM   533  C C   . ASP A 1 69  ? 18.565  3.120   9.944   1.00 16.06 ? 69  ASP A C   1 
ATOM   534  O O   . ASP A 1 69  ? 18.095  2.836   8.877   1.00 25.03 ? 69  ASP A O   1 
ATOM   535  C CB  . ASP A 1 69  ? 16.673  4.453   10.948  1.00 1.00  ? 69  ASP A CB  1 
ATOM   536  C CG  . ASP A 1 69  ? 16.143  3.310   11.745  1.00 19.32 ? 69  ASP A CG  1 
ATOM   537  O OD1 . ASP A 1 69  ? 16.559  2.142   11.707  1.00 12.44 ? 69  ASP A OD1 1 
ATOM   538  O OD2 . ASP A 1 69  ? 15.133  3.707   12.477  1.00 21.34 ? 69  ASP A OD2 1 
ATOM   539  N N   . ASP A 1 70  ? 19.470  2.397   10.594  1.00 11.21 ? 70  ASP A N   1 
ATOM   540  C CA  . ASP A 1 70  ? 20.057  1.157   10.166  1.00 8.33  ? 70  ASP A CA  1 
ATOM   541  C C   . ASP A 1 70  ? 19.147  -0.011  10.087  1.00 17.66 ? 70  ASP A C   1 
ATOM   542  O O   . ASP A 1 70  ? 19.521  -1.059  9.530   1.00 19.62 ? 70  ASP A O   1 
ATOM   543  C CB  . ASP A 1 70  ? 21.038  0.673   11.170  1.00 25.66 ? 70  ASP A CB  1 
ATOM   544  C CG  . ASP A 1 70  ? 22.271  1.506   11.164  1.00 49.53 ? 70  ASP A CG  1 
ATOM   545  O OD1 . ASP A 1 70  ? 22.627  2.208   10.215  1.00 48.81 ? 70  ASP A OD1 1 
ATOM   546  O OD2 . ASP A 1 70  ? 22.883  1.399   12.306  1.00 61.07 ? 70  ASP A OD2 1 
ATOM   547  N N   . ARG A 1 71  ? 17.964  0.131   10.649  1.00 16.74 ? 71  ARG A N   1 
ATOM   548  C CA  . ARG A 1 71  ? 17.118  -1.027  10.565  1.00 16.44 ? 71  ARG A CA  1 
ATOM   549  C C   . ARG A 1 71  ? 16.466  -1.233  9.213   1.00 16.99 ? 71  ARG A C   1 
ATOM   550  O O   . ARG A 1 71  ? 15.891  -2.278  8.975   1.00 15.74 ? 71  ARG A O   1 
ATOM   551  C CB  . ARG A 1 71  ? 16.159  -1.225  11.738  1.00 17.77 ? 71  ARG A CB  1 
ATOM   552  C CG  . ARG A 1 71  ? 16.691  -0.919  13.157  1.00 22.51 ? 71  ARG A CG  1 
ATOM   553  C CD  . ARG A 1 71  ? 16.057  0.297   13.807  1.00 27.78 ? 71  ARG A CD  1 
ATOM   554  N NE  . ARG A 1 71  ? 14.708  0.011   14.284  1.00 30.58 ? 71  ARG A NE  1 
ATOM   555  C CZ  . ARG A 1 71  ? 13.736  0.899   14.518  1.00 26.67 ? 71  ARG A CZ  1 
ATOM   556  N NH1 . ARG A 1 71  ? 13.861  2.197   14.334  1.00 23.77 ? 71  ARG A NH1 1 
ATOM   557  N NH2 . ARG A 1 71  ? 12.595  0.447   14.952  1.00 29.10 ? 71  ARG A NH2 1 
ATOM   558  N N   . VAL A 1 72  ? 16.540  -0.249  8.294   1.00 14.23 ? 72  VAL A N   1 
ATOM   559  C CA  . VAL A 1 72  ? 15.886  -0.473  6.999   1.00 14.87 ? 72  VAL A CA  1 
ATOM   560  C C   . VAL A 1 72  ? 16.839  -0.163  5.870   1.00 14.20 ? 72  VAL A C   1 
ATOM   561  O O   . VAL A 1 72  ? 17.943  0.369   6.132   1.00 12.29 ? 72  VAL A O   1 
ATOM   562  C CB  . VAL A 1 72  ? 14.665  0.419   6.877   1.00 10.17 ? 72  VAL A CB  1 
ATOM   563  C CG1 . VAL A 1 72  ? 13.600  -0.047  7.839   1.00 12.71 ? 72  VAL A CG1 1 
ATOM   564  C CG2 . VAL A 1 72  ? 15.090  1.841   7.207   1.00 4.73  ? 72  VAL A CG2 1 
ATOM   565  N N   . THR A 1 73  ? 16.431  -0.515  4.621   1.00 10.23 ? 73  THR A N   1 
ATOM   566  C CA  . THR A 1 73  ? 17.247  -0.261  3.443   1.00 9.90  ? 73  THR A CA  1 
ATOM   567  C C   . THR A 1 73  ? 16.849  1.046   2.802   1.00 11.67 ? 73  THR A C   1 
ATOM   568  O O   . THR A 1 73  ? 15.667  1.224   2.511   1.00 15.47 ? 73  THR A O   1 
ATOM   569  C CB  . THR A 1 73  ? 17.080  -1.342  2.418   1.00 11.19 ? 73  THR A CB  1 
ATOM   570  O OG1 . THR A 1 73  ? 17.322  -2.516  3.074   1.00 21.08 ? 73  THR A OG1 1 
ATOM   571  C CG2 . THR A 1 73  ? 18.070  -1.164  1.282   1.00 12.05 ? 73  THR A CG2 1 
ATOM   572  N N   . TRP A 1 74  ? 17.824  1.929   2.597   1.00 4.58  ? 74  TRP A N   1 
ATOM   573  C CA  . TRP A 1 74  ? 17.571  3.203   1.983   1.00 7.51  ? 74  TRP A CA  1 
ATOM   574  C C   . TRP A 1 74  ? 17.942  3.141   0.510   1.00 20.70 ? 74  TRP A C   1 
ATOM   575  O O   . TRP A 1 74  ? 19.045  2.701   0.116   1.00 14.26 ? 74  TRP A O   1 
ATOM   576  C CB  . TRP A 1 74  ? 18.156  4.414   2.684   1.00 1.00  ? 74  TRP A CB  1 
ATOM   577  C CG  . TRP A 1 74  ? 17.694  4.448   4.079   1.00 10.22 ? 74  TRP A CG  1 
ATOM   578  C CD1 . TRP A 1 74  ? 18.178  3.663   5.095   1.00 8.38  ? 74  TRP A CD1 1 
ATOM   579  C CD2 . TRP A 1 74  ? 16.692  5.287   4.648   1.00 15.67 ? 74  TRP A CD2 1 
ATOM   580  N NE1 . TRP A 1 74  ? 17.504  3.964   6.268   1.00 11.17 ? 74  TRP A NE1 1 
ATOM   581  C CE2 . TRP A 1 74  ? 16.611  4.955   6.028   1.00 15.43 ? 74  TRP A CE2 1 
ATOM   582  C CE3 . TRP A 1 74  ? 15.854  6.276   4.127   1.00 9.78  ? 74  TRP A CE3 1 
ATOM   583  C CZ2 . TRP A 1 74  ? 15.716  5.595   6.876   1.00 16.74 ? 74  TRP A CZ2 1 
ATOM   584  C CZ3 . TRP A 1 74  ? 14.969  6.907   4.965   1.00 8.60  ? 74  TRP A CZ3 1 
ATOM   585  C CH2 . TRP A 1 74  ? 14.903  6.578   6.328   1.00 15.78 ? 74  TRP A CH2 1 
ATOM   586  N N   . VAL A 1 75  ? 16.962  3.593   -0.273  1.00 26.74 ? 75  VAL A N   1 
ATOM   587  C CA  . VAL A 1 75  ? 17.024  3.635   -1.712  1.00 26.55 ? 75  VAL A CA  1 
ATOM   588  C C   . VAL A 1 75  ? 16.787  5.087   -2.220  1.00 21.61 ? 75  VAL A C   1 
ATOM   589  O O   . VAL A 1 75  ? 16.086  5.919   -1.606  1.00 8.25  ? 75  VAL A O   1 
ATOM   590  C CB  . VAL A 1 75  ? 16.184  2.443   -2.223  1.00 19.37 ? 75  VAL A CB  1 
ATOM   591  C CG1 . VAL A 1 75  ? 14.990  2.784   -3.070  1.00 17.71 ? 75  VAL A CG1 1 
ATOM   592  C CG2 . VAL A 1 75  ? 17.024  1.278   -2.771  1.00 14.75 ? 75  VAL A CG2 1 
ATOM   593  N N   . LYS A 1 76  ? 17.413  5.441   -3.333  1.00 18.58 ? 76  LYS A N   1 
ATOM   594  C CA  . LYS A 1 76  ? 17.273  6.792   -3.871  1.00 17.88 ? 76  LYS A CA  1 
ATOM   595  C C   . LYS A 1 76  ? 16.439  6.933   -5.142  1.00 17.57 ? 76  LYS A C   1 
ATOM   596  O O   . LYS A 1 76  ? 16.201  8.033   -5.608  1.00 15.86 ? 76  LYS A O   1 
ATOM   597  C CB  . LYS A 1 76  ? 18.641  7.418   -4.132  1.00 19.86 ? 76  LYS A CB  1 
ATOM   598  C CG  . LYS A 1 76  ? 19.182  8.159   -2.926  1.00 35.94 ? 76  LYS A CG  1 
ATOM   599  C CD  . LYS A 1 76  ? 20.318  9.135   -3.211  1.00 45.26 ? 76  LYS A CD  1 
ATOM   600  C CE  . LYS A 1 76  ? 20.868  9.788   -1.942  1.00 55.77 ? 76  LYS A CE  1 
ATOM   601  N NZ  . LYS A 1 76  ? 21.203  11.227  -2.073  1.00 60.73 ? 76  LYS A NZ  1 
ATOM   602  N N   . SER A 1 77  ? 16.004  5.829   -5.709  1.00 16.44 ? 77  SER A N   1 
ATOM   603  C CA  . SER A 1 77  ? 15.252  5.911   -6.925  1.00 11.19 ? 77  SER A CA  1 
ATOM   604  C C   . SER A 1 77  ? 14.535  4.649   -7.161  1.00 13.11 ? 77  SER A C   1 
ATOM   605  O O   . SER A 1 77  ? 14.811  3.656   -6.513  1.00 20.54 ? 77  SER A O   1 
ATOM   606  C CB  . SER A 1 77  ? 16.146  6.159   -8.129  1.00 14.40 ? 77  SER A CB  1 
ATOM   607  O OG  . SER A 1 77  ? 17.055  5.071   -8.329  1.00 23.15 ? 77  SER A OG  1 
ATOM   608  N N   . VAL A 1 78  ? 13.597  4.745   -8.104  1.00 17.62 ? 78  VAL A N   1 
ATOM   609  C CA  . VAL A 1 78  ? 12.719  3.657   -8.525  1.00 15.59 ? 78  VAL A CA  1 
ATOM   610  C C   . VAL A 1 78  ? 13.498  2.443   -8.989  1.00 11.03 ? 78  VAL A C   1 
ATOM   611  O O   . VAL A 1 78  ? 13.191  1.309   -8.615  1.00 11.13 ? 78  VAL A O   1 
ATOM   612  C CB  . VAL A 1 78  ? 11.603  4.072   -9.530  1.00 16.97 ? 78  VAL A CB  1 
ATOM   613  C CG1 . VAL A 1 78  ? 10.763  2.864   -9.873  1.00 5.83  ? 78  VAL A CG1 1 
ATOM   614  C CG2 . VAL A 1 78  ? 10.659  5.111   -8.912  1.00 18.07 ? 78  VAL A CG2 1 
ATOM   615  N N   . ASP A 1 79  ? 14.505  2.688   -9.797  1.00 5.43  ? 79  ASP A N   1 
ATOM   616  C CA  . ASP A 1 79  ? 15.272  1.583   -10.244 1.00 19.56 ? 79  ASP A CA  1 
ATOM   617  C C   . ASP A 1 79  ? 16.123  0.994   -9.074  1.00 14.80 ? 79  ASP A C   1 
ATOM   618  O O   . ASP A 1 79  ? 16.318  -0.211  -8.955  1.00 8.65  ? 79  ASP A O   1 
ATOM   619  C CB  . ASP A 1 79  ? 16.030  1.969   -11.530 1.00 27.86 ? 79  ASP A CB  1 
ATOM   620  C CG  . ASP A 1 79  ? 15.054  2.191   -12.645 1.00 36.79 ? 79  ASP A CG  1 
ATOM   621  O OD1 . ASP A 1 79  ? 14.109  1.444   -12.902 1.00 42.29 ? 79  ASP A OD1 1 
ATOM   622  O OD2 . ASP A 1 79  ? 15.247  3.330   -13.230 1.00 45.51 ? 79  ASP A OD2 1 
ATOM   623  N N   . GLU A 1 80  ? 16.600  1.852   -8.199  1.00 8.43  ? 80  GLU A N   1 
ATOM   624  C CA  . GLU A 1 80  ? 17.385  1.410   -7.120  1.00 7.44  ? 80  GLU A CA  1 
ATOM   625  C C   . GLU A 1 80  ? 16.707  0.426   -6.233  1.00 12.87 ? 80  GLU A C   1 
ATOM   626  O O   . GLU A 1 80  ? 17.235  -0.631  -5.856  1.00 11.60 ? 80  GLU A O   1 
ATOM   627  C CB  . GLU A 1 80  ? 17.873  2.543   -6.291  1.00 13.76 ? 80  GLU A CB  1 
ATOM   628  C CG  . GLU A 1 80  ? 19.108  2.007   -5.564  1.00 16.91 ? 80  GLU A CG  1 
ATOM   629  C CD  . GLU A 1 80  ? 19.781  3.018   -4.738  1.00 22.07 ? 80  GLU A CD  1 
ATOM   630  O OE1 . GLU A 1 80  ? 19.464  4.239   -5.084  1.00 15.50 ? 80  GLU A OE1 1 
ATOM   631  O OE2 . GLU A 1 80  ? 20.572  2.717   -3.864  1.00 36.13 ? 80  GLU A OE2 1 
ATOM   632  N N   . ALA A 1 81  ? 15.508  0.812   -5.930  1.00 5.41  ? 81  ALA A N   1 
ATOM   633  C CA  . ALA A 1 81  ? 14.580  0.107   -5.079  1.00 2.31  ? 81  ALA A CA  1 
ATOM   634  C C   . ALA A 1 81  ? 14.134  -1.218  -5.565  1.00 7.71  ? 81  ALA A C   1 
ATOM   635  O O   . ALA A 1 81  ? 13.867  -2.088  -4.765  1.00 12.75 ? 81  ALA A O   1 
ATOM   636  C CB  . ALA A 1 81  ? 13.365  0.999   -4.849  1.00 1.00  ? 81  ALA A CB  1 
ATOM   637  N N   . ILE A 1 82  ? 14.016  -1.361  -6.864  1.00 10.17 ? 82  ILE A N   1 
ATOM   638  C CA  . ILE A 1 82  ? 13.589  -2.618  -7.477  1.00 13.48 ? 82  ILE A CA  1 
ATOM   639  C C   . ILE A 1 82  ? 14.753  -3.616  -7.518  1.00 16.71 ? 82  ILE A C   1 
ATOM   640  O O   . ILE A 1 82  ? 14.589  -4.802  -7.342  1.00 21.68 ? 82  ILE A O   1 
ATOM   641  C CB  . ILE A 1 82  ? 13.243  -2.244  -8.890  1.00 17.88 ? 82  ILE A CB  1 
ATOM   642  C CG1 . ILE A 1 82  ? 12.057  -1.308  -8.862  1.00 17.85 ? 82  ILE A CG1 1 
ATOM   643  C CG2 . ILE A 1 82  ? 12.967  -3.489  -9.723  1.00 2.55  ? 82  ILE A CG2 1 
ATOM   644  C CD1 . ILE A 1 82  ? 11.108  -1.634  -9.988  1.00 3.97  ? 82  ILE A CD1 1 
ATOM   645  N N   . ALA A 1 83  ? 15.932  -3.091  -7.774  1.00 12.02 ? 83  ALA A N   1 
ATOM   646  C CA  . ALA A 1 83  ? 17.137  -3.869  -7.802  1.00 13.51 ? 83  ALA A CA  1 
ATOM   647  C C   . ALA A 1 83  ? 17.369  -4.363  -6.367  1.00 17.19 ? 83  ALA A C   1 
ATOM   648  O O   . ALA A 1 83  ? 17.650  -5.527  -6.200  1.00 15.13 ? 83  ALA A O   1 
ATOM   649  C CB  . ALA A 1 83  ? 18.332  -3.029  -8.252  1.00 1.00  ? 83  ALA A CB  1 
ATOM   650  N N   . ALA A 1 84  ? 17.245  -3.480  -5.360  1.00 11.64 ? 84  ALA A N   1 
ATOM   651  C CA  . ALA A 1 84  ? 17.430  -3.870  -3.953  1.00 8.79  ? 84  ALA A CA  1 
ATOM   652  C C   . ALA A 1 84  ? 16.501  -5.007  -3.599  1.00 17.48 ? 84  ALA A C   1 
ATOM   653  O O   . ALA A 1 84  ? 16.672  -5.754  -2.646  1.00 18.38 ? 84  ALA A O   1 
ATOM   654  C CB  . ALA A 1 84  ? 17.343  -2.783  -2.877  1.00 1.00  ? 84  ALA A CB  1 
ATOM   655  N N   . CYS A 1 85  ? 15.482  -5.172  -4.383  1.00 22.01 ? 85  CYS A N   1 
ATOM   656  C CA  . CYS A 1 85  ? 14.645  -6.261  -4.036  1.00 16.71 ? 85  CYS A CA  1 
ATOM   657  C C   . CYS A 1 85  ? 15.225  -7.542  -4.612  1.00 20.44 ? 85  CYS A C   1 
ATOM   658  O O   . CYS A 1 85  ? 14.834  -8.648  -4.223  1.00 23.40 ? 85  CYS A O   1 
ATOM   659  C CB  . CYS A 1 85  ? 13.209  -6.080  -4.555  1.00 14.38 ? 85  CYS A CB  1 
ATOM   660  S SG  . CYS A 1 85  ? 12.361  -4.720  -3.772  1.00 13.35 ? 85  CYS A SG  1 
ATOM   661  N N   . GLY A 1 86  ? 16.142  -7.403  -5.556  1.00 18.15 ? 86  GLY A N   1 
ATOM   662  C CA  . GLY A 1 86  ? 16.703  -8.584  -6.152  1.00 21.11 ? 86  GLY A CA  1 
ATOM   663  C C   . GLY A 1 86  ? 15.578  -9.386  -6.812  1.00 29.12 ? 86  GLY A C   1 
ATOM   664  O O   . GLY A 1 86  ? 14.516  -8.848  -7.188  1.00 30.35 ? 86  GLY A O   1 
ATOM   665  N N   . ASP A 1 87  ? 15.807  -10.684 -6.957  1.00 30.64 ? 87  ASP A N   1 
ATOM   666  C CA  . ASP A 1 87  ? 14.838  -11.561 -7.595  1.00 31.12 ? 87  ASP A CA  1 
ATOM   667  C C   . ASP A 1 87  ? 13.756  -12.168 -6.703  1.00 20.64 ? 87  ASP A C   1 
ATOM   668  O O   . ASP A 1 87  ? 13.931  -13.153 -6.010  1.00 39.62 ? 87  ASP A O   1 
ATOM   669  C CB  . ASP A 1 87  ? 15.579  -12.537 -8.549  1.00 56.87 ? 87  ASP A CB  1 
ATOM   670  C CG  . ASP A 1 87  ? 16.657  -11.833 -9.401  1.00 77.81 ? 87  ASP A CG  1 
ATOM   671  O OD1 . ASP A 1 87  ? 16.439  -10.840 -10.087 1.00 81.15 ? 87  ASP A OD1 1 
ATOM   672  O OD2 . ASP A 1 87  ? 17.857  -12.365 -9.301  1.00 82.46 ? 87  ASP A OD2 1 
ATOM   673  N N   . VAL A 1 88  ? 12.578  -11.623 -6.694  1.00 14.12 ? 88  VAL A N   1 
ATOM   674  C CA  . VAL A 1 88  ? 11.543  -12.200 -5.845  1.00 7.13  ? 88  VAL A CA  1 
ATOM   675  C C   . VAL A 1 88  ? 10.370  -12.266 -6.718  1.00 11.94 ? 88  VAL A C   1 
ATOM   676  O O   . VAL A 1 88  ? 10.340  -11.615 -7.760  1.00 22.73 ? 88  VAL A O   1 
ATOM   677  C CB  . VAL A 1 88  ? 11.246  -11.360 -4.606  1.00 6.86  ? 88  VAL A CB  1 
ATOM   678  C CG1 . VAL A 1 88  ? 12.478  -11.419 -3.695  1.00 1.00  ? 88  VAL A CG1 1 
ATOM   679  C CG2 . VAL A 1 88  ? 11.083  -9.887  -5.029  1.00 4.06  ? 88  VAL A CG2 1 
ATOM   680  N N   . PRO A 1 89  ? 9.400   -13.048 -6.350  1.00 13.87 ? 89  PRO A N   1 
ATOM   681  C CA  . PRO A 1 89  ? 8.253   -13.136 -7.225  1.00 16.56 ? 89  PRO A CA  1 
ATOM   682  C C   . PRO A 1 89  ? 7.289   -11.935 -7.135  1.00 24.81 ? 89  PRO A C   1 
ATOM   683  O O   . PRO A 1 89  ? 6.524   -11.658 -8.064  1.00 29.22 ? 89  PRO A O   1 
ATOM   684  C CB  . PRO A 1 89  ? 7.534   -14.429 -6.816  1.00 14.03 ? 89  PRO A CB  1 
ATOM   685  C CG  . PRO A 1 89  ? 8.250   -14.991 -5.590  1.00 3.87  ? 89  PRO A CG  1 
ATOM   686  C CD  . PRO A 1 89  ? 9.568   -14.247 -5.500  1.00 3.80  ? 89  PRO A CD  1 
ATOM   687  N N   . GLU A 1 90  ? 7.318   -11.201 -6.030  1.00 19.74 ? 90  GLU A N   1 
ATOM   688  C CA  . GLU A 1 90  ? 6.413   -10.075 -5.886  1.00 19.05 ? 90  GLU A CA  1 
ATOM   689  C C   . GLU A 1 90  ? 6.964   -9.047  -4.953  1.00 20.88 ? 90  GLU A C   1 
ATOM   690  O O   . GLU A 1 90  ? 7.451   -9.392  -3.885  1.00 25.47 ? 90  GLU A O   1 
ATOM   691  C CB  . GLU A 1 90  ? 5.059   -10.568 -5.308  1.00 12.18 ? 90  GLU A CB  1 
ATOM   692  C CG  . GLU A 1 90  ? 3.942   -9.522  -5.240  1.00 19.04 ? 90  GLU A CG  1 
ATOM   693  C CD  . GLU A 1 90  ? 2.610   -10.220 -5.036  1.00 30.69 ? 90  GLU A CD  1 
ATOM   694  O OE1 . GLU A 1 90  ? 2.506   -11.339 -4.544  1.00 33.21 ? 90  GLU A OE1 1 
ATOM   695  O OE2 . GLU A 1 90  ? 1.591   -9.534  -5.496  1.00 28.29 ? 90  GLU A OE2 1 
ATOM   696  N N   . ILE A 1 91  ? 6.869   -7.793  -5.377  1.00 7.76  ? 91  ILE A N   1 
ATOM   697  C CA  . ILE A 1 91  ? 7.339   -6.655  -4.585  1.00 12.06 ? 91  ILE A CA  1 
ATOM   698  C C   . ILE A 1 91  ? 6.116   -5.876  -4.141  1.00 16.59 ? 91  ILE A C   1 
ATOM   699  O O   . ILE A 1 91  ? 5.233   -5.678  -4.952  1.00 26.12 ? 91  ILE A O   1 
ATOM   700  C CB  . ILE A 1 91  ? 8.186   -5.739  -5.463  1.00 9.22  ? 91  ILE A CB  1 
ATOM   701  C CG1 . ILE A 1 91  ? 9.401   -6.562  -5.949  1.00 5.64  ? 91  ILE A CG1 1 
ATOM   702  C CG2 . ILE A 1 91  ? 8.525   -4.530  -4.608  1.00 6.27  ? 91  ILE A CG2 1 
ATOM   703  C CD1 . ILE A 1 91  ? 10.512  -5.766  -6.579  1.00 1.23  ? 91  ILE A CD1 1 
ATOM   704  N N   . MET A 1 92  ? 6.014   -5.449  -2.917  1.00 13.70 ? 92  MET A N   1 
ATOM   705  C CA  . MET A 1 92  ? 4.794   -4.714  -2.595  1.00 17.96 ? 92  MET A CA  1 
ATOM   706  C C   . MET A 1 92  ? 5.065   -3.247  -2.380  1.00 13.64 ? 92  MET A C   1 
ATOM   707  O O   . MET A 1 92  ? 6.014   -2.934  -1.656  1.00 10.16 ? 92  MET A O   1 
ATOM   708  C CB  . MET A 1 92  ? 4.115   -5.225  -1.297  1.00 17.52 ? 92  MET A CB  1 
ATOM   709  C CG  . MET A 1 92  ? 3.802   -6.706  -1.321  1.00 19.28 ? 92  MET A CG  1 
ATOM   710  S SD  . MET A 1 92  ? 2.556   -7.172  -2.531  1.00 17.64 ? 92  MET A SD  1 
ATOM   711  C CE  . MET A 1 92  ? 1.110   -6.505  -1.796  1.00 18.62 ? 92  MET A CE  1 
ATOM   712  N N   . VAL A 1 93  ? 4.246   -2.403  -3.005  1.00 7.05  ? 93  VAL A N   1 
ATOM   713  C CA  . VAL A 1 93  ? 4.326   -0.968  -2.882  1.00 9.46  ? 93  VAL A CA  1 
ATOM   714  C C   . VAL A 1 93  ? 3.230   -0.576  -1.934  1.00 9.44  ? 93  VAL A C   1 
ATOM   715  O O   . VAL A 1 93  ? 2.042   -0.783  -2.206  1.00 15.70 ? 93  VAL A O   1 
ATOM   716  C CB  . VAL A 1 93  ? 4.383   -0.140  -4.159  1.00 6.15  ? 93  VAL A CB  1 
ATOM   717  C CG1 . VAL A 1 93  ? 4.573   1.345   -3.812  1.00 2.19  ? 93  VAL A CG1 1 
ATOM   718  C CG2 . VAL A 1 93  ? 5.625   -0.605  -4.892  1.00 1.00  ? 93  VAL A CG2 1 
ATOM   719  N N   . ILE A 1 94  ? 3.688   -0.043  -0.811  1.00 1.00  ? 94  ILE A N   1 
ATOM   720  C CA  . ILE A 1 94  ? 2.829   0.408   0.261   1.00 8.85  ? 94  ILE A CA  1 
ATOM   721  C C   . ILE A 1 94  ? 2.564   1.913   0.402   1.00 14.97 ? 94  ILE A C   1 
ATOM   722  O O   . ILE A 1 94  ? 1.869   2.282   1.350   1.00 14.78 ? 94  ILE A O   1 
ATOM   723  C CB  . ILE A 1 94  ? 3.068   -0.225  1.601   1.00 6.71  ? 94  ILE A CB  1 
ATOM   724  C CG1 . ILE A 1 94  ? 4.428   0.222   2.092   1.00 8.45  ? 94  ILE A CG1 1 
ATOM   725  C CG2 . ILE A 1 94  ? 2.953   -1.745  1.488   1.00 1.00  ? 94  ILE A CG2 1 
ATOM   726  C CD1 . ILE A 1 94  ? 4.522   0.096   3.591   1.00 15.12 ? 94  ILE A CD1 1 
ATOM   727  N N   . GLY A 1 95  ? 3.084   2.741   -0.528  1.00 8.45  ? 95  GLY A N   1 
ATOM   728  C CA  . GLY A 1 95  ? 2.864   4.163   -0.526  1.00 9.87  ? 95  GLY A CA  1 
ATOM   729  C C   . GLY A 1 95  ? 4.025   4.977   -0.058  1.00 11.35 ? 95  GLY A C   1 
ATOM   730  O O   . GLY A 1 95  ? 5.110   4.449   0.079   1.00 16.57 ? 95  GLY A O   1 
ATOM   731  N N   . GLY A 1 96  ? 3.767   6.259   0.214   1.00 8.16  ? 96  GLY A N   1 
ATOM   732  C CA  . GLY A 1 96  ? 2.454   6.833   0.034   1.00 7.82  ? 96  GLY A CA  1 
ATOM   733  C C   . GLY A 1 96  ? 2.167   7.206   -1.439  1.00 13.04 ? 96  GLY A C   1 
ATOM   734  O O   . GLY A 1 96  ? 2.648   6.555   -2.392  1.00 15.03 ? 96  GLY A O   1 
ATOM   735  N N   . GLY A 1 97  ? 1.371   8.273   -1.597  1.00 7.60  ? 97  GLY A N   1 
ATOM   736  C CA  . GLY A 1 97  ? 0.919   8.840   -2.877  1.00 7.02  ? 97  GLY A CA  1 
ATOM   737  C C   . GLY A 1 97  ? 1.879   8.886   -4.057  1.00 9.05  ? 97  GLY A C   1 
ATOM   738  O O   . GLY A 1 97  ? 1.586   8.190   -5.029  1.00 15.53 ? 97  GLY A O   1 
ATOM   739  N N   . ARG A 1 98  ? 2.995   9.696   -3.959  1.00 7.65  ? 98  ARG A N   1 
ATOM   740  C CA  . ARG A 1 98  ? 4.011   9.845   -5.013  1.00 10.82 ? 98  ARG A CA  1 
ATOM   741  C C   . ARG A 1 98  ? 4.565   8.539   -5.422  1.00 18.24 ? 98  ARG A C   1 
ATOM   742  O O   . ARG A 1 98  ? 4.886   8.299   -6.597  1.00 19.61 ? 98  ARG A O   1 
ATOM   743  C CB  . ARG A 1 98  ? 5.234   10.598  -4.556  1.00 19.54 ? 98  ARG A CB  1 
ATOM   744  C CG  . ARG A 1 98  ? 5.381   12.009  -5.131  1.00 35.30 ? 98  ARG A CG  1 
ATOM   745  C CD  . ARG A 1 98  ? 5.834   12.067  -6.592  1.00 50.57 ? 98  ARG A CD  1 
ATOM   746  N NE  . ARG A 1 98  ? 7.223   12.518  -6.833  1.00 60.37 ? 98  ARG A NE  1 
ATOM   747  C CZ  . ARG A 1 98  ? 7.882   12.340  -7.996  1.00 61.08 ? 98  ARG A CZ  1 
ATOM   748  N NH1 . ARG A 1 98  ? 7.314   11.717  -9.031  1.00 63.79 ? 98  ARG A NH1 1 
ATOM   749  N NH2 . ARG A 1 98  ? 9.139   12.782  -8.136  1.00 56.33 ? 98  ARG A NH2 1 
ATOM   750  N N   . VAL A 1 99  ? 4.679   7.747   -4.357  1.00 17.53 ? 99  VAL A N   1 
ATOM   751  C CA  . VAL A 1 99  ? 5.174   6.416   -4.383  1.00 3.81  ? 99  VAL A CA  1 
ATOM   752  C C   . VAL A 1 99  ? 4.288   5.586   -5.229  1.00 5.23  ? 99  VAL A C   1 
ATOM   753  O O   . VAL A 1 99  ? 4.738   5.016   -6.215  1.00 9.88  ? 99  VAL A O   1 
ATOM   754  C CB  . VAL A 1 99  ? 5.279   5.865   -3.015  1.00 4.17  ? 99  VAL A CB  1 
ATOM   755  C CG1 . VAL A 1 99  ? 5.096   4.358   -3.079  1.00 15.80 ? 99  VAL A CG1 1 
ATOM   756  C CG2 . VAL A 1 99  ? 6.665   6.294   -2.569  1.00 4.65  ? 99  VAL A CG2 1 
ATOM   757  N N   . TYR A 1 100 ? 3.036   5.538   -4.827  1.00 11.58 ? 100 TYR A N   1 
ATOM   758  C CA  . TYR A 1 100 ? 2.023   4.801   -5.531  1.00 19.03 ? 100 TYR A CA  1 
ATOM   759  C C   . TYR A 1 100 ? 2.103   5.065   -7.041  1.00 25.02 ? 100 TYR A C   1 
ATOM   760  O O   . TYR A 1 100 ? 2.250   4.174   -7.891  1.00 18.99 ? 100 TYR A O   1 
ATOM   761  C CB  . TYR A 1 100 ? 0.730   5.340   -4.956  1.00 11.57 ? 100 TYR A CB  1 
ATOM   762  C CG  . TYR A 1 100 ? 0.348   4.502   -3.754  1.00 12.93 ? 100 TYR A CG  1 
ATOM   763  C CD1 . TYR A 1 100 ? 0.580   3.130   -3.784  1.00 6.35  ? 100 TYR A CD1 1 
ATOM   764  C CD2 . TYR A 1 100 ? -0.276  5.042   -2.637  1.00 14.55 ? 100 TYR A CD2 1 
ATOM   765  C CE1 . TYR A 1 100 ? 0.225   2.302   -2.717  1.00 5.83  ? 100 TYR A CE1 1 
ATOM   766  C CE2 . TYR A 1 100 ? -0.638  4.217   -1.576  1.00 16.51 ? 100 TYR A CE2 1 
ATOM   767  C CZ  . TYR A 1 100 ? -0.382  2.851   -1.600  1.00 14.92 ? 100 TYR A CZ  1 
ATOM   768  O OH  . TYR A 1 100 ? -0.722  2.054   -0.532  1.00 27.45 ? 100 TYR A OH  1 
ATOM   769  N N   . GLU A 1 101 ? 2.053   6.356   -7.337  1.00 28.29 ? 101 GLU A N   1 
ATOM   770  C CA  . GLU A 1 101 ? 2.121   6.913   -8.656  1.00 25.85 ? 101 GLU A CA  1 
ATOM   771  C C   . GLU A 1 101 ? 3.308   6.510   -9.500  1.00 24.39 ? 101 GLU A C   1 
ATOM   772  O O   . GLU A 1 101 ? 3.208   6.219   -10.694 1.00 26.39 ? 101 GLU A O   1 
ATOM   773  C CB  . GLU A 1 101 ? 2.387   8.386   -8.480  1.00 26.87 ? 101 GLU A CB  1 
ATOM   774  C CG  . GLU A 1 101 ? 1.139   9.207   -8.315  1.00 33.24 ? 101 GLU A CG  1 
ATOM   775  C CD  . GLU A 1 101 ? 1.501   10.633  -8.550  1.00 45.35 ? 101 GLU A CD  1 
ATOM   776  O OE1 . GLU A 1 101 ? 2.355   10.980  -9.354  1.00 45.83 ? 101 GLU A OE1 1 
ATOM   777  O OE2 . GLU A 1 101 ? 0.873   11.433  -7.738  1.00 53.74 ? 101 GLU A OE2 1 
ATOM   778  N N   . GLN A 1 102 ? 4.453   6.567   -8.882  1.00 22.33 ? 102 GLN A N   1 
ATOM   779  C CA  . GLN A 1 102 ? 5.662   6.236   -9.542  1.00 11.68 ? 102 GLN A CA  1 
ATOM   780  C C   . GLN A 1 102 ? 5.734   4.774   -9.908  1.00 9.64  ? 102 GLN A C   1 
ATOM   781  O O   . GLN A 1 102 ? 6.465   4.407   -10.805 1.00 20.20 ? 102 GLN A O   1 
ATOM   782  C CB  . GLN A 1 102 ? 6.836   6.564   -8.622  1.00 1.92  ? 102 GLN A CB  1 
ATOM   783  C CG  . GLN A 1 102 ? 7.035   8.045   -8.394  1.00 12.26 ? 102 GLN A CG  1 
ATOM   784  C CD  . GLN A 1 102 ? 8.076   8.431   -7.316  1.00 26.68 ? 102 GLN A CD  1 
ATOM   785  O OE1 . GLN A 1 102 ? 9.253   8.673   -7.619  1.00 19.28 ? 102 GLN A OE1 1 
ATOM   786  N NE2 . GLN A 1 102 ? 7.601   8.672   -6.091  1.00 29.06 ? 102 GLN A NE2 1 
ATOM   787  N N   . PHE A 1 103 ? 4.984   3.932   -9.253  1.00 6.16  ? 103 PHE A N   1 
ATOM   788  C CA  . PHE A 1 103 ? 5.079   2.510   -9.548  1.00 7.13  ? 103 PHE A CA  1 
ATOM   789  C C   . PHE A 1 103 ? 3.961   1.892   -10.271 1.00 7.44  ? 103 PHE A C   1 
ATOM   790  O O   . PHE A 1 103 ? 4.150   0.822   -10.873 1.00 4.21  ? 103 PHE A O   1 
ATOM   791  C CB  . PHE A 1 103 ? 5.398   1.597   -8.302  1.00 18.33 ? 103 PHE A CB  1 
ATOM   792  C CG  . PHE A 1 103 ? 6.756   1.740   -7.595  1.00 14.70 ? 103 PHE A CG  1 
ATOM   793  C CD1 . PHE A 1 103 ? 6.982   2.765   -6.666  1.00 4.79  ? 103 PHE A CD1 1 
ATOM   794  C CD2 . PHE A 1 103 ? 7.798   0.845   -7.847  1.00 15.04 ? 103 PHE A CD2 1 
ATOM   795  C CE1 . PHE A 1 103 ? 8.207   2.901   -6.016  1.00 1.36  ? 103 PHE A CE1 1 
ATOM   796  C CE2 . PHE A 1 103 ? 9.032   0.964   -7.200  1.00 4.87  ? 103 PHE A CE2 1 
ATOM   797  C CZ  . PHE A 1 103 ? 9.236   2.000   -6.288  1.00 1.00  ? 103 PHE A CZ  1 
ATOM   798  N N   . LEU A 1 104 ? 2.787   2.533   -10.172 1.00 12.17 ? 104 LEU A N   1 
ATOM   799  C CA  . LEU A 1 104 ? 1.602   2.035   -10.852 1.00 8.63  ? 104 LEU A CA  1 
ATOM   800  C C   . LEU A 1 104 ? 1.943   1.689   -12.284 1.00 4.00  ? 104 LEU A C   1 
ATOM   801  O O   . LEU A 1 104 ? 1.566   0.678   -12.817 1.00 13.65 ? 104 LEU A O   1 
ATOM   802  C CB  . LEU A 1 104 ? 0.692   3.242   -10.919 1.00 12.45 ? 104 LEU A CB  1 
ATOM   803  C CG  . LEU A 1 104 ? -0.633  2.965   -11.574 1.00 16.63 ? 104 LEU A CG  1 
ATOM   804  C CD1 . LEU A 1 104 ? -1.160  1.583   -11.187 1.00 21.28 ? 104 LEU A CD1 1 
ATOM   805  C CD2 . LEU A 1 104 ? -1.596  4.052   -11.126 1.00 14.13 ? 104 LEU A CD2 1 
ATOM   806  N N   . PRO A 1 105 ? 2.717   2.555   -12.918 1.00 2.19  ? 105 PRO A N   1 
ATOM   807  C CA  . PRO A 1 105 ? 3.072   2.268   -14.297 1.00 11.17 ? 105 PRO A CA  1 
ATOM   808  C C   . PRO A 1 105 ? 3.795   0.937   -14.498 1.00 23.77 ? 105 PRO A C   1 
ATOM   809  O O   . PRO A 1 105 ? 3.772   0.351   -15.581 1.00 21.72 ? 105 PRO A O   1 
ATOM   810  C CB  . PRO A 1 105 ? 3.891   3.443   -14.804 1.00 6.25  ? 105 PRO A CB  1 
ATOM   811  C CG  . PRO A 1 105 ? 3.710   4.555   -13.794 1.00 9.61  ? 105 PRO A CG  1 
ATOM   812  C CD  . PRO A 1 105 ? 3.355   3.853   -12.512 1.00 11.87 ? 105 PRO A CD  1 
ATOM   813  N N   . LYS A 1 106 ? 4.435   0.458   -13.416 1.00 26.83 ? 106 LYS A N   1 
ATOM   814  C CA  . LYS A 1 106 ? 5.174   -0.780  -13.398 1.00 7.25  ? 106 LYS A CA  1 
ATOM   815  C C   . LYS A 1 106 ? 4.394   -1.911  -12.841 1.00 9.87  ? 106 LYS A C   1 
ATOM   816  O O   . LYS A 1 106 ? 4.610   -3.102  -13.146 1.00 7.45  ? 106 LYS A O   1 
ATOM   817  C CB  . LYS A 1 106 ? 6.325   -0.509  -12.541 1.00 8.56  ? 106 LYS A CB  1 
ATOM   818  C CG  . LYS A 1 106 ? 7.203   0.574   -13.180 1.00 7.93  ? 106 LYS A CG  1 
ATOM   819  C CD  . LYS A 1 106 ? 8.648   0.268   -12.855 1.00 11.42 ? 106 LYS A CD  1 
ATOM   820  C CE  . LYS A 1 106 ? 9.617   0.829   -13.822 1.00 25.00 ? 106 LYS A CE  1 
ATOM   821  N NZ  . LYS A 1 106 ? 9.888   2.250   -13.549 1.00 35.98 ? 106 LYS A NZ  1 
ATOM   822  N N   . ALA A 1 107 ? 3.455   -1.505  -11.998 1.00 6.46  ? 107 ALA A N   1 
ATOM   823  C CA  . ALA A 1 107 ? 2.597   -2.475  -11.339 1.00 6.47  ? 107 ALA A CA  1 
ATOM   824  C C   . ALA A 1 107 ? 1.866   -3.352  -12.316 1.00 12.05 ? 107 ALA A C   1 
ATOM   825  O O   . ALA A 1 107 ? 1.575   -2.957  -13.428 1.00 21.24 ? 107 ALA A O   1 
ATOM   826  C CB  . ALA A 1 107 ? 1.617   -1.740  -10.423 1.00 3.67  ? 107 ALA A CB  1 
ATOM   827  N N   . GLN A 1 108 ? 1.543   -4.556  -11.895 1.00 24.69 ? 108 GLN A N   1 
ATOM   828  C CA  . GLN A 1 108 ? 0.818   -5.533  -12.705 1.00 19.59 ? 108 GLN A CA  1 
ATOM   829  C C   . GLN A 1 108 ? -0.357  -5.958  -11.859 1.00 12.69 ? 108 GLN A C   1 
ATOM   830  O O   . GLN A 1 108 ? -1.292  -6.662  -12.297 1.00 7.97  ? 108 GLN A O   1 
ATOM   831  C CB  . GLN A 1 108 ? 1.607   -6.831  -13.072 1.00 27.73 ? 108 GLN A CB  1 
ATOM   832  C CG  . GLN A 1 108 ? 2.451   -6.857  -14.387 1.00 45.14 ? 108 GLN A CG  1 
ATOM   833  C CD  . GLN A 1 108 ? 1.781   -6.526  -15.738 1.00 53.16 ? 108 GLN A CD  1 
ATOM   834  O OE1 . GLN A 1 108 ? 0.852   -7.200  -16.239 1.00 56.14 ? 108 GLN A OE1 1 
ATOM   835  N NE2 . GLN A 1 108 ? 2.343   -5.513  -16.392 1.00 56.35 ? 108 GLN A NE2 1 
ATOM   836  N N   . LYS A 1 109 ? -0.320  -5.503  -10.614 1.00 13.85 ? 109 LYS A N   1 
ATOM   837  C CA  . LYS A 1 109 ? -1.378  -5.878  -9.738  1.00 13.90 ? 109 LYS A CA  1 
ATOM   838  C C   . LYS A 1 109 ? -1.734  -4.884  -8.692  1.00 8.17  ? 109 LYS A C   1 
ATOM   839  O O   . LYS A 1 109 ? -0.899  -4.104  -8.314  1.00 7.74  ? 109 LYS A O   1 
ATOM   840  C CB  . LYS A 1 109 ? -0.809  -7.043  -9.024  1.00 11.35 ? 109 LYS A CB  1 
ATOM   841  C CG  . LYS A 1 109 ? -1.871  -7.922  -8.604  1.00 9.54  ? 109 LYS A CG  1 
ATOM   842  C CD  . LYS A 1 109 ? -1.267  -9.251  -8.662  1.00 20.91 ? 109 LYS A CD  1 
ATOM   843  C CE  . LYS A 1 109 ? -2.139  -10.242 -7.948  1.00 28.93 ? 109 LYS A CE  1 
ATOM   844  N NZ  . LYS A 1 109 ? -1.591  -11.553 -8.231  1.00 37.09 ? 109 LYS A NZ  1 
ATOM   845  N N   . LEU A 1 110 ? -2.986  -4.975  -8.230  1.00 18.24 ? 110 LEU A N   1 
ATOM   846  C CA  . LEU A 1 110 ? -3.497  -4.083  -7.217  1.00 13.75 ? 110 LEU A CA  1 
ATOM   847  C C   . LEU A 1 110 ? -4.345  -4.647  -6.148  1.00 11.58 ? 110 LEU A C   1 
ATOM   848  O O   . LEU A 1 110 ? -5.406  -5.190  -6.388  1.00 20.07 ? 110 LEU A O   1 
ATOM   849  C CB  . LEU A 1 110 ? -4.485  -3.118  -7.837  1.00 19.38 ? 110 LEU A CB  1 
ATOM   850  C CG  . LEU A 1 110 ? -3.972  -2.252  -9.004  1.00 24.51 ? 110 LEU A CG  1 
ATOM   851  C CD1 . LEU A 1 110 ? -5.090  -1.303  -9.413  1.00 27.39 ? 110 LEU A CD1 1 
ATOM   852  C CD2 . LEU A 1 110 ? -2.771  -1.428  -8.565  1.00 19.60 ? 110 LEU A CD2 1 
ATOM   853  N N   . TYR A 1 111 ? -3.884  -4.457  -4.938  1.00 7.88  ? 111 TYR A N   1 
ATOM   854  C CA  . TYR A 1 111 ? -4.694  -4.943  -3.816  1.00 8.80  ? 111 TYR A CA  1 
ATOM   855  C C   . TYR A 1 111 ? -5.322  -3.727  -3.166  1.00 13.19 ? 111 TYR A C   1 
ATOM   856  O O   . TYR A 1 111 ? -4.651  -2.870  -2.585  1.00 6.79  ? 111 TYR A O   1 
ATOM   857  C CB  . TYR A 1 111 ? -3.852  -5.596  -2.754  1.00 4.53  ? 111 TYR A CB  1 
ATOM   858  C CG  . TYR A 1 111 ? -3.045  -6.752  -3.260  1.00 8.45  ? 111 TYR A CG  1 
ATOM   859  C CD1 . TYR A 1 111 ? -1.908  -6.515  -4.025  1.00 12.60 ? 111 TYR A CD1 1 
ATOM   860  C CD2 . TYR A 1 111 ? -3.439  -8.055  -2.964  1.00 13.57 ? 111 TYR A CD2 1 
ATOM   861  C CE1 . TYR A 1 111 ? -1.127  -7.574  -4.480  1.00 14.02 ? 111 TYR A CE1 1 
ATOM   862  C CE2 . TYR A 1 111 ? -2.682  -9.127  -3.415  1.00 20.14 ? 111 TYR A CE2 1 
ATOM   863  C CZ  . TYR A 1 111 ? -1.534  -8.862  -4.158  1.00 15.81 ? 111 TYR A CZ  1 
ATOM   864  O OH  . TYR A 1 111 ? -0.791  -9.891  -4.586  1.00 16.06 ? 111 TYR A OH  1 
ATOM   865  N N   . LEU A 1 112 ? -6.621  -3.653  -3.278  1.00 15.39 ? 112 LEU A N   1 
ATOM   866  C CA  . LEU A 1 112 ? -7.221  -2.517  -2.712  1.00 6.19  ? 112 LEU A CA  1 
ATOM   867  C C   . LEU A 1 112 ? -8.398  -2.900  -1.894  1.00 12.79 ? 112 LEU A C   1 
ATOM   868  O O   . LEU A 1 112 ? -9.137  -3.838  -2.232  1.00 16.48 ? 112 LEU A O   1 
ATOM   869  C CB  . LEU A 1 112 ? -7.689  -1.566  -3.830  1.00 10.49 ? 112 LEU A CB  1 
ATOM   870  C CG  . LEU A 1 112 ? -6.845  -1.603  -5.115  1.00 16.14 ? 112 LEU A CG  1 
ATOM   871  C CD1 . LEU A 1 112 ? -7.721  -1.114  -6.273  1.00 21.12 ? 112 LEU A CD1 1 
ATOM   872  C CD2 . LEU A 1 112 ? -5.683  -0.619  -4.949  1.00 6.76  ? 112 LEU A CD2 1 
ATOM   873  N N   . THR A 1 113 ? -8.495  -2.125  -0.824  1.00 9.05  ? 113 THR A N   1 
ATOM   874  C CA  . THR A 1 113 ? -9.528  -2.166  0.201   1.00 16.61 ? 113 THR A CA  1 
ATOM   875  C C   . THR A 1 113 ? -10.329 -0.849  0.115   1.00 26.70 ? 113 THR A C   1 
ATOM   876  O O   . THR A 1 113 ? -9.835  0.220   0.486   1.00 30.77 ? 113 THR A O   1 
ATOM   877  C CB  . THR A 1 113 ? -8.826  -2.205  1.560   1.00 9.30  ? 113 THR A CB  1 
ATOM   878  O OG1 . THR A 1 113 ? -7.814  -3.200  1.490   1.00 15.67 ? 113 THR A OG1 1 
ATOM   879  C CG2 . THR A 1 113 ? -9.885  -2.519  2.587   1.00 12.79 ? 113 THR A CG2 1 
ATOM   880  N N   . HIS A 1 114 ? -11.552 -0.932  -0.384  1.00 22.93 ? 114 HIS A N   1 
ATOM   881  C CA  . HIS A 1 114 ? -12.454 0.204   -0.553  1.00 18.62 ? 114 HIS A CA  1 
ATOM   882  C C   . HIS A 1 114 ? -13.168 0.529   0.717   1.00 13.14 ? 114 HIS A C   1 
ATOM   883  O O   . HIS A 1 114 ? -13.999 -0.222  1.138   1.00 11.25 ? 114 HIS A O   1 
ATOM   884  C CB  . HIS A 1 114 ? -13.505 -0.161  -1.606  1.00 16.20 ? 114 HIS A CB  1 
ATOM   885  C CG  . HIS A 1 114 ? -12.801 -0.303  -2.905  1.00 9.96  ? 114 HIS A CG  1 
ATOM   886  N ND1 . HIS A 1 114 ? -12.330 0.812   -3.547  1.00 11.36 ? 114 HIS A ND1 1 
ATOM   887  C CD2 . HIS A 1 114 ? -12.477 -1.408  -3.643  1.00 10.94 ? 114 HIS A CD2 1 
ATOM   888  C CE1 . HIS A 1 114 ? -11.749 0.388   -4.681  1.00 9.33  ? 114 HIS A CE1 1 
ATOM   889  N NE2 . HIS A 1 114 ? -11.828 -0.941  -4.768  1.00 13.21 ? 114 HIS A NE2 1 
ATOM   890  N N   . ILE A 1 115 ? -12.869 1.622   1.338   1.00 20.09 ? 115 ILE A N   1 
ATOM   891  C CA  . ILE A 1 115 ? -13.600 1.822   2.568   1.00 25.62 ? 115 ILE A CA  1 
ATOM   892  C C   . ILE A 1 115 ? -14.790 2.755   2.488   1.00 30.58 ? 115 ILE A C   1 
ATOM   893  O O   . ILE A 1 115 ? -14.725 3.891   2.024   1.00 27.38 ? 115 ILE A O   1 
ATOM   894  C CB  . ILE A 1 115 ? -12.666 2.141   3.674   1.00 26.78 ? 115 ILE A CB  1 
ATOM   895  C CG1 . ILE A 1 115 ? -11.690 0.970   3.801   1.00 25.07 ? 115 ILE A CG1 1 
ATOM   896  C CG2 . ILE A 1 115 ? -13.502 2.326   4.941   1.00 26.61 ? 115 ILE A CG2 1 
ATOM   897  C CD1 . ILE A 1 115 ? -10.358 1.495   4.306   1.00 28.12 ? 115 ILE A CD1 1 
ATOM   898  N N   . ASP A 1 116 ? -15.882 2.226   2.975   1.00 33.03 ? 116 ASP A N   1 
ATOM   899  C CA  . ASP A 1 116 ? -17.088 2.993   2.963   1.00 32.67 ? 116 ASP A CA  1 
ATOM   900  C C   . ASP A 1 116 ? -17.121 4.109   3.978   1.00 24.25 ? 116 ASP A C   1 
ATOM   901  O O   . ASP A 1 116 ? -17.699 4.037   5.059   1.00 17.57 ? 116 ASP A O   1 
ATOM   902  C CB  . ASP A 1 116 ? -18.298 2.148   2.528   1.00 40.50 ? 116 ASP A CB  1 
ATOM   903  C CG  . ASP A 1 116 ? -17.808 1.226   1.339   1.00 53.09 ? 116 ASP A CG  1 
ATOM   904  O OD1 . ASP A 1 116 ? -17.038 1.637   0.398   1.00 51.12 ? 116 ASP A OD1 1 
ATOM   905  O OD2 . ASP A 1 116 ? -18.194 -0.082  1.442   1.00 46.51 ? 116 ASP A OD2 1 
ATOM   906  N N   . ALA A 1 117 ? -16.414 5.159   3.549   1.00 23.02 ? 117 ALA A N   1 
ATOM   907  C CA  . ALA A 1 117 ? -16.244 6.361   4.331   1.00 30.38 ? 117 ALA A CA  1 
ATOM   908  C C   . ALA A 1 117 ? -15.734 7.613   3.641   1.00 28.18 ? 117 ALA A C   1 
ATOM   909  O O   . ALA A 1 117 ? -14.692 7.618   2.985   1.00 28.34 ? 117 ALA A O   1 
ATOM   910  C CB  . ALA A 1 117 ? -15.246 6.056   5.446   1.00 36.58 ? 117 ALA A CB  1 
ATOM   911  N N   . GLU A 1 118 ? -16.498 8.673   3.851   1.00 30.38 ? 118 GLU A N   1 
ATOM   912  C CA  . GLU A 1 118 ? -16.192 9.992   3.330   1.00 37.00 ? 118 GLU A CA  1 
ATOM   913  C C   . GLU A 1 118 ? -15.259 10.608  4.352   1.00 41.47 ? 118 GLU A C   1 
ATOM   914  O O   . GLU A 1 118 ? -15.551 10.546  5.559   1.00 47.77 ? 118 GLU A O   1 
ATOM   915  C CB  . GLU A 1 118 ? -17.411 10.952  3.265   1.00 42.80 ? 118 GLU A CB  1 
ATOM   916  C CG  . GLU A 1 118 ? -18.589 10.432  2.457   1.00 48.81 ? 118 GLU A CG  1 
ATOM   917  C CD  . GLU A 1 118 ? -19.747 11.412  2.431   0.00 20.00 ? 118 GLU A CD  1 
ATOM   918  O OE1 . GLU A 1 118 ? -19.623 12.494  3.042   0.00 20.00 ? 118 GLU A OE1 1 
ATOM   919  O OE2 . GLU A 1 118 ? -20.777 11.099  1.798   0.00 20.00 ? 118 GLU A OE2 1 
ATOM   920  N N   . VAL A 1 119 ? -14.163 11.179  3.870   1.00 36.58 ? 119 VAL A N   1 
ATOM   921  C CA  . VAL A 1 119 ? -13.145 11.837  4.697   1.00 40.16 ? 119 VAL A CA  1 
ATOM   922  C C   . VAL A 1 119 ? -12.356 12.867  3.890   1.00 45.81 ? 119 VAL A C   1 
ATOM   923  O O   . VAL A 1 119 ? -12.059 12.653  2.709   1.00 34.88 ? 119 VAL A O   1 
ATOM   924  C CB  . VAL A 1 119 ? -12.157 10.962  5.478   1.00 33.41 ? 119 VAL A CB  1 
ATOM   925  C CG1 . VAL A 1 119 ? -12.626 9.544   5.758   1.00 26.43 ? 119 VAL A CG1 1 
ATOM   926  C CG2 . VAL A 1 119 ? -10.751 11.060  4.905   1.00 34.34 ? 119 VAL A CG2 1 
ATOM   927  N N   . GLU A 1 120 ? -12.026 13.988  4.559   1.00 58.99 ? 120 GLU A N   1 
ATOM   928  C CA  . GLU A 1 120 ? -11.269 15.080  3.931   1.00 65.12 ? 120 GLU A CA  1 
ATOM   929  C C   . GLU A 1 120 ? -9.781  14.854  4.017   1.00 59.19 ? 120 GLU A C   1 
ATOM   930  O O   . GLU A 1 120 ? -9.121  14.838  5.067   1.00 61.34 ? 120 GLU A O   1 
ATOM   931  C CB  . GLU A 1 120 ? -11.726 16.529  4.300   1.00 70.23 ? 120 GLU A CB  1 
ATOM   932  C CG  . GLU A 1 120 ? -11.559 17.587  3.167   1.00 73.44 ? 120 GLU A CG  1 
ATOM   933  C CD  . GLU A 1 120 ? -10.297 18.424  3.187   1.00 78.47 ? 120 GLU A CD  1 
ATOM   934  O OE1 . GLU A 1 120 ? -9.741  18.788  4.212   1.00 81.06 ? 120 GLU A OE1 1 
ATOM   935  O OE2 . GLU A 1 120 ? -9.882  18.759  1.983   1.00 80.59 ? 120 GLU A OE2 1 
ATOM   936  N N   . GLY A 1 121 ? -9.221  14.665  2.879   1.00 51.69 ? 121 GLY A N   1 
ATOM   937  C CA  . GLY A 1 121 ? -7.835  14.446  2.995   1.00 49.73 ? 121 GLY A CA  1 
ATOM   938  C C   . GLY A 1 121 ? -7.089  14.967  1.824   1.00 42.06 ? 121 GLY A C   1 
ATOM   939  O O   . GLY A 1 121 ? -7.545  14.972  0.683   1.00 34.27 ? 121 GLY A O   1 
ATOM   940  N N   . ASP A 1 122 ? -5.924  15.390  2.201   1.00 42.42 ? 122 ASP A N   1 
ATOM   941  C CA  . ASP A 1 122 ? -4.981  15.929  1.317   1.00 51.05 ? 122 ASP A CA  1 
ATOM   942  C C   . ASP A 1 122 ? -4.687  14.987  0.164   1.00 47.28 ? 122 ASP A C   1 
ATOM   943  O O   . ASP A 1 122 ? -4.600  15.404  -0.992  1.00 43.04 ? 122 ASP A O   1 
ATOM   944  C CB  . ASP A 1 122 ? -3.706  16.030  2.158   1.00 66.51 ? 122 ASP A CB  1 
ATOM   945  C CG  . ASP A 1 122 ? -2.692  17.018  1.676   1.00 78.98 ? 122 ASP A CG  1 
ATOM   946  O OD1 . ASP A 1 122 ? -2.974  18.157  1.319   1.00 83.58 ? 122 ASP A OD1 1 
ATOM   947  O OD2 . ASP A 1 122 ? -1.473  16.521  1.720   1.00 81.16 ? 122 ASP A OD2 1 
ATOM   948  N N   . THR A 1 123 ? -4.506  13.699  0.443   1.00 44.24 ? 123 THR A N   1 
ATOM   949  C CA  . THR A 1 123 ? -4.173  12.856  -0.693  1.00 38.44 ? 123 THR A CA  1 
ATOM   950  C C   . THR A 1 123 ? -5.087  11.819  -1.318  1.00 23.86 ? 123 THR A C   1 
ATOM   951  O O   . THR A 1 123 ? -6.063  11.367  -0.685  1.00 26.04 ? 123 THR A O   1 
ATOM   952  C CB  . THR A 1 123 ? -2.661  12.632  -0.838  1.00 42.66 ? 123 THR A CB  1 
ATOM   953  O OG1 . THR A 1 123 ? -2.258  11.598  0.016   1.00 55.22 ? 123 THR A OG1 1 
ATOM   954  C CG2 . THR A 1 123 ? -1.952  13.882  -0.344  1.00 37.80 ? 123 THR A CG2 1 
ATOM   955  N N   . HIS A 1 124 ? -4.724  11.478  -2.593  1.00 12.25 ? 124 HIS A N   1 
ATOM   956  C CA  . HIS A 1 124 ? -5.433  10.494  -3.417  1.00 18.29 ? 124 HIS A CA  1 
ATOM   957  C C   . HIS A 1 124 ? -4.573  9.526   -4.178  1.00 16.61 ? 124 HIS A C   1 
ATOM   958  O O   . HIS A 1 124 ? -3.514  9.820   -4.744  1.00 17.29 ? 124 HIS A O   1 
ATOM   959  C CB  . HIS A 1 124 ? -6.367  11.070  -4.479  1.00 24.86 ? 124 HIS A CB  1 
ATOM   960  C CG  . HIS A 1 124 ? -7.057  12.220  -3.914  1.00 38.59 ? 124 HIS A CG  1 
ATOM   961  N ND1 . HIS A 1 124 ? -8.421  12.216  -3.686  1.00 40.02 ? 124 HIS A ND1 1 
ATOM   962  C CD2 . HIS A 1 124 ? -6.533  13.401  -3.521  1.00 45.08 ? 124 HIS A CD2 1 
ATOM   963  C CE1 . HIS A 1 124 ? -8.696  13.404  -3.162  1.00 46.23 ? 124 HIS A CE1 1 
ATOM   964  N NE2 . HIS A 1 124 ? -7.592  14.141  -3.045  1.00 46.89 ? 124 HIS A NE2 1 
ATOM   965  N N   . PHE A 1 125 ? -5.131  8.347   -4.196  1.00 14.36 ? 125 PHE A N   1 
ATOM   966  C CA  . PHE A 1 125 ? -4.534  7.245   -4.877  1.00 16.48 ? 125 PHE A CA  1 
ATOM   967  C C   . PHE A 1 125 ? -4.580  7.638   -6.335  1.00 27.45 ? 125 PHE A C   1 
ATOM   968  O O   . PHE A 1 125 ? -5.427  8.423   -6.705  1.00 34.15 ? 125 PHE A O   1 
ATOM   969  C CB  . PHE A 1 125 ? -5.338  5.970   -4.594  1.00 19.00 ? 125 PHE A CB  1 
ATOM   970  C CG  . PHE A 1 125 ? -4.695  4.807   -5.235  1.00 21.98 ? 125 PHE A CG  1 
ATOM   971  C CD1 . PHE A 1 125 ? -3.533  4.259   -4.692  1.00 29.92 ? 125 PHE A CD1 1 
ATOM   972  C CD2 . PHE A 1 125 ? -5.202  4.266   -6.403  1.00 16.57 ? 125 PHE A CD2 1 
ATOM   973  C CE1 . PHE A 1 125 ? -2.905  3.160   -5.289  1.00 20.15 ? 125 PHE A CE1 1 
ATOM   974  C CE2 . PHE A 1 125 ? -4.581  3.184   -7.024  1.00 21.54 ? 125 PHE A CE2 1 
ATOM   975  C CZ  . PHE A 1 125 ? -3.434  2.635   -6.461  1.00 20.51 ? 125 PHE A CZ  1 
ATOM   976  N N   . PRO A 1 126 ? -3.688  7.145   -7.169  1.00 31.65 ? 126 PRO A N   1 
ATOM   977  C CA  . PRO A 1 126 ? -3.750  7.559   -8.552  1.00 28.48 ? 126 PRO A CA  1 
ATOM   978  C C   . PRO A 1 126 ? -4.938  7.064   -9.342  1.00 28.02 ? 126 PRO A C   1 
ATOM   979  O O   . PRO A 1 126 ? -5.413  5.903   -9.230  1.00 16.95 ? 126 PRO A O   1 
ATOM   980  C CB  . PRO A 1 126 ? -2.474  7.121   -9.252  1.00 23.84 ? 126 PRO A CB  1 
ATOM   981  C CG  . PRO A 1 126 ? -1.647  6.370   -8.217  1.00 18.03 ? 126 PRO A CG  1 
ATOM   982  C CD  . PRO A 1 126 ? -2.386  6.483   -6.876  1.00 22.36 ? 126 PRO A CD  1 
ATOM   983  N N   . ASP A 1 127 ? -5.402  8.009   -10.180 1.00 27.51 ? 127 ASP A N   1 
ATOM   984  C CA  . ASP A 1 127 ? -6.515  7.730   -11.033 1.00 35.25 ? 127 ASP A CA  1 
ATOM   985  C C   . ASP A 1 127 ? -6.069  6.663   -12.024 1.00 36.97 ? 127 ASP A C   1 
ATOM   986  O O   . ASP A 1 127 ? -5.335  6.933   -12.973 1.00 40.60 ? 127 ASP A O   1 
ATOM   987  C CB  . ASP A 1 127 ? -7.059  8.996   -11.767 1.00 44.37 ? 127 ASP A CB  1 
ATOM   988  C CG  . ASP A 1 127 ? -8.513  8.893   -12.223 1.00 52.12 ? 127 ASP A CG  1 
ATOM   989  O OD1 . ASP A 1 127 ? -9.233  7.945   -11.943 1.00 65.25 ? 127 ASP A OD1 1 
ATOM   990  O OD2 . ASP A 1 127 ? -8.932  9.893   -12.969 1.00 47.74 ? 127 ASP A OD2 1 
ATOM   991  N N   . TYR A 1 128 ? -6.492  5.435   -11.798 1.00 27.57 ? 128 TYR A N   1 
ATOM   992  C CA  . TYR A 1 128 ? -6.084  4.437   -12.739 1.00 29.04 ? 128 TYR A CA  1 
ATOM   993  C C   . TYR A 1 128 ? -7.301  4.044   -13.541 1.00 38.82 ? 128 TYR A C   1 
ATOM   994  O O   . TYR A 1 128 ? -8.443  4.025   -13.033 1.00 46.89 ? 128 TYR A O   1 
ATOM   995  C CB  . TYR A 1 128 ? -5.523  3.182   -12.091 1.00 23.07 ? 128 TYR A CB  1 
ATOM   996  C CG  . TYR A 1 128 ? -6.650  2.532   -11.367 1.00 12.87 ? 128 TYR A CG  1 
ATOM   997  C CD1 . TYR A 1 128 ? -7.012  2.984   -10.105 1.00 7.83  ? 128 TYR A CD1 1 
ATOM   998  C CD2 . TYR A 1 128 ? -7.396  1.490   -11.919 1.00 13.61 ? 128 TYR A CD2 1 
ATOM   999  C CE1 . TYR A 1 128 ? -8.044  2.386   -9.387  1.00 10.92 ? 128 TYR A CE1 1 
ATOM   1000 C CE2 . TYR A 1 128 ? -8.443  0.887   -11.217 1.00 20.21 ? 128 TYR A CE2 1 
ATOM   1001 C CZ  . TYR A 1 128 ? -8.782  1.348   -9.948  1.00 20.72 ? 128 TYR A CZ  1 
ATOM   1002 O OH  . TYR A 1 128 ? -9.858  0.803   -9.235  1.00 23.21 ? 128 TYR A OH  1 
ATOM   1003 N N   . GLU A 1 129 ? -7.004  3.720   -14.792 1.00 33.33 ? 129 GLU A N   1 
ATOM   1004 C CA  . GLU A 1 129 ? -7.952  3.320   -15.795 1.00 24.03 ? 129 GLU A CA  1 
ATOM   1005 C C   . GLU A 1 129 ? -8.449  1.877   -15.787 1.00 24.07 ? 129 GLU A C   1 
ATOM   1006 O O   . GLU A 1 129 ? -7.823  0.914   -16.258 1.00 33.11 ? 129 GLU A O   1 
ATOM   1007 C CB  . GLU A 1 129 ? -7.568  3.832   -17.205 1.00 28.20 ? 129 GLU A CB  1 
ATOM   1008 C CG  . GLU A 1 129 ? -8.761  4.002   -18.135 1.00 35.30 ? 129 GLU A CG  1 
ATOM   1009 C CD  . GLU A 1 129 ? -8.371  4.503   -19.511 0.00 20.00 ? 129 GLU A CD  1 
ATOM   1010 O OE1 . GLU A 1 129 ? -7.164  4.721   -19.742 0.00 20.00 ? 129 GLU A OE1 1 
ATOM   1011 O OE2 . GLU A 1 129 ? -9.273  4.679   -20.357 0.00 20.00 ? 129 GLU A OE2 1 
ATOM   1012 N N   . PRO A 1 130 ? -9.648  1.746   -15.272 1.00 23.76 ? 130 PRO A N   1 
ATOM   1013 C CA  . PRO A 1 130 ? -10.363 0.508   -15.145 1.00 25.30 ? 130 PRO A CA  1 
ATOM   1014 C C   . PRO A 1 130 ? -10.514 -0.332  -16.408 1.00 33.04 ? 130 PRO A C   1 
ATOM   1015 O O   . PRO A 1 130 ? -10.873 -1.515  -16.297 1.00 45.76 ? 130 PRO A O   1 
ATOM   1016 C CB  . PRO A 1 130 ? -11.757 0.932   -14.767 1.00 23.26 ? 130 PRO A CB  1 
ATOM   1017 C CG  . PRO A 1 130 ? -11.916 2.323   -15.309 1.00 25.09 ? 130 PRO A CG  1 
ATOM   1018 C CD  . PRO A 1 130 ? -10.538 2.885   -15.518 1.00 25.06 ? 130 PRO A CD  1 
ATOM   1019 N N   . ASP A 1 131 ? -10.299 0.198   -17.617 1.00 23.85 ? 131 ASP A N   1 
ATOM   1020 C CA  . ASP A 1 131 ? -10.486 -0.704  -18.763 1.00 15.65 ? 131 ASP A CA  1 
ATOM   1021 C C   . ASP A 1 131 ? -9.280  -1.544  -18.947 1.00 18.26 ? 131 ASP A C   1 
ATOM   1022 O O   . ASP A 1 131 ? -9.325  -2.563  -19.614 1.00 26.48 ? 131 ASP A O   1 
ATOM   1023 C CB  . ASP A 1 131 ? -10.691 -0.006  -20.110 1.00 22.47 ? 131 ASP A CB  1 
ATOM   1024 C CG  . ASP A 1 131 ? -11.842 0.954   -20.191 1.00 32.06 ? 131 ASP A CG  1 
ATOM   1025 O OD1 . ASP A 1 131 ? -12.867 0.638   -19.434 1.00 36.45 ? 131 ASP A OD1 1 
ATOM   1026 O OD2 . ASP A 1 131 ? -11.852 1.861   -20.981 1.00 38.13 ? 131 ASP A OD2 1 
ATOM   1027 N N   . ASP A 1 132 ? -8.225  -1.042  -18.335 1.00 16.93 ? 132 ASP A N   1 
ATOM   1028 C CA  . ASP A 1 132 ? -6.899  -1.601  -18.320 1.00 25.23 ? 132 ASP A CA  1 
ATOM   1029 C C   . ASP A 1 132 ? -6.649  -2.665  -17.253 1.00 24.66 ? 132 ASP A C   1 
ATOM   1030 O O   . ASP A 1 132 ? -5.729  -3.490  -17.333 1.00 24.50 ? 132 ASP A O   1 
ATOM   1031 C CB  . ASP A 1 132 ? -5.929  -0.422  -18.140 1.00 22.57 ? 132 ASP A CB  1 
ATOM   1032 C CG  . ASP A 1 132 ? -5.761  0.318   -19.431 1.00 29.30 ? 132 ASP A CG  1 
ATOM   1033 O OD1 . ASP A 1 132 ? -6.574  0.290   -20.334 1.00 37.13 ? 132 ASP A OD1 1 
ATOM   1034 O OD2 . ASP A 1 132 ? -4.562  0.782   -19.566 1.00 36.69 ? 132 ASP A OD2 1 
ATOM   1035 N N   . TRP A 1 133 ? -7.480  -2.642  -16.258 1.00 22.15 ? 133 TRP A N   1 
ATOM   1036 C CA  . TRP A 1 133 ? -7.351  -3.559  -15.170 1.00 23.34 ? 133 TRP A CA  1 
ATOM   1037 C C   . TRP A 1 133 ? -8.564  -4.378  -15.014 1.00 21.40 ? 133 TRP A C   1 
ATOM   1038 O O   . TRP A 1 133 ? -9.670  -3.845  -15.109 1.00 18.27 ? 133 TRP A O   1 
ATOM   1039 C CB  . TRP A 1 133 ? -7.187  -2.774  -13.876 1.00 17.72 ? 133 TRP A CB  1 
ATOM   1040 C CG  . TRP A 1 133 ? -5.945  -1.951  -13.893 1.00 16.22 ? 133 TRP A CG  1 
ATOM   1041 C CD1 . TRP A 1 133 ? -5.816  -0.745  -14.468 1.00 12.78 ? 133 TRP A CD1 1 
ATOM   1042 C CD2 . TRP A 1 133 ? -4.650  -2.269  -13.313 1.00 22.75 ? 133 TRP A CD2 1 
ATOM   1043 N NE1 . TRP A 1 133 ? -4.528  -0.259  -14.274 1.00 18.24 ? 133 TRP A NE1 1 
ATOM   1044 C CE2 . TRP A 1 133 ? -3.790  -1.185  -13.585 1.00 23.87 ? 133 TRP A CE2 1 
ATOM   1045 C CE3 . TRP A 1 133 ? -4.134  -3.343  -12.597 1.00 15.95 ? 133 TRP A CE3 1 
ATOM   1046 C CZ2 . TRP A 1 133 ? -2.471  -1.162  -13.166 1.00 26.48 ? 133 TRP A CZ2 1 
ATOM   1047 C CZ3 . TRP A 1 133 ? -2.819  -3.312  -12.181 1.00 19.53 ? 133 TRP A CZ3 1 
ATOM   1048 C CH2 . TRP A 1 133 ? -1.992  -2.245  -12.460 1.00 21.75 ? 133 TRP A CH2 1 
ATOM   1049 N N   . GLU A 1 134 ? -8.276  -5.679  -14.772 1.00 10.90 ? 134 GLU A N   1 
ATOM   1050 C CA  . GLU A 1 134 ? -9.239  -6.720  -14.570 1.00 5.85  ? 134 GLU A CA  1 
ATOM   1051 C C   . GLU A 1 134 ? -9.428  -7.100  -13.106 1.00 18.93 ? 134 GLU A C   1 
ATOM   1052 O O   . GLU A 1 134 ? -8.464  -7.424  -12.407 1.00 28.31 ? 134 GLU A O   1 
ATOM   1053 C CB  . GLU A 1 134 ? -8.759  -7.900  -15.354 1.00 11.14 ? 134 GLU A CB  1 
ATOM   1054 C CG  . GLU A 1 134 ? -9.828  -8.999  -15.382 1.00 16.65 ? 134 GLU A CG  1 
ATOM   1055 C CD  . GLU A 1 134 ? -9.328  -10.178 -16.143 1.00 38.39 ? 134 GLU A CD  1 
ATOM   1056 O OE1 . GLU A 1 134 ? -8.284  -10.175 -16.794 1.00 48.43 ? 134 GLU A OE1 1 
ATOM   1057 O OE2 . GLU A 1 134 ? -10.109 -11.213 -15.979 1.00 45.57 ? 134 GLU A OE2 1 
ATOM   1058 N N   . SER A 1 135 ? -10.657 -7.067  -12.643 1.00 15.99 ? 135 SER A N   1 
ATOM   1059 C CA  . SER A 1 135 ? -10.934 -7.404  -11.297 1.00 16.91 ? 135 SER A CA  1 
ATOM   1060 C C   . SER A 1 135 ? -10.960 -8.898  -11.103 1.00 26.17 ? 135 SER A C   1 
ATOM   1061 O O   . SER A 1 135 ? -11.919 -9.519  -11.546 1.00 29.29 ? 135 SER A O   1 
ATOM   1062 C CB  . SER A 1 135 ? -12.214 -6.796  -10.764 1.00 16.11 ? 135 SER A CB  1 
ATOM   1063 O OG  . SER A 1 135 ? -12.555 -7.421  -9.504  1.00 21.98 ? 135 SER A OG  1 
ATOM   1064 N N   . VAL A 1 136 ? -9.934  -9.479  -10.425 1.00 22.55 ? 136 VAL A N   1 
ATOM   1065 C CA  . VAL A 1 136 ? -9.926  -10.915 -10.225 1.00 25.06 ? 136 VAL A CA  1 
ATOM   1066 C C   . VAL A 1 136 ? -10.412 -11.440 -8.910  1.00 25.29 ? 136 VAL A C   1 
ATOM   1067 O O   . VAL A 1 136 ? -10.710 -12.613 -8.774  1.00 37.54 ? 136 VAL A O   1 
ATOM   1068 C CB  . VAL A 1 136 ? -8.604  -11.513 -10.577 1.00 30.41 ? 136 VAL A CB  1 
ATOM   1069 C CG1 . VAL A 1 136 ? -8.333  -11.122 -12.034 1.00 20.06 ? 136 VAL A CG1 1 
ATOM   1070 C CG2 . VAL A 1 136 ? -7.550  -11.019 -9.563  1.00 16.42 ? 136 VAL A CG2 1 
ATOM   1071 N N   . PHE A 1 137 ? -10.477 -10.583 -7.932  1.00 28.17 ? 137 PHE A N   1 
ATOM   1072 C CA  . PHE A 1 137 ? -10.965 -10.951 -6.614  1.00 24.55 ? 137 PHE A CA  1 
ATOM   1073 C C   . PHE A 1 137 ? -11.741 -9.732  -6.101  1.00 22.13 ? 137 PHE A C   1 
ATOM   1074 O O   . PHE A 1 137 ? -11.412 -8.617  -6.465  1.00 27.10 ? 137 PHE A O   1 
ATOM   1075 C CB  . PHE A 1 137 ? -9.867  -11.383 -5.603  1.00 22.26 ? 137 PHE A CB  1 
ATOM   1076 C CG  . PHE A 1 137 ? -10.383 -11.537 -4.184  1.00 25.41 ? 137 PHE A CG  1 
ATOM   1077 C CD1 . PHE A 1 137 ? -10.906 -12.753 -3.727  1.00 27.85 ? 137 PHE A CD1 1 
ATOM   1078 C CD2 . PHE A 1 137 ? -10.366 -10.468 -3.291  1.00 21.63 ? 137 PHE A CD2 1 
ATOM   1079 C CE1 . PHE A 1 137 ? -11.392 -12.922 -2.429  1.00 18.90 ? 137 PHE A CE1 1 
ATOM   1080 C CE2 . PHE A 1 137 ? -10.851 -10.603 -1.994  1.00 22.78 ? 137 PHE A CE2 1 
ATOM   1081 C CZ  . PHE A 1 137 ? -11.351 -11.832 -1.562  1.00 20.40 ? 137 PHE A CZ  1 
ATOM   1082 N N   . SER A 1 138 ? -12.750 -10.002 -5.280  1.00 22.83 ? 138 SER A N   1 
ATOM   1083 C CA  . SER A 1 138 ? -13.630 -9.047  -4.632  1.00 24.76 ? 138 SER A CA  1 
ATOM   1084 C C   . SER A 1 138 ? -14.382 -9.691  -3.467  1.00 28.30 ? 138 SER A C   1 
ATOM   1085 O O   . SER A 1 138 ? -14.885 -10.788 -3.562  1.00 32.09 ? 138 SER A O   1 
ATOM   1086 C CB  . SER A 1 138 ? -14.563 -8.281  -5.575  1.00 22.17 ? 138 SER A CB  1 
ATOM   1087 O OG  . SER A 1 138 ? -15.824 -8.219  -4.967  1.00 28.80 ? 138 SER A OG  1 
ATOM   1088 N N   . GLU A 1 139 ? -14.474 -9.001  -2.354  1.00 29.70 ? 139 GLU A N   1 
ATOM   1089 C CA  . GLU A 1 139 ? -15.186 -9.521  -1.193  1.00 27.11 ? 139 GLU A CA  1 
ATOM   1090 C C   . GLU A 1 139 ? -15.573 -8.350  -0.293  1.00 23.21 ? 139 GLU A C   1 
ATOM   1091 O O   . GLU A 1 139 ? -14.698 -7.652  0.249   1.00 31.43 ? 139 GLU A O   1 
ATOM   1092 C CB  . GLU A 1 139 ? -14.362 -10.592 -0.481  1.00 32.41 ? 139 GLU A CB  1 
ATOM   1093 C CG  . GLU A 1 139 ? -14.818 -10.905 0.973   1.00 34.47 ? 139 GLU A CG  1 
ATOM   1094 C CD  . GLU A 1 139 ? -13.753 -11.683 1.677   1.00 29.57 ? 139 GLU A CD  1 
ATOM   1095 O OE1 . GLU A 1 139 ? -13.743 -12.933 1.300   1.00 33.69 ? 139 GLU A OE1 1 
ATOM   1096 O OE2 . GLU A 1 139 ? -12.884 -11.172 2.361   1.00 32.68 ? 139 GLU A OE2 1 
ATOM   1097 N N   . PHE A 1 140 ? -16.872 -8.141  -0.170  1.00 20.10 ? 140 PHE A N   1 
ATOM   1098 C CA  . PHE A 1 140 ? -17.471 -7.066  0.600   1.00 16.47 ? 140 PHE A CA  1 
ATOM   1099 C C   . PHE A 1 140 ? -17.818 -7.495  1.990   1.00 26.59 ? 140 PHE A C   1 
ATOM   1100 O O   . PHE A 1 140 ? -18.272 -8.612  2.183   1.00 30.25 ? 140 PHE A O   1 
ATOM   1101 C CB  . PHE A 1 140 ? -18.770 -6.640  -0.129  1.00 19.63 ? 140 PHE A CB  1 
ATOM   1102 C CG  . PHE A 1 140 ? -19.585 -5.622  0.622   1.00 19.12 ? 140 PHE A CG  1 
ATOM   1103 C CD1 . PHE A 1 140 ? -19.235 -4.281  0.561   1.00 17.23 ? 140 PHE A CD1 1 
ATOM   1104 C CD2 . PHE A 1 140 ? -20.679 -5.998  1.405   1.00 25.83 ? 140 PHE A CD2 1 
ATOM   1105 C CE1 . PHE A 1 140 ? -19.968 -3.321  1.263   1.00 23.86 ? 140 PHE A CE1 1 
ATOM   1106 C CE2 . PHE A 1 140 ? -21.442 -5.057  2.097   1.00 19.59 ? 140 PHE A CE2 1 
ATOM   1107 C CZ  . PHE A 1 140 ? -21.074 -3.718  2.026   1.00 25.26 ? 140 PHE A CZ  1 
ATOM   1108 N N   . HIS A 1 141 ? -17.618 -6.610  2.953   1.00 32.18 ? 141 HIS A N   1 
ATOM   1109 C CA  . HIS A 1 141 ? -17.919 -6.962  4.317   1.00 32.01 ? 141 HIS A CA  1 
ATOM   1110 C C   . HIS A 1 141 ? -18.607 -5.859  4.996   1.00 29.05 ? 141 HIS A C   1 
ATOM   1111 O O   . HIS A 1 141 ? -18.202 -4.718  4.846   1.00 32.57 ? 141 HIS A O   1 
ATOM   1112 C CB  . HIS A 1 141 ? -16.634 -7.212  5.095   1.00 37.00 ? 141 HIS A CB  1 
ATOM   1113 C CG  . HIS A 1 141 ? -15.869 -8.323  4.489   1.00 34.52 ? 141 HIS A CG  1 
ATOM   1114 N ND1 . HIS A 1 141 ? -16.255 -9.635  4.672   1.00 26.16 ? 141 HIS A ND1 1 
ATOM   1115 C CD2 . HIS A 1 141 ? -14.765 -8.292  3.699   1.00 34.77 ? 141 HIS A CD2 1 
ATOM   1116 C CE1 . HIS A 1 141 ? -15.389 -10.381 4.010   1.00 28.38 ? 141 HIS A CE1 1 
ATOM   1117 N NE2 . HIS A 1 141 ? -14.480 -9.603  3.418   1.00 34.55 ? 141 HIS A NE2 1 
ATOM   1118 N N   . ASP A 1 142 ? -19.638 -6.226  5.732   1.00 28.21 ? 142 ASP A N   1 
ATOM   1119 C CA  . ASP A 1 142 ? -20.411 -5.244  6.466   1.00 27.72 ? 142 ASP A CA  1 
ATOM   1120 C C   . ASP A 1 142 ? -19.574 -4.805  7.632   1.00 25.00 ? 142 ASP A C   1 
ATOM   1121 O O   . ASP A 1 142 ? -18.616 -5.470  7.989   1.00 23.25 ? 142 ASP A O   1 
ATOM   1122 C CB  . ASP A 1 142 ? -21.776 -5.786  6.945   1.00 32.47 ? 142 ASP A CB  1 
ATOM   1123 C CG  . ASP A 1 142 ? -22.877 -5.669  5.928   1.00 39.72 ? 142 ASP A CG  1 
ATOM   1124 O OD1 . ASP A 1 142 ? -23.061 -4.670  5.244   1.00 37.13 ? 142 ASP A OD1 1 
ATOM   1125 O OD2 . ASP A 1 142 ? -23.595 -6.760  5.835   1.00 41.67 ? 142 ASP A OD2 1 
ATOM   1126 N N   . ALA A 1 143 ? -19.920 -3.692  8.231   1.00 26.61 ? 143 ALA A N   1 
ATOM   1127 C CA  . ALA A 1 143 ? -19.152 -3.237  9.369   1.00 27.67 ? 143 ALA A CA  1 
ATOM   1128 C C   . ALA A 1 143 ? -19.469 -4.128  10.551  1.00 33.26 ? 143 ALA A C   1 
ATOM   1129 O O   . ALA A 1 143 ? -20.534 -4.727  10.577  1.00 34.72 ? 143 ALA A O   1 
ATOM   1130 C CB  . ALA A 1 143 ? -19.630 -1.860  9.757   1.00 34.42 ? 143 ALA A CB  1 
ATOM   1131 N N   . ASP A 1 144 ? -18.595 -4.225  11.550  1.00 34.16 ? 144 ASP A N   1 
ATOM   1132 C CA  . ASP A 1 144 ? -18.975 -5.084  12.666  1.00 31.66 ? 144 ASP A CA  1 
ATOM   1133 C C   . ASP A 1 144 ? -18.488 -4.560  13.986  1.00 28.09 ? 144 ASP A C   1 
ATOM   1134 O O   . ASP A 1 144 ? -18.055 -3.433  14.088  1.00 34.54 ? 144 ASP A O   1 
ATOM   1135 C CB  . ASP A 1 144 ? -18.674 -6.590  12.521  1.00 31.92 ? 144 ASP A CB  1 
ATOM   1136 C CG  . ASP A 1 144 ? -17.211 -6.869  12.356  1.00 32.55 ? 144 ASP A CG  1 
ATOM   1137 O OD1 . ASP A 1 144 ? -16.328 -6.129  12.764  1.00 32.49 ? 144 ASP A OD1 1 
ATOM   1138 O OD2 . ASP A 1 144 ? -16.997 -7.916  11.613  1.00 35.46 ? 144 ASP A OD2 1 
ATOM   1139 N N   . ALA A 1 145 ? -18.557 -5.410  14.982  1.00 30.57 ? 145 ALA A N   1 
ATOM   1140 C CA  . ALA A 1 145 ? -18.124 -5.075  16.329  1.00 34.46 ? 145 ALA A CA  1 
ATOM   1141 C C   . ALA A 1 145 ? -16.659 -4.786  16.337  1.00 36.88 ? 145 ALA A C   1 
ATOM   1142 O O   . ALA A 1 145 ? -16.096 -4.108  17.218  1.00 34.39 ? 145 ALA A O   1 
ATOM   1143 C CB  . ALA A 1 145 ? -18.302 -6.303  17.188  1.00 41.67 ? 145 ALA A CB  1 
ATOM   1144 N N   . GLN A 1 146 ? -16.050 -5.357  15.314  1.00 38.15 ? 146 GLN A N   1 
ATOM   1145 C CA  . GLN A 1 146 ? -14.644 -5.227  15.113  1.00 37.80 ? 146 GLN A CA  1 
ATOM   1146 C C   . GLN A 1 146 ? -14.389 -4.092  14.173  1.00 36.94 ? 146 GLN A C   1 
ATOM   1147 O O   . GLN A 1 146 ? -13.626 -3.182  14.430  1.00 42.34 ? 146 GLN A O   1 
ATOM   1148 C CB  . GLN A 1 146 ? -14.155 -6.510  14.447  1.00 41.23 ? 146 GLN A CB  1 
ATOM   1149 C CG  . GLN A 1 146 ? -14.429 -7.779  15.263  1.00 47.59 ? 146 GLN A CG  1 
ATOM   1150 C CD  . GLN A 1 146 ? -13.292 -7.989  16.219  1.00 52.21 ? 146 GLN A CD  1 
ATOM   1151 O OE1 . GLN A 1 146 ? -13.309 -7.418  17.319  1.00 58.20 ? 146 GLN A OE1 1 
ATOM   1152 N NE2 . GLN A 1 146 ? -12.240 -8.671  15.740  1.00 47.76 ? 146 GLN A NE2 1 
ATOM   1153 N N   . ASN A 1 147 ? -15.056 -4.159  13.048  1.00 34.14 ? 147 ASN A N   1 
ATOM   1154 C CA  . ASN A 1 147 ? -14.884 -3.154  12.051  1.00 28.21 ? 147 ASN A CA  1 
ATOM   1155 C C   . ASN A 1 147 ? -15.949 -2.104  12.009  1.00 26.19 ? 147 ASN A C   1 
ATOM   1156 O O   . ASN A 1 147 ? -17.094 -2.457  11.769  1.00 25.09 ? 147 ASN A O   1 
ATOM   1157 C CB  . ASN A 1 147 ? -14.691 -3.929  10.761  1.00 24.01 ? 147 ASN A CB  1 
ATOM   1158 C CG  . ASN A 1 147 ? -13.650 -5.039  11.008  1.00 23.26 ? 147 ASN A CG  1 
ATOM   1159 O OD1 . ASN A 1 147 ? -12.444 -4.779  11.082  1.00 17.19 ? 147 ASN A OD1 1 
ATOM   1160 N ND2 . ASN A 1 147 ? -14.113 -6.277  11.170  1.00 22.85 ? 147 ASN A ND2 1 
ATOM   1161 N N   . SER A 1 148 ? -15.486 -0.836  12.258  1.00 26.54 ? 148 SER A N   1 
ATOM   1162 C CA  . SER A 1 148 ? -16.207 0.453   12.306  1.00 21.59 ? 148 SER A CA  1 
ATOM   1163 C C   . SER A 1 148 ? -17.022 0.699   11.064  1.00 29.90 ? 148 SER A C   1 
ATOM   1164 O O   . SER A 1 148 ? -18.211 1.037   11.127  1.00 37.90 ? 148 SER A O   1 
ATOM   1165 C CB  . SER A 1 148 ? -15.275 1.648   12.563  1.00 21.87 ? 148 SER A CB  1 
ATOM   1166 O OG  . SER A 1 148 ? -14.087 1.575   11.787  1.00 22.86 ? 148 SER A OG  1 
ATOM   1167 N N   . HIS A 1 149 ? -16.352 0.513   9.934   1.00 31.86 ? 149 HIS A N   1 
ATOM   1168 C CA  . HIS A 1 149 ? -16.904 0.671   8.593   1.00 32.00 ? 149 HIS A CA  1 
ATOM   1169 C C   . HIS A 1 149 ? -16.971 -0.655  7.819   1.00 34.60 ? 149 HIS A C   1 
ATOM   1170 O O   . HIS A 1 149 ? -16.411 -1.660  8.294   1.00 31.48 ? 149 HIS A O   1 
ATOM   1171 C CB  . HIS A 1 149 ? -16.055 1.678   7.799   1.00 26.48 ? 149 HIS A CB  1 
ATOM   1172 C CG  . HIS A 1 149 ? -16.053 3.045   8.407   1.00 28.61 ? 149 HIS A CG  1 
ATOM   1173 N ND1 . HIS A 1 149 ? -15.428 3.307   9.616   1.00 36.55 ? 149 HIS A ND1 1 
ATOM   1174 C CD2 . HIS A 1 149 ? -16.602 4.211   7.967   1.00 28.37 ? 149 HIS A CD2 1 
ATOM   1175 C CE1 . HIS A 1 149 ? -15.608 4.593   9.888   1.00 30.90 ? 149 HIS A CE1 1 
ATOM   1176 N NE2 . HIS A 1 149 ? -16.308 5.173   8.919   1.00 29.06 ? 149 HIS A NE2 1 
ATOM   1177 N N   . SER A 1 150 ? -17.674 -0.576  6.644   1.00 35.49 ? 150 SER A N   1 
ATOM   1178 C CA  . SER A 1 150 ? -17.951 -1.586  5.599   1.00 30.81 ? 150 SER A CA  1 
ATOM   1179 C C   . SER A 1 150 ? -16.750 -1.437  4.690   1.00 20.68 ? 150 SER A C   1 
ATOM   1180 O O   . SER A 1 150 ? -16.282 -0.307  4.542   1.00 15.00 ? 150 SER A O   1 
ATOM   1181 C CB  . SER A 1 150 ? -19.219 -1.320  4.788   1.00 39.21 ? 150 SER A CB  1 
ATOM   1182 O OG  . SER A 1 150 ? -18.965 -0.445  3.697   1.00 45.64 ? 150 SER A OG  1 
ATOM   1183 N N   . TYR A 1 151 ? -16.235 -2.512  4.099   1.00 17.17 ? 151 TYR A N   1 
ATOM   1184 C CA  . TYR A 1 151 ? -15.042 -2.352  3.283   1.00 20.94 ? 151 TYR A CA  1 
ATOM   1185 C C   . TYR A 1 151 ? -15.017 -3.448  2.269   1.00 19.33 ? 151 TYR A C   1 
ATOM   1186 O O   . TYR A 1 151 ? -15.757 -4.434  2.372   1.00 14.63 ? 151 TYR A O   1 
ATOM   1187 C CB  . TYR A 1 151 ? -13.784 -2.398  4.215   1.00 19.64 ? 151 TYR A CB  1 
ATOM   1188 C CG  . TYR A 1 151 ? -13.871 -3.628  5.115   1.00 23.60 ? 151 TYR A CG  1 
ATOM   1189 C CD1 . TYR A 1 151 ? -14.567 -3.604  6.322   1.00 21.64 ? 151 TYR A CD1 1 
ATOM   1190 C CD2 . TYR A 1 151 ? -13.262 -4.823  4.737   1.00 25.89 ? 151 TYR A CD2 1 
ATOM   1191 C CE1 . TYR A 1 151 ? -14.652 -4.740  7.129   1.00 19.51 ? 151 TYR A CE1 1 
ATOM   1192 C CE2 . TYR A 1 151 ? -13.331 -5.971  5.528   1.00 24.82 ? 151 TYR A CE2 1 
ATOM   1193 C CZ  . TYR A 1 151 ? -14.038 -5.927  6.730   1.00 25.14 ? 151 TYR A CZ  1 
ATOM   1194 O OH  . TYR A 1 151 ? -14.107 -7.035  7.517   1.00 39.86 ? 151 TYR A OH  1 
ATOM   1195 N N   . CYS A 1 152 ? -14.179 -3.272  1.264   1.00 22.81 ? 152 CYS A N   1 
ATOM   1196 C CA  . CYS A 1 152 ? -14.162 -4.275  0.251   1.00 16.95 ? 152 CYS A CA  1 
ATOM   1197 C C   . CYS A 1 152 ? -12.818 -4.553  -0.308  1.00 11.31 ? 152 CYS A C   1 
ATOM   1198 O O   . CYS A 1 152 ? -12.004 -3.690  -0.675  1.00 12.58 ? 152 CYS A O   1 
ATOM   1199 C CB  . CYS A 1 152 ? -15.184 -3.849  -0.805  1.00 18.26 ? 152 CYS A CB  1 
ATOM   1200 S SG  . CYS A 1 152 ? -15.432 -4.958  -2.217  1.00 34.04 ? 152 CYS A SG  1 
ATOM   1201 N N   . PHE A 1 153 ? -12.597 -5.836  -0.322  1.00 12.66 ? 153 PHE A N   1 
ATOM   1202 C CA  . PHE A 1 153 ? -11.353 -6.270  -0.831  1.00 16.24 ? 153 PHE A CA  1 
ATOM   1203 C C   . PHE A 1 153 ? -11.491 -6.534  -2.277  1.00 16.49 ? 153 PHE A C   1 
ATOM   1204 O O   . PHE A 1 153 ? -12.441 -7.175  -2.776  1.00 14.02 ? 153 PHE A O   1 
ATOM   1205 C CB  . PHE A 1 153 ? -10.922 -7.579  -0.198  1.00 16.72 ? 153 PHE A CB  1 
ATOM   1206 C CG  . PHE A 1 153 ? -10.651 -7.292  1.224   1.00 17.03 ? 153 PHE A CG  1 
ATOM   1207 C CD1 . PHE A 1 153 ? -9.856  -6.190  1.544   1.00 20.76 ? 153 PHE A CD1 1 
ATOM   1208 C CD2 . PHE A 1 153 ? -11.182 -8.099  2.230   1.00 12.00 ? 153 PHE A CD2 1 
ATOM   1209 C CE1 . PHE A 1 153 ? -9.583  -5.899  2.881   1.00 20.34 ? 153 PHE A CE1 1 
ATOM   1210 C CE2 . PHE A 1 153 ? -10.933 -7.793  3.567   1.00 18.06 ? 153 PHE A CE2 1 
ATOM   1211 C CZ  . PHE A 1 153 ? -10.131 -6.693  3.885   1.00 16.64 ? 153 PHE A CZ  1 
ATOM   1212 N N   . GLU A 1 154 ? -10.508 -6.045  -2.940  1.00 15.36 ? 154 GLU A N   1 
ATOM   1213 C CA  . GLU A 1 154 ? -10.488 -6.246  -4.335  1.00 15.88 ? 154 GLU A CA  1 
ATOM   1214 C C   . GLU A 1 154 ? -9.063  -6.331  -4.758  1.00 17.21 ? 154 GLU A C   1 
ATOM   1215 O O   . GLU A 1 154 ? -8.250  -5.586  -4.194  1.00 18.34 ? 154 GLU A O   1 
ATOM   1216 C CB  . GLU A 1 154 ? -11.063 -5.015  -5.032  1.00 23.76 ? 154 GLU A CB  1 
ATOM   1217 C CG  . GLU A 1 154 ? -11.004 -5.178  -6.559  1.00 21.71 ? 154 GLU A CG  1 
ATOM   1218 C CD  . GLU A 1 154 ? -11.934 -4.245  -7.260  1.00 24.83 ? 154 GLU A CD  1 
ATOM   1219 O OE1 . GLU A 1 154 ? -11.609 -2.980  -7.137  1.00 29.75 ? 154 GLU A OE1 1 
ATOM   1220 O OE2 . GLU A 1 154 ? -12.872 -4.644  -7.913  1.00 33.61 ? 154 GLU A OE2 1 
ATOM   1221 N N   . ILE A 1 155 ? -8.849  -7.215  -5.743  1.00 13.86 ? 155 ILE A N   1 
ATOM   1222 C CA  . ILE A 1 155 ? -7.572  -7.489  -6.408  1.00 17.97 ? 155 ILE A CA  1 
ATOM   1223 C C   . ILE A 1 155 ? -7.795  -7.466  -7.945  1.00 20.48 ? 155 ILE A C   1 
ATOM   1224 O O   . ILE A 1 155 ? -8.573  -8.237  -8.532  1.00 17.36 ? 155 ILE A O   1 
ATOM   1225 C CB  . ILE A 1 155 ? -6.921  -8.851  -6.105  1.00 22.23 ? 155 ILE A CB  1 
ATOM   1226 C CG1 . ILE A 1 155 ? -6.547  -9.003  -4.643  1.00 26.90 ? 155 ILE A CG1 1 
ATOM   1227 C CG2 . ILE A 1 155 ? -5.651  -9.038  -6.957  1.00 12.44 ? 155 ILE A CG2 1 
ATOM   1228 C CD1 . ILE A 1 155 ? -6.886  -10.402 -4.148  1.00 25.80 ? 155 ILE A CD1 1 
ATOM   1229 N N   . LEU A 1 156 ? -7.070  -6.572  -8.568  1.00 19.89 ? 156 LEU A N   1 
ATOM   1230 C CA  . LEU A 1 156 ? -7.080  -6.368  -9.993  1.00 14.63 ? 156 LEU A CA  1 
ATOM   1231 C C   . LEU A 1 156 ? -5.751  -6.733  -10.601 1.00 10.51 ? 156 LEU A C   1 
ATOM   1232 O O   . LEU A 1 156 ? -4.674  -6.577  -9.974  1.00 9.90  ? 156 LEU A O   1 
ATOM   1233 C CB  . LEU A 1 156 ? -7.204  -4.876  -10.240 1.00 7.94  ? 156 LEU A CB  1 
ATOM   1234 C CG  . LEU A 1 156 ? -8.356  -4.400  -9.439  1.00 11.92 ? 156 LEU A CG  1 
ATOM   1235 C CD1 . LEU A 1 156 ? -8.398  -2.903  -9.485  1.00 10.77 ? 156 LEU A CD1 1 
ATOM   1236 C CD2 . LEU A 1 156 ? -9.552  -5.029  -10.115 1.00 13.68 ? 156 LEU A CD2 1 
ATOM   1237 N N   . GLU A 1 157 ? -5.802  -7.165  -11.828 1.00 12.28 ? 157 GLU A N   1 
ATOM   1238 C CA  . GLU A 1 157 ? -4.573  -7.524  -12.524 1.00 18.93 ? 157 GLU A CA  1 
ATOM   1239 C C   . GLU A 1 157 ? -4.586  -6.789  -13.856 1.00 7.56  ? 157 GLU A C   1 
ATOM   1240 O O   . GLU A 1 157 ? -5.596  -6.699  -14.460 1.00 18.01 ? 157 GLU A O   1 
ATOM   1241 C CB  . GLU A 1 157 ? -4.444  -9.060  -12.788 1.00 24.38 ? 157 GLU A CB  1 
ATOM   1242 C CG  . GLU A 1 157 ? -4.062  -9.990  -11.596 1.00 30.94 ? 157 GLU A CG  1 
ATOM   1243 C CD  . GLU A 1 157 ? -4.404  -11.462 -11.796 1.00 42.64 ? 157 GLU A CD  1 
ATOM   1244 O OE1 . GLU A 1 157 ? -4.442  -12.012 -12.881 1.00 47.65 ? 157 GLU A OE1 1 
ATOM   1245 O OE2 . GLU A 1 157 ? -4.745  -12.093 -10.685 1.00 46.64 ? 157 GLU A OE2 1 
ATOM   1246 N N   . ARG A 1 158 ? -3.470  -6.254  -14.293 1.00 6.75  ? 158 ARG A N   1 
ATOM   1247 C CA  . ARG A 1 158 ? -3.337  -5.543  -15.541 1.00 10.44 ? 158 ARG A CA  1 
ATOM   1248 C C   . ARG A 1 158 ? -3.667  -6.448  -16.743 1.00 24.90 ? 158 ARG A C   1 
ATOM   1249 O O   . ARG A 1 158 ? -3.051  -7.492  -16.964 1.00 24.55 ? 158 ARG A O   1 
ATOM   1250 C CB  . ARG A 1 158 ? -1.940  -4.989  -15.657 1.00 9.86  ? 158 ARG A CB  1 
ATOM   1251 C CG  . ARG A 1 158 ? -1.923  -3.612  -16.223 1.00 13.78 ? 158 ARG A CG  1 
ATOM   1252 C CD  . ARG A 1 158 ? -0.518  -3.151  -16.545 1.00 20.73 ? 158 ARG A CD  1 
ATOM   1253 N NE  . ARG A 1 158 ? -0.022  -2.227  -15.520 1.00 23.00 ? 158 ARG A NE  1 
ATOM   1254 C CZ  . ARG A 1 158 ? -0.309  -0.953  -15.562 1.00 23.36 ? 158 ARG A CZ  1 
ATOM   1255 N NH1 . ARG A 1 158 ? -1.056  -0.462  -16.543 1.00 28.09 ? 158 ARG A NH1 1 
ATOM   1256 N NH2 . ARG A 1 158 ? 0.144   -0.144  -14.618 1.00 25.59 ? 158 ARG A NH2 1 
ATOM   1257 N N   . ARG A 1 159 ? -4.669  -6.065  -17.553 1.00 37.74 ? 159 ARG A N   1 
ATOM   1258 C CA  . ARG A 1 159 ? -4.982  -6.913  -18.685 1.00 41.40 ? 159 ARG A CA  1 
ATOM   1259 C C   . ARG A 1 159 ? -3.959  -6.585  -19.719 1.00 54.24 ? 159 ARG A C   1 
ATOM   1260 O O   . ARG A 1 159 ? -3.944  -5.366  -20.023 1.00 58.76 ? 159 ARG A O   1 
ATOM   1261 C CB  . ARG A 1 159 ? -6.322  -6.685  -19.337 1.00 37.41 ? 159 ARG A CB  1 
ATOM   1262 C CG  . ARG A 1 159 ? -7.577  -6.589  -18.490 1.00 32.10 ? 159 ARG A CG  1 
ATOM   1263 C CD  . ARG A 1 159 ? -8.546  -5.649  -19.252 1.00 33.36 ? 159 ARG A CD  1 
ATOM   1264 N NE  . ARG A 1 159 ? -9.817  -5.388  -18.589 1.00 24.63 ? 159 ARG A NE  1 
ATOM   1265 C CZ  . ARG A 1 159 ? -10.626 -6.392  -18.501 1.00 20.31 ? 159 ARG A CZ  1 
ATOM   1266 N NH1 . ARG A 1 159 ? -10.215 -7.546  -19.010 1.00 24.47 ? 159 ARG A NH1 1 
ATOM   1267 N NH2 . ARG A 1 159 ? -11.804 -6.289  -17.908 1.00 21.55 ? 159 ARG A NH2 1 
ATOM   1268 O OXT . ARG A 1 159 ? -3.240  -7.539  -20.112 1.00 64.07 ? 159 ARG A OXT 1 
HETATM 1269 N N1  . DDF B 2 .   ? -3.011  -1.082  2.403   1.00 3.80  ? 161 DDF A N1  1 
HETATM 1270 C C2  . DDF B 2 .   ? -4.146  -1.503  2.982   1.00 10.23 ? 161 DDF A C2  1 
HETATM 1271 N NA2 . DDF B 2 .   ? -4.854  -2.434  2.516   1.00 6.26  ? 161 DDF A NA2 1 
HETATM 1272 N N3  . DDF B 2 .   ? -4.624  -0.925  4.192   1.00 19.32 ? 161 DDF A N3  1 
HETATM 1273 C C4  . DDF B 2 .   ? -3.977  0.069   4.830   1.00 18.60 ? 161 DDF A C4  1 
HETATM 1274 O O4  . DDF B 2 .   ? -4.430  0.545   5.865   1.00 26.25 ? 161 DDF A O4  1 
HETATM 1275 C C4A . DDF B 2 .   ? -2.721  0.509   4.171   1.00 14.33 ? 161 DDF A C4A 1 
HETATM 1276 C C5  . DDF B 2 .   ? -1.902  1.475   4.865   1.00 11.05 ? 161 DDF A C5  1 
HETATM 1277 C C6  . DDF B 2 .   ? -0.641  1.640   4.182   1.00 17.07 ? 161 DDF A C6  1 
HETATM 1278 C C7  . DDF B 2 .   ? -0.525  1.306   2.781   1.00 17.34 ? 161 DDF A C7  1 
HETATM 1279 N N8  . DDF B 2 .   ? -1.189  0.218   2.345   1.00 15.79 ? 161 DDF A N8  1 
HETATM 1280 C C8A . DDF B 2 .   ? -2.311  -0.091  3.012   1.00 8.12  ? 161 DDF A C8A 1 
HETATM 1281 C C9  . DDF B 2 .   ? 0.584   1.655   5.064   1.00 25.82 ? 161 DDF A C9  1 
HETATM 1282 C C10 . DDF B 2 .   ? 0.224   1.930   6.571   1.00 31.42 ? 161 DDF A C10 1 
HETATM 1283 C C11 . DDF B 2 .   ? 0.821   -1.207  9.702   1.00 31.95 ? 161 DDF A C11 1 
HETATM 1284 C C12 . DDF B 2 .   ? 0.557   0.151   10.025  1.00 37.51 ? 161 DDF A C12 1 
HETATM 1285 C C13 . DDF B 2 .   ? 0.365   1.119   9.027   1.00 38.35 ? 161 DDF A C13 1 
HETATM 1286 C C14 . DDF B 2 .   ? 0.437   0.780   7.614   1.00 34.11 ? 161 DDF A C14 1 
HETATM 1287 C C15 . DDF B 2 .   ? 0.690   -0.501  7.292   1.00 30.20 ? 161 DDF A C15 1 
HETATM 1288 C C16 . DDF B 2 .   ? 0.871   -1.456  8.331   1.00 27.16 ? 161 DDF A C16 1 
HETATM 1289 C C   . DDF B 2 .   ? 1.029   -2.371  10.632  1.00 29.39 ? 161 DDF A C   1 
HETATM 1290 O O   . DDF B 2 .   ? 1.144   -2.355  11.857  1.00 35.05 ? 161 DDF A O   1 
HETATM 1291 N N   . DDF B 2 .   ? 0.986   -3.556  10.131  1.00 25.25 ? 161 DDF A N   1 
HETATM 1292 C CA  . DDF B 2 .   ? 1.099   -4.748  10.992  1.00 24.85 ? 161 DDF A CA  1 
HETATM 1293 C CB  . DDF B 2 .   ? -0.396  -4.949  11.388  1.00 26.72 ? 161 DDF A CB  1 
HETATM 1294 C CG  . DDF B 2 .   ? -0.697  -5.411  12.909  1.00 46.09 ? 161 DDF A CG  1 
HETATM 1295 C CD  . DDF B 2 .   ? -1.604  -6.660  12.793  1.00 69.09 ? 161 DDF A CD  1 
HETATM 1296 O OE1 . DDF B 2 .   ? -1.608  -7.077  11.592  1.00 81.90 ? 161 DDF A OE1 1 
HETATM 1297 O OE2 . DDF B 2 .   ? -2.237  -7.152  13.747  1.00 84.68 ? 161 DDF A OE2 1 
HETATM 1298 C CT  . DDF B 2 .   ? 1.748   -5.856  10.142  1.00 17.21 ? 161 DDF A CT  1 
HETATM 1299 O O1  . DDF B 2 .   ? 1.692   -5.812  8.899   1.00 28.68 ? 161 DDF A O1  1 
HETATM 1300 O O2  . DDF B 2 .   ? 2.509   -6.651  10.734  1.00 26.11 ? 161 DDF A O2  1 
HETATM 1301 O O   . HOH C 3 .   ? 5.232   8.456   1.893   1.00 1.00  ? 299 HOH A O   1 
HETATM 1302 O O   . HOH C 3 .   ? -5.744  -3.403  0.356   1.00 11.84 ? 300 HOH A O   1 
HETATM 1303 O O   . HOH C 3 .   ? -8.926  -9.770  7.196   1.00 19.82 ? 301 HOH A O   1 
HETATM 1304 O O   . HOH C 3 .   ? 4.545   8.810   -0.560  1.00 14.07 ? 302 HOH A O   1 
HETATM 1305 O O   . HOH C 3 .   ? -16.362 -6.132  8.933   1.00 26.77 ? 303 HOH A O   1 
HETATM 1306 O O   . HOH C 3 .   ? -17.177 -8.331  8.660   1.00 28.60 ? 304 HOH A O   1 
HETATM 1307 O O   . HOH C 3 .   ? 14.419  5.107   -11.156 1.00 29.52 ? 305 HOH A O   1 
HETATM 1308 O O   . HOH C 3 .   ? 1.224   4.759   2.368   1.00 29.82 ? 306 HOH A O   1 
HETATM 1309 O O   . HOH C 3 .   ? -13.881 10.217  0.926   1.00 52.77 ? 307 HOH A O   1 
HETATM 1310 O O   . HOH C 3 .   ? -11.752 -2.558  16.716  1.00 40.30 ? 308 HOH A O   1 
HETATM 1311 O O   . HOH C 3 .   ? 3.597   -13.827 -5.267  1.00 29.35 ? 309 HOH A O   1 
HETATM 1312 O O   . HOH C 3 .   ? 0.831   14.064  -9.008  1.00 46.66 ? 310 HOH A O   1 
HETATM 1313 O O   . HOH C 3 .   ? -10.884 7.767   -13.707 1.00 41.91 ? 311 HOH A O   1 
HETATM 1314 O O   . HOH C 3 .   ? 18.379  12.475  6.378   1.00 65.43 ? 313 HOH A O   1 
HETATM 1315 O O   . HOH C 3 .   ? 8.045   -12.123 -3.234  1.00 26.66 ? 314 HOH A O   1 
HETATM 1316 O O   . HOH C 3 .   ? -5.465  5.179   3.753   1.00 66.09 ? 315 HOH A O   1 
HETATM 1317 O O   . HOH C 3 .   ? 20.607  1.694   3.846   1.00 31.13 ? 316 HOH A O   1 
HETATM 1318 O O   . HOH C 3 .   ? 15.961  -3.801  5.143   1.00 22.53 ? 317 HOH A O   1 
HETATM 1319 O O   . HOH C 3 .   ? -25.118 -7.713  7.788   1.00 38.71 ? 318 HOH A O   1 
HETATM 1320 O O   . HOH C 3 .   ? -3.923  2.565   -15.234 1.00 25.45 ? 319 HOH A O   1 
HETATM 1321 O O   . HOH C 3 .   ? -5.234  11.246  -8.436  1.00 29.06 ? 320 HOH A O   1 
HETATM 1322 O O   . HOH C 3 .   ? -6.814  0.322   7.391   1.00 23.09 ? 321 HOH A O   1 
HETATM 1323 O O   . HOH C 3 .   ? 9.788   -9.358  -9.112  1.00 42.27 ? 322 HOH A O   1 
HETATM 1324 O O   . HOH C 3 .   ? 17.250  6.927   0.757   1.00 22.20 ? 323 HOH A O   1 
HETATM 1325 O O   . HOH C 3 .   ? 10.036  -4.786  13.682  1.00 29.85 ? 324 HOH A O   1 
HETATM 1326 O O   . HOH C 3 .   ? 11.902  -6.525  9.397   1.00 44.56 ? 325 HOH A O   1 
HETATM 1327 O O   . HOH C 3 .   ? 10.932  1.641   16.383  1.00 30.62 ? 326 HOH A O   1 
HETATM 1328 O O   . HOH C 3 .   ? -0.141  -6.627  -18.868 1.00 45.16 ? 327 HOH A O   1 
HETATM 1329 O O   . HOH C 3 .   ? -19.790 -8.426  7.846   1.00 38.94 ? 328 HOH A O   1 
HETATM 1330 O O   . HOH C 3 .   ? -17.197 -1.343  15.049  1.00 43.19 ? 329 HOH A O   1 
HETATM 1331 O O   . HOH C 3 .   ? -0.035  -13.345 -5.340  1.00 36.23 ? 330 HOH A O   1 
HETATM 1332 O O   . HOH C 3 .   ? 3.262   -6.669  13.283  1.00 42.13 ? 331 HOH A O   1 
HETATM 1333 O O   . HOH C 3 .   ? 19.761  5.961   -6.957  1.00 46.83 ? 332 HOH A O   1 
HETATM 1334 O O   . HOH C 3 .   ? 21.965  4.649   -2.963  1.00 46.32 ? 333 HOH A O   1 
HETATM 1335 O O   . HOH C 3 .   ? 4.863   -5.920  -12.393 1.00 25.51 ? 334 HOH A O   1 
HETATM 1336 O O   . HOH C 3 .   ? -0.556  2.639   -15.595 1.00 20.30 ? 335 HOH A O   1 
HETATM 1337 O O   . HOH C 3 .   ? -1.294  -12.351 -2.124  1.00 29.23 ? 336 HOH A O   1 
HETATM 1338 O O   . HOH C 3 .   ? -9.489  -11.963 2.602   1.00 49.28 ? 337 HOH A O   1 
HETATM 1339 O O   . HOH C 3 .   ? -19.263 1.107   14.084  1.00 60.84 ? 338 HOH A O   1 
HETATM 1340 O O   . HOH C 3 .   ? -5.156  3.030   5.874   1.00 44.22 ? 339 HOH A O   1 
HETATM 1341 O O   . HOH C 3 .   ? 10.049  -12.700 -1.187  1.00 28.55 ? 340 HOH A O   1 
HETATM 1342 O O   . HOH C 3 .   ? -15.023 3.422   -1.247  1.00 48.31 ? 341 HOH A O   1 
HETATM 1343 O O   . HOH C 3 .   ? -3.564  -8.437  -22.932 1.00 43.64 ? 342 HOH A O   1 
HETATM 1344 O O   . HOH C 3 .   ? 11.890  4.626   -13.541 1.00 58.77 ? 343 HOH A O   1 
HETATM 1345 O O   . HOH C 3 .   ? -11.490 -1.944  -13.338 1.00 25.91 ? 344 HOH A O   1 
HETATM 1346 O O   . HOH C 3 .   ? 15.096  -9.209  -1.525  1.00 41.73 ? 345 HOH A O   1 
HETATM 1347 O O   . HOH C 3 .   ? -7.262  -13.596 2.300   1.00 30.63 ? 346 HOH A O   1 
HETATM 1348 O O   . HOH C 3 .   ? -7.932  0.239   10.930  1.00 32.65 ? 347 HOH A O   1 
HETATM 1349 O O   . HOH C 3 .   ? -4.488  -12.769 -0.960  1.00 41.24 ? 348 HOH A O   1 
HETATM 1350 O O   . HOH C 3 .   ? -14.706 -9.684  -13.365 1.00 39.29 ? 349 HOH A O   1 
HETATM 1351 O O   . HOH C 3 .   ? 13.865  6.768   11.161  1.00 49.01 ? 350 HOH A O   1 
HETATM 1352 O O   . HOH C 3 .   ? 11.627  11.947  0.973   1.00 33.18 ? 351 HOH A O   1 
HETATM 1353 O O   . HOH C 3 .   ? -18.244 -7.378  -4.897  1.00 35.66 ? 353 HOH A O   1 
HETATM 1354 O O   . HOH C 3 .   ? -12.793 -6.829  -14.662 1.00 47.15 ? 354 HOH A O   1 
HETATM 1355 O O   . HOH C 3 .   ? -5.096  7.831   -15.819 1.00 51.35 ? 355 HOH A O   1 
HETATM 1356 O O   . HOH C 3 .   ? 13.852  -3.930  7.122   1.00 39.87 ? 356 HOH A O   1 
# 
